data_8AYL
#
_entry.id   8AYL
#
_cell.length_a   1.00
_cell.length_b   1.00
_cell.length_c   1.00
_cell.angle_alpha   90.00
_cell.angle_beta   90.00
_cell.angle_gamma   90.00
#
_symmetry.space_group_name_H-M   'P 1'
#
loop_
_entity.id
_entity.type
_entity.pdbx_description
1 polymer 'Isoform Flip of Glutamate receptor 2'
2 polymer 'Voltage-dependent calcium channel gamma-8 subunit'
3 polymer 'Isoform Flip of Glutamate receptor 1'
4 non-polymer '{[7-morpholin-4-yl-2,3-dioxo-6-(trifluoromethyl)-3,4-dihydroquinoxalin-1(2H)-yl]methyl}phosphonic acid'
5 non-polymer '(2R)-2,3-dihydroxypropyl (9Z)-octadec-9-enoate'
6 non-polymer 'PALMITIC ACID'
7 non-polymer '(2S)-3-(hexadecanoyloxy)-2-[(9Z)-octadec-9-enoyloxy]propyl 2-(trimethylammonio)ethyl phosphate'
8 non-polymer 5-[2-(4-fluorophenyl)-7-(4-oxidanylpiperidin-1-yl)pyrazolo[1,5-c]pyrimidin-3-yl]-1,3-dihydroindol-2-one
#
loop_
_entity_poly.entity_id
_entity_poly.type
_entity_poly.pdbx_seq_one_letter_code
_entity_poly.pdbx_strand_id
1 'polypeptide(L)'
;MQKIMHISVLLSPVLWGLIFGVSSNSIQIGGLFPRGADQEYSAFRVGMVQFSTSEFRLTPHIDNLEVANSFAVTNAFCSQ
FSRGVYAIFGFYDKKSVNTITSFCGTLHVSFITPSFPTDGTHPFVIQMRPDLKGALLSLIEYYQWDKFAYLYDSDRGLST
LQAVLDSAAEKKWQVTAINVGNINNDKKDETYRSLFQDLELKKERRVILDCERDKVNDIVDQVITIGKHVKGYHYIIANL
GFTDGDLLKIQFGGANVSGFQIVDYDDSLVSKFIERWSTLEEKEYPGAHTATIKYTSALTYDAVQVMTEAFRNLRKQRIE
ISRRGNAGDCLANPAVPWGQGVEIERALKQVQVEGLSGNIKFDQNGKRINYTINIMELKTNGPRKIGYWSEVDKMVVTLT
ELPSGNDTSGLENKTVVVTTILESPYVMMKKNHEMLEGNERYEGYCVDLAAEIAKHCGFKYKLTIVGDGKYGARDADTKI
WNGMVGELVYGKADIAIAPLTITLVREEVIDFSKPFMSLGISIMIKKPQKSKPGVFSFLDPLAYEIWMCIVFAYIGVSVV
LFLVSRFSPYEWHTEEFEDGRETQSSESTNEFGIFNSLWFSLGAFMRQGCDISPRSLSGRIVGGVWWFFTLIIISSYTAN
LAAFLTVERMVSPIESAEDLSKQTEIAYGTLDSGSTKEFFRRSKIAVFDKMWTYMRSAEPSVFVRTTAEGVARVRKSKGK
YAYLLESTMNEYIEQRKPCDTMKVGGNLDSKGYGIATPKGSSLGTPVNLAVLKLSEQGVLDKLKNKWWYDKGECGAKDSG
SKEKTSALSLSNVAGVFYILVGGLGLAMLVALIEFCYKSRAEAKRMKVAKNPQNINPSSS
;
B,D
2 'polypeptide(L)'
;GESLKRWNEERGLWCEKGVQVLLTTIGAFAAFGLMTIAISTDYWLYTRALICNTTNLTAGDDGPPHRGGSGSSEKKDPGG
LTHSGLWRICCLEGLKRGVCVKINHFPEDTDYDHDSAEYLLRVVRASSIFPILSAILLLLGGVCVAASRVYKSKRNIILG
AGILFVAAGLSNIIGVIVYISANAGEPGPKRDEEKKNHYSYGWSFYFGGLSFILAEVIGVLAVNIYIERSREAHCQSRSD
LLKAGGGAGGSGGSGPSAILRLPSYRFRYRRRSRSSSRGSSEASPSRDASPGGPGGPGFASTDISMYTLSRDPSKGSVAA
GLASAGGGGGGAGVGAYGGAAGAAGGGGTGSERDRGSSAGFLTLHNAFPKEAASGVTVTVTGPPAAPAPAPPAPAAPAPG
TLSKEAAASNTNTLNRKLEVLFQ
;
J,I
3 'polypeptide(L)'
;MPYIFAFFCTGFLGAVVGADYKDDDDKNFPNNIQIGGLFPNQQSQEHAAFRFALSQLTEPPKLLPQIDIVNISDSFEMTY
RFCSQFSKGVYAIFGFYERRTVNMLTSFCGALHVCFITPSFPVDTSNQFVLQLRPELQEALISIIDHYKWQTFVYIYDAD
RGLSVLQRVLDTAAEKNWQVTAVNILTTTEEGYRMLFQDLEKKKERLVVVDCESERLNAILGQIVKLEKNGIGYHYILAN
LGFMDIDLNKFKESGANVTGFQLVNYTDTIPARIMQQWRTSDSRDHTRVDWKRPKYTSALTYDGVKVMAEAFQSLRRQRI
DISRRGNAGDCLANPAVPWGQGIDIQRALQQVRFEGLTGNVQFNEKGRRTNYTLHVIEMKHDGIRKIGYWNEDDKFVPAA
TDAQAGGDNSSVQNRTYIVTTILEDPYVMLKKNANQFEGNDRYEGYCVELAAEIAKHVGYSYRLEIVSDGKYGARDPDTK
AWNGMVGELVYGRADVAVAPLTITLVREEVIDFSKPFMSLGISIMIKKPQKSKPGVFSFLDPLAYEIWMCIVFAYIGVSV
VLFLVSRFSPYEWHSEEFEEGRDQTTSDQSNEFGIFNSLWFSLGAFMQQGCDISPRSLSGRIVGGVWWFFTLIIISSYTA
NLAAFLTVERMVSPIESAEDLAKQTEIAYGTLEAGSTKEFFRRSKIAVFEKMWTYMKSAEPSVFVRTTEEGMIRVRKSKG
KYAYLLESTMNEYIEQRKPCDTMKVGGNLDSKGYGIATPKGSALRGPVNLAVLKLSEQGVLDKLKSKWWYDKGECGSKDS
GSKDKTSALSLSNVAGVFYILIGGLGLAMLVALIEFCYKSRSESKRMKGFCLIPQQSINEAIRTSTLPRNSGAGASGGGG
SGENGRVVSQDFPKSMQSIPCMSHSSGMPLGATGL
;
A,C
#
# COMPACT_ATOMS: atom_id res chain seq x y z
N VAL A 416 -2.78 -37.43 -43.71
CA VAL A 416 -2.02 -36.25 -43.31
C VAL A 416 -1.02 -36.62 -42.22
N VAL A 417 0.24 -36.27 -42.43
CA VAL A 417 1.29 -36.44 -41.44
C VAL A 417 1.86 -35.06 -41.12
N VAL A 418 1.82 -34.69 -39.85
CA VAL A 418 2.21 -33.36 -39.39
C VAL A 418 3.61 -33.41 -38.83
N THR A 419 4.48 -32.55 -39.35
CA THR A 419 5.83 -32.40 -38.82
C THR A 419 5.86 -31.29 -37.77
N THR A 420 6.76 -31.44 -36.80
CA THR A 420 6.96 -30.45 -35.76
C THR A 420 8.44 -30.48 -35.39
N ILE A 421 8.78 -29.91 -34.23
CA ILE A 421 10.16 -29.88 -33.76
C ILE A 421 10.15 -29.58 -32.28
N LEU A 422 11.17 -30.08 -31.57
CA LEU A 422 11.23 -29.98 -30.12
C LEU A 422 11.65 -28.57 -29.72
N GLU A 423 10.69 -27.78 -29.24
CA GLU A 423 10.98 -26.46 -28.71
C GLU A 423 9.83 -26.08 -27.78
N SER A 424 10.10 -26.06 -26.48
CA SER A 424 9.05 -25.80 -25.52
C SER A 424 8.63 -24.34 -25.58
N PRO A 425 7.35 -24.03 -25.32
CA PRO A 425 6.23 -24.94 -25.07
C PRO A 425 5.52 -25.39 -26.34
N TYR A 426 6.18 -25.23 -27.49
CA TYR A 426 5.55 -25.66 -28.74
C TYR A 426 5.56 -27.18 -28.87
N VAL A 427 6.65 -27.81 -28.48
CA VAL A 427 6.76 -29.27 -28.44
C VAL A 427 7.47 -29.67 -27.16
N MET A 428 6.82 -30.54 -26.37
CA MET A 428 7.45 -31.11 -25.19
C MET A 428 6.87 -32.51 -25.00
N MET A 429 7.75 -33.48 -24.75
CA MET A 429 7.30 -34.82 -24.47
C MET A 429 6.59 -34.87 -23.12
N LYS A 430 5.46 -35.57 -23.08
CA LYS A 430 4.64 -35.58 -21.89
C LYS A 430 5.36 -36.28 -20.74
N LYS A 431 4.99 -35.91 -19.51
CA LYS A 431 5.61 -36.52 -18.34
C LYS A 431 5.36 -38.02 -18.27
N ASN A 432 4.28 -38.50 -18.91
CA ASN A 432 3.94 -39.92 -18.86
C ASN A 432 3.97 -40.52 -20.26
N HIS A 433 5.03 -40.27 -21.02
CA HIS A 433 5.14 -40.83 -22.36
C HIS A 433 5.50 -42.31 -22.33
N GLU A 434 6.18 -42.77 -21.28
CA GLU A 434 6.53 -44.18 -21.19
C GLU A 434 5.29 -45.06 -21.07
N MET A 435 4.22 -44.54 -20.47
CA MET A 435 3.00 -45.29 -20.26
C MET A 435 1.87 -44.66 -21.06
N LEU A 436 1.15 -45.48 -21.83
CA LEU A 436 0.01 -45.03 -22.62
C LEU A 436 0.38 -43.83 -23.49
N GLU A 437 1.43 -44.04 -24.29
CA GLU A 437 1.95 -42.95 -25.12
C GLU A 437 0.91 -42.47 -26.13
N GLY A 438 0.35 -43.39 -26.90
CA GLY A 438 -0.65 -43.01 -27.90
C GLY A 438 -0.17 -41.85 -28.73
N ASN A 439 -1.06 -40.88 -28.94
CA ASN A 439 -0.71 -39.61 -29.57
C ASN A 439 -0.29 -38.56 -28.56
N GLU A 440 -0.40 -38.86 -27.27
CA GLU A 440 -0.13 -37.90 -26.21
C GLU A 440 1.32 -37.91 -25.74
N ARG A 441 2.18 -38.72 -26.35
CA ARG A 441 3.59 -38.67 -26.01
C ARG A 441 4.17 -37.27 -26.25
N TYR A 442 3.61 -36.54 -27.20
CA TYR A 442 4.03 -35.18 -27.50
C TYR A 442 3.04 -34.20 -26.88
N GLU A 443 3.53 -33.07 -26.40
CA GLU A 443 2.68 -32.04 -25.85
C GLU A 443 3.27 -30.67 -26.16
N GLY A 444 2.40 -29.72 -26.44
CA GLY A 444 2.83 -28.37 -26.74
C GLY A 444 1.73 -27.57 -27.38
N TYR A 445 2.03 -26.27 -27.53
CA TYR A 445 1.09 -25.36 -28.18
C TYR A 445 0.78 -25.81 -29.59
N CYS A 446 1.82 -26.18 -30.34
CA CYS A 446 1.62 -26.65 -31.71
C CYS A 446 0.75 -27.88 -31.76
N VAL A 447 0.81 -28.73 -30.74
CA VAL A 447 -0.01 -29.95 -30.73
C VAL A 447 -1.48 -29.60 -30.69
N ASP A 448 -1.88 -28.75 -29.74
CA ASP A 448 -3.27 -28.34 -29.65
C ASP A 448 -3.71 -27.61 -30.91
N LEU A 449 -2.83 -26.78 -31.46
CA LEU A 449 -3.18 -26.07 -32.69
C LEU A 449 -3.43 -27.04 -33.83
N ALA A 450 -2.55 -28.04 -33.98
CA ALA A 450 -2.74 -29.03 -35.03
C ALA A 450 -4.04 -29.78 -34.84
N ALA A 451 -4.35 -30.14 -33.59
CA ALA A 451 -5.62 -30.80 -33.31
C ALA A 451 -6.79 -29.93 -33.77
N GLU A 452 -6.77 -28.65 -33.41
CA GLU A 452 -7.89 -27.77 -33.77
C GLU A 452 -8.03 -27.64 -35.28
N ILE A 453 -6.91 -27.44 -35.99
CA ILE A 453 -7.01 -27.21 -37.42
C ILE A 453 -7.42 -28.49 -38.15
N ALA A 454 -6.90 -29.63 -37.73
CA ALA A 454 -7.33 -30.89 -38.34
C ALA A 454 -8.81 -31.13 -38.09
N LYS A 455 -9.28 -30.82 -36.88
CA LYS A 455 -10.71 -30.90 -36.59
C LYS A 455 -11.50 -30.04 -37.55
N HIS A 456 -11.06 -28.79 -37.76
CA HIS A 456 -11.77 -27.91 -38.68
C HIS A 456 -11.76 -28.46 -40.10
N CYS A 457 -10.61 -28.94 -40.56
CA CYS A 457 -10.47 -29.48 -41.91
C CYS A 457 -10.85 -30.95 -41.98
N GLY A 458 -11.09 -31.62 -40.86
CA GLY A 458 -11.52 -33.00 -40.87
C GLY A 458 -10.49 -33.94 -41.45
N PHE A 459 -9.25 -33.82 -41.02
CA PHE A 459 -8.15 -34.63 -41.51
C PHE A 459 -7.66 -35.58 -40.43
N LYS A 460 -6.75 -36.46 -40.83
CA LYS A 460 -6.12 -37.43 -39.94
C LYS A 460 -4.65 -37.08 -39.80
N TYR A 461 -4.19 -36.96 -38.56
CA TYR A 461 -2.81 -36.57 -38.28
C TYR A 461 -2.22 -37.48 -37.23
N LYS A 462 -1.03 -38.00 -37.51
CA LYS A 462 -0.19 -38.67 -36.53
C LYS A 462 1.06 -37.81 -36.35
N LEU A 463 1.27 -37.33 -35.13
CA LEU A 463 2.37 -36.39 -34.90
C LEU A 463 3.70 -37.05 -35.24
N THR A 464 4.58 -36.28 -35.87
CA THR A 464 5.90 -36.75 -36.25
C THR A 464 6.91 -35.67 -35.95
N ILE A 465 8.17 -36.10 -35.80
CA ILE A 465 9.28 -35.21 -35.53
C ILE A 465 10.32 -35.41 -36.62
N VAL A 466 10.98 -34.33 -37.00
CA VAL A 466 12.02 -34.41 -38.02
C VAL A 466 13.29 -34.94 -37.39
N GLY A 467 13.88 -35.98 -38.00
CA GLY A 467 15.10 -36.53 -37.46
C GLY A 467 16.20 -35.49 -37.37
N ASP A 468 16.29 -34.63 -38.36
CA ASP A 468 17.20 -33.48 -38.31
C ASP A 468 16.49 -32.35 -37.58
N GLY A 469 16.85 -32.14 -36.32
CA GLY A 469 16.23 -31.12 -35.51
C GLY A 469 16.69 -29.72 -35.86
N LYS A 470 17.28 -29.55 -37.04
CA LYS A 470 17.63 -28.24 -37.54
C LYS A 470 16.45 -27.63 -38.29
N TYR A 471 16.33 -26.32 -38.20
CA TYR A 471 15.25 -25.62 -38.89
C TYR A 471 15.54 -25.50 -40.37
N GLY A 472 14.49 -25.24 -41.14
CA GLY A 472 14.59 -25.18 -42.58
C GLY A 472 15.65 -24.21 -43.06
N ALA A 473 16.52 -24.69 -43.94
CA ALA A 473 17.56 -23.87 -44.55
C ALA A 473 18.18 -24.68 -45.68
N ARG A 474 18.83 -23.97 -46.59
CA ARG A 474 19.30 -24.55 -47.84
C ARG A 474 20.80 -24.38 -47.96
N ASP A 475 21.50 -25.47 -48.26
CA ASP A 475 22.95 -25.43 -48.40
C ASP A 475 23.31 -24.85 -49.76
N ALA A 476 24.08 -23.75 -49.75
CA ALA A 476 24.39 -23.06 -50.98
C ALA A 476 25.21 -23.93 -51.92
N ASP A 477 26.23 -24.62 -51.39
CA ASP A 477 27.11 -25.41 -52.23
C ASP A 477 26.41 -26.65 -52.76
N THR A 478 25.29 -27.06 -52.18
CA THR A 478 24.57 -28.25 -52.60
C THR A 478 23.21 -27.97 -53.20
N LYS A 479 22.61 -26.81 -52.94
CA LYS A 479 21.30 -26.45 -53.44
C LYS A 479 20.19 -27.24 -52.77
N ILE A 480 20.46 -27.85 -51.62
CA ILE A 480 19.55 -28.78 -50.96
C ILE A 480 19.10 -28.19 -49.64
N TRP A 481 17.88 -28.53 -49.23
CA TRP A 481 17.28 -28.01 -48.01
C TRP A 481 17.55 -28.94 -46.83
N ASN A 482 17.58 -28.35 -45.64
CA ASN A 482 17.87 -29.06 -44.40
C ASN A 482 16.84 -28.68 -43.35
N GLY A 483 15.87 -29.55 -43.13
CA GLY A 483 14.89 -29.37 -42.09
C GLY A 483 13.51 -29.76 -42.57
N MET A 484 12.49 -29.23 -41.89
CA MET A 484 11.11 -29.51 -42.28
C MET A 484 10.84 -29.05 -43.71
N VAL A 485 11.59 -28.05 -44.18
CA VAL A 485 11.44 -27.60 -45.55
C VAL A 485 11.73 -28.75 -46.52
N GLY A 486 12.78 -29.51 -46.24
CA GLY A 486 13.04 -30.69 -47.04
C GLY A 486 11.90 -31.68 -46.99
N GLU A 487 11.32 -31.87 -45.81
CA GLU A 487 10.19 -32.80 -45.70
C GLU A 487 9.03 -32.35 -46.56
N LEU A 488 8.72 -31.06 -46.55
CA LEU A 488 7.55 -30.57 -47.27
C LEU A 488 7.79 -30.58 -48.78
N VAL A 489 8.96 -30.13 -49.21
CA VAL A 489 9.24 -30.08 -50.64
C VAL A 489 9.37 -31.50 -51.21
N TYR A 490 9.97 -32.41 -50.46
CA TYR A 490 10.24 -33.76 -50.94
C TYR A 490 9.13 -34.74 -50.62
N GLY A 491 8.06 -34.30 -49.94
CA GLY A 491 6.88 -35.12 -49.75
C GLY A 491 6.92 -36.01 -48.53
N LYS A 492 8.05 -36.08 -47.82
CA LYS A 492 8.10 -36.91 -46.62
C LYS A 492 7.01 -36.51 -45.64
N ALA A 493 6.66 -35.23 -45.59
CA ALA A 493 5.65 -34.72 -44.68
C ALA A 493 4.58 -33.97 -45.48
N ASP A 494 3.34 -34.09 -45.02
CA ASP A 494 2.22 -33.45 -45.70
C ASP A 494 2.02 -32.01 -45.26
N ILE A 495 2.48 -31.65 -44.07
CA ILE A 495 2.24 -30.34 -43.49
C ILE A 495 3.21 -30.16 -42.33
N ALA A 496 3.56 -28.90 -42.04
CA ALA A 496 4.43 -28.56 -40.94
C ALA A 496 3.71 -27.61 -39.99
N ILE A 497 3.76 -27.90 -38.71
CA ILE A 497 3.16 -27.07 -37.67
C ILE A 497 4.22 -26.91 -36.59
N ALA A 498 5.00 -25.85 -36.68
CA ALA A 498 6.10 -25.60 -35.77
C ALA A 498 6.30 -24.10 -35.65
N PRO A 499 7.08 -23.65 -34.68
CA PRO A 499 7.40 -22.23 -34.62
C PRO A 499 8.29 -21.83 -35.80
N LEU A 500 7.71 -21.86 -36.99
CA LEU A 500 8.42 -21.65 -38.23
C LEU A 500 8.08 -20.26 -38.75
N THR A 501 9.11 -19.44 -38.97
CA THR A 501 8.90 -18.06 -39.36
C THR A 501 8.72 -17.94 -40.85
N ILE A 502 7.80 -17.06 -41.26
CA ILE A 502 7.63 -16.76 -42.66
C ILE A 502 8.88 -16.07 -43.18
N THR A 503 9.21 -16.35 -44.44
CA THR A 503 10.42 -15.79 -45.04
C THR A 503 10.29 -15.87 -46.55
N LEU A 504 11.10 -15.07 -47.24
CA LEU A 504 11.02 -15.00 -48.68
C LEU A 504 11.47 -16.32 -49.32
N VAL A 505 12.63 -16.82 -48.92
CA VAL A 505 13.21 -17.97 -49.59
C VAL A 505 12.33 -19.20 -49.40
N ARG A 506 11.74 -19.34 -48.21
CA ARG A 506 10.92 -20.50 -47.92
C ARG A 506 9.55 -20.40 -48.58
N GLU A 507 9.05 -19.18 -48.79
CA GLU A 507 7.77 -19.00 -49.46
C GLU A 507 7.84 -19.34 -50.95
N GLU A 508 9.04 -19.26 -51.54
CA GLU A 508 9.18 -19.55 -52.96
C GLU A 508 8.91 -21.02 -53.27
N VAL A 509 9.11 -21.90 -52.29
CA VAL A 509 8.97 -23.33 -52.51
C VAL A 509 7.70 -23.90 -51.88
N ILE A 510 7.26 -23.38 -50.74
CA ILE A 510 6.05 -23.84 -50.09
C ILE A 510 5.09 -22.67 -49.94
N ASP A 511 3.92 -22.94 -49.35
CA ASP A 511 2.86 -21.94 -49.23
C ASP A 511 2.47 -21.86 -47.76
N PHE A 512 2.93 -20.81 -47.09
CA PHE A 512 2.60 -20.60 -45.69
C PHE A 512 1.12 -20.24 -45.57
N SER A 513 0.68 -20.08 -44.32
CA SER A 513 -0.63 -19.55 -44.00
C SER A 513 -0.46 -18.19 -43.35
N LYS A 514 -1.58 -17.54 -43.06
CA LYS A 514 -1.51 -16.30 -42.32
C LYS A 514 -1.01 -16.57 -40.91
N PRO A 515 -0.23 -15.65 -40.34
CA PRO A 515 0.39 -15.92 -39.04
C PRO A 515 -0.64 -16.22 -37.97
N PHE A 516 -0.30 -17.16 -37.10
CA PHE A 516 -1.03 -17.41 -35.87
C PHE A 516 -0.33 -16.84 -34.66
N MET A 517 0.94 -16.44 -34.79
CA MET A 517 1.73 -15.89 -33.70
C MET A 517 2.56 -14.75 -34.27
N SER A 518 2.26 -13.54 -33.82
CA SER A 518 3.03 -12.36 -34.21
C SER A 518 4.02 -12.03 -33.12
N LEU A 519 5.24 -11.70 -33.52
CA LEU A 519 6.34 -11.57 -32.57
C LEU A 519 7.41 -10.68 -33.17
N GLY A 520 8.58 -10.70 -32.54
CA GLY A 520 9.72 -9.96 -33.05
C GLY A 520 10.82 -9.94 -32.02
N ILE A 521 11.99 -9.50 -32.47
CA ILE A 521 13.13 -9.36 -31.58
C ILE A 521 12.75 -8.49 -30.39
N SER A 522 13.31 -8.84 -29.23
CA SER A 522 13.00 -8.14 -27.99
C SER A 522 14.28 -8.04 -27.17
N ILE A 523 14.13 -7.70 -25.90
CA ILE A 523 15.25 -7.49 -24.99
C ILE A 523 14.97 -8.24 -23.70
N MET A 524 16.01 -8.83 -23.12
CA MET A 524 15.94 -9.48 -21.83
C MET A 524 17.03 -8.92 -20.94
N ILE A 525 16.73 -8.78 -19.64
CA ILE A 525 17.66 -8.25 -18.67
C ILE A 525 17.42 -8.93 -17.33
N LYS A 526 18.37 -8.77 -16.42
CA LYS A 526 18.19 -9.23 -15.06
C LYS A 526 17.09 -8.41 -14.39
N LYS A 527 16.18 -9.10 -13.70
CA LYS A 527 15.15 -8.42 -12.96
C LYS A 527 15.78 -7.53 -11.89
N PRO A 528 15.46 -6.24 -11.85
CA PRO A 528 16.07 -5.38 -10.83
C PRO A 528 15.76 -5.87 -9.43
N GLN A 529 16.74 -5.75 -8.55
CA GLN A 529 16.59 -6.18 -7.17
C GLN A 529 17.19 -5.11 -6.27
N LYS A 530 16.82 -5.18 -5.00
CA LYS A 530 17.28 -4.17 -4.05
C LYS A 530 18.78 -3.96 -4.17
N SER A 531 19.16 -2.77 -4.61
CA SER A 531 20.56 -2.47 -4.84
C SER A 531 21.33 -2.47 -3.53
N LYS A 532 22.61 -2.78 -3.62
CA LYS A 532 23.46 -2.72 -2.44
C LYS A 532 23.56 -1.28 -1.98
N PRO A 533 23.21 -0.97 -0.73
CA PRO A 533 23.26 0.44 -0.30
C PRO A 533 24.69 0.94 -0.26
N GLY A 534 24.90 2.10 -0.86
CA GLY A 534 26.21 2.69 -0.92
C GLY A 534 26.42 3.70 0.19
N VAL A 535 27.69 4.03 0.42
CA VAL A 535 27.98 5.14 1.29
C VAL A 535 27.36 6.40 0.69
N PHE A 536 27.10 7.38 1.55
CA PHE A 536 26.50 8.64 1.15
C PHE A 536 25.09 8.46 0.61
N SER A 537 24.47 7.31 0.88
CA SER A 537 23.07 7.11 0.52
C SER A 537 22.13 7.93 1.38
N PHE A 538 22.58 8.36 2.55
CA PHE A 538 21.72 9.14 3.43
C PHE A 538 21.38 10.50 2.87
N LEU A 539 22.05 10.93 1.80
CA LEU A 539 21.67 12.14 1.08
C LEU A 539 20.61 11.89 0.03
N ASP A 540 20.28 10.62 -0.24
CA ASP A 540 19.33 10.31 -1.30
C ASP A 540 18.01 11.04 -1.19
N PRO A 541 17.36 11.13 -0.02
CA PRO A 541 16.04 11.77 0.04
C PRO A 541 16.03 13.20 -0.44
N LEU A 542 17.18 13.89 -0.44
CA LEU A 542 17.27 15.26 -0.90
C LEU A 542 18.20 15.33 -2.10
N ALA A 543 17.76 16.03 -3.14
CA ALA A 543 18.59 16.18 -4.33
C ALA A 543 19.83 16.99 -4.00
N TYR A 544 20.93 16.66 -4.69
CA TYR A 544 22.20 17.31 -4.42
C TYR A 544 22.11 18.82 -4.55
N GLU A 545 21.22 19.31 -5.43
CA GLU A 545 21.03 20.74 -5.55
C GLU A 545 20.50 21.34 -4.26
N ILE A 546 19.61 20.62 -3.58
CA ILE A 546 19.10 21.13 -2.30
C ILE A 546 20.21 21.22 -1.28
N TRP A 547 21.09 20.22 -1.23
CA TRP A 547 22.21 20.28 -0.30
C TRP A 547 23.12 21.45 -0.61
N MET A 548 23.43 21.67 -1.89
CA MET A 548 24.31 22.76 -2.26
C MET A 548 23.69 24.10 -1.90
N CYS A 549 22.39 24.25 -2.17
CA CYS A 549 21.70 25.48 -1.79
C CYS A 549 21.63 25.65 -0.29
N ILE A 550 21.54 24.54 0.45
CA ILE A 550 21.58 24.60 1.90
C ILE A 550 22.91 25.19 2.37
N VAL A 551 24.01 24.71 1.77
CA VAL A 551 25.33 25.21 2.15
C VAL A 551 25.43 26.70 1.81
N PHE A 552 24.98 27.08 0.62
CA PHE A 552 25.05 28.48 0.24
C PHE A 552 24.23 29.35 1.18
N ALA A 553 23.04 28.89 1.56
CA ALA A 553 22.20 29.65 2.47
C ALA A 553 22.84 29.76 3.85
N TYR A 554 23.48 28.69 4.31
CA TYR A 554 24.21 28.75 5.57
C TYR A 554 25.27 29.85 5.52
N ILE A 555 26.08 29.84 4.46
CA ILE A 555 27.13 30.85 4.33
C ILE A 555 26.51 32.24 4.29
N GLY A 556 25.46 32.41 3.49
CA GLY A 556 24.89 33.73 3.30
C GLY A 556 24.25 34.28 4.57
N VAL A 557 23.52 33.45 5.29
CA VAL A 557 22.88 33.90 6.52
C VAL A 557 23.93 34.22 7.57
N SER A 558 24.98 33.41 7.65
CA SER A 558 26.05 33.73 8.59
C SER A 558 26.70 35.07 8.25
N VAL A 559 26.95 35.31 6.96
CA VAL A 559 27.55 36.57 6.54
C VAL A 559 26.64 37.73 6.88
N VAL A 560 25.34 37.60 6.60
CA VAL A 560 24.41 38.67 6.88
C VAL A 560 24.38 38.97 8.37
N LEU A 561 24.40 37.93 9.20
CA LEU A 561 24.41 38.14 10.63
C LEU A 561 25.67 38.89 11.05
N PHE A 562 26.82 38.48 10.52
CA PHE A 562 28.07 39.16 10.85
C PHE A 562 27.99 40.64 10.50
N LEU A 563 27.59 40.95 9.28
CA LEU A 563 27.48 42.34 8.85
C LEU A 563 26.53 43.10 9.76
N VAL A 564 25.25 42.70 9.76
CA VAL A 564 24.23 43.41 10.48
C VAL A 564 24.49 43.49 11.98
N SER A 565 25.40 42.68 12.50
CA SER A 565 25.78 42.80 13.90
C SER A 565 26.94 43.75 14.10
N ARG A 566 27.88 43.78 13.16
CA ARG A 566 28.98 44.74 13.27
C ARG A 566 28.49 46.16 13.06
N PHE A 567 27.61 46.38 12.08
CA PHE A 567 27.17 47.70 11.69
C PHE A 567 25.92 48.16 12.43
N SER A 568 25.43 47.39 13.39
CA SER A 568 24.22 47.76 14.12
C SER A 568 24.13 47.01 15.43
N PRO A 569 25.09 47.20 16.34
CA PRO A 569 25.07 46.46 17.60
C PRO A 569 23.95 46.93 18.51
N TYR A 570 23.55 46.04 19.41
CA TYR A 570 22.51 46.36 20.39
C TYR A 570 23.04 47.37 21.40
N GLU A 591 29.95 40.29 19.67
CA GLU A 591 29.82 38.88 19.99
C GLU A 591 29.56 38.04 18.75
N PHE A 592 28.77 38.59 17.83
CA PHE A 592 28.37 37.88 16.61
C PHE A 592 29.35 38.14 15.48
N GLY A 593 30.62 37.79 15.73
CA GLY A 593 31.61 37.80 14.69
C GLY A 593 31.27 36.80 13.60
N ILE A 594 32.20 36.60 12.67
CA ILE A 594 31.96 35.62 11.61
C ILE A 594 31.99 34.21 12.16
N PHE A 595 32.96 33.92 13.04
CA PHE A 595 33.11 32.57 13.57
C PHE A 595 31.90 32.17 14.39
N ASN A 596 31.52 33.00 15.35
CA ASN A 596 30.35 32.69 16.17
C ASN A 596 29.07 32.74 15.37
N SER A 597 29.03 33.54 14.30
CA SER A 597 27.86 33.54 13.42
C SER A 597 27.70 32.19 12.72
N LEU A 598 28.80 31.67 12.18
CA LEU A 598 28.75 30.34 11.58
C LEU A 598 28.35 29.30 12.61
N TRP A 599 28.90 29.40 13.82
CA TRP A 599 28.55 28.45 14.87
C TRP A 599 27.06 28.51 15.19
N PHE A 600 26.51 29.72 15.30
CA PHE A 600 25.10 29.86 15.62
C PHE A 600 24.23 29.27 14.52
N SER A 601 24.55 29.57 13.27
CA SER A 601 23.76 29.04 12.17
C SER A 601 23.82 27.51 12.13
N LEU A 602 25.02 26.95 12.31
CA LEU A 602 25.15 25.50 12.30
C LEU A 602 24.36 24.87 13.44
N GLY A 603 24.46 25.44 14.64
CA GLY A 603 23.70 24.91 15.75
C GLY A 603 22.20 24.99 15.53
N ALA A 604 21.76 26.07 14.87
CA ALA A 604 20.35 26.20 14.56
C ALA A 604 19.90 25.14 13.57
N PHE A 605 20.75 24.80 12.59
CA PHE A 605 20.36 23.80 11.61
C PHE A 605 20.21 22.42 12.23
N MET A 606 20.95 22.12 13.29
CA MET A 606 20.93 20.82 13.93
C MET A 606 20.03 20.80 15.16
N ARG A 607 19.26 21.85 15.40
CA ARG A 607 18.34 21.93 16.54
C ARG A 607 19.05 21.73 17.86
N GLN A 608 20.36 21.93 17.90
CA GLN A 608 21.15 21.71 19.10
C GLN A 608 21.25 22.93 19.99
N GLY A 609 20.55 23.99 19.65
CA GLY A 609 20.52 25.16 20.50
C GLY A 609 21.72 26.07 20.28
N CYS A 610 21.73 27.14 21.05
CA CYS A 610 22.69 28.21 20.87
C CYS A 610 23.26 28.63 22.21
N ASP A 611 24.53 29.04 22.21
CA ASP A 611 25.14 29.64 23.38
C ASP A 611 24.84 31.13 23.48
N ILE A 612 24.27 31.73 22.43
CA ILE A 612 23.96 33.15 22.40
C ILE A 612 22.81 33.34 21.44
N SER A 613 22.07 34.43 21.62
CA SER A 613 20.97 34.77 20.71
C SER A 613 21.07 36.23 20.33
N PRO A 614 20.67 36.58 19.10
CA PRO A 614 20.68 37.99 18.71
C PRO A 614 19.77 38.82 19.59
N ARG A 615 20.19 40.05 19.86
CA ARG A 615 19.42 40.99 20.65
C ARG A 615 18.87 42.14 19.85
N SER A 616 19.25 42.27 18.58
CA SER A 616 18.76 43.32 17.71
C SER A 616 17.71 42.76 16.75
N LEU A 617 16.75 43.62 16.41
CA LEU A 617 15.62 43.19 15.60
C LEU A 617 16.07 42.51 14.32
N SER A 618 17.15 43.00 13.71
CA SER A 618 17.63 42.43 12.46
C SER A 618 18.19 41.03 12.67
N GLY A 619 19.06 40.87 13.67
CA GLY A 619 19.57 39.55 13.97
C GLY A 619 18.47 38.58 14.34
N ARG A 620 17.47 39.06 15.07
CA ARG A 620 16.36 38.20 15.46
C ARG A 620 15.54 37.77 14.25
N ILE A 621 15.34 38.69 13.30
CA ILE A 621 14.64 38.34 12.07
C ILE A 621 15.40 37.25 11.33
N VAL A 622 16.71 37.45 11.18
CA VAL A 622 17.52 36.48 10.46
C VAL A 622 17.47 35.12 11.14
N GLY A 623 17.59 35.12 12.48
CA GLY A 623 17.55 33.87 13.20
C GLY A 623 16.23 33.15 13.06
N GLY A 624 15.13 33.88 13.17
CA GLY A 624 13.83 33.26 13.02
C GLY A 624 13.62 32.65 11.65
N VAL A 625 14.04 33.36 10.61
CA VAL A 625 13.87 32.83 9.26
C VAL A 625 14.73 31.60 9.06
N TRP A 626 15.98 31.64 9.52
CA TRP A 626 16.83 30.46 9.44
C TRP A 626 16.19 29.29 10.18
N TRP A 627 15.59 29.56 11.33
CA TRP A 627 14.93 28.51 12.12
C TRP A 627 13.80 27.86 11.34
N PHE A 628 12.94 28.68 10.72
CA PHE A 628 11.87 28.13 9.90
C PHE A 628 12.42 27.26 8.79
N PHE A 629 13.46 27.75 8.12
CA PHE A 629 14.09 26.98 7.05
C PHE A 629 14.53 25.62 7.55
N THR A 630 15.23 25.59 8.68
CA THR A 630 15.73 24.33 9.21
C THR A 630 14.58 23.40 9.55
N LEU A 631 13.54 23.91 10.19
CA LEU A 631 12.41 23.09 10.54
C LEU A 631 11.85 22.38 9.31
N ILE A 632 11.56 23.16 8.27
CA ILE A 632 10.98 22.57 7.06
C ILE A 632 11.92 21.53 6.48
N ILE A 633 13.22 21.83 6.43
CA ILE A 633 14.14 20.94 5.75
C ILE A 633 14.29 19.63 6.50
N ILE A 634 14.42 19.68 7.83
CA ILE A 634 14.54 18.44 8.60
C ILE A 634 13.27 17.62 8.45
N SER A 635 12.11 18.25 8.54
CA SER A 635 10.87 17.50 8.40
C SER A 635 10.78 16.84 7.03
N SER A 636 11.18 17.56 5.98
CA SER A 636 11.12 16.98 4.63
C SER A 636 12.08 15.80 4.50
N TYR A 637 13.29 15.93 5.03
CA TYR A 637 14.24 14.83 4.99
C TYR A 637 13.66 13.60 5.66
N THR A 638 13.15 13.77 6.89
CA THR A 638 12.59 12.65 7.62
C THR A 638 11.44 12.01 6.86
N ALA A 639 10.53 12.82 6.33
CA ALA A 639 9.36 12.30 5.65
C ALA A 639 9.74 11.52 4.40
N ASN A 640 10.62 12.08 3.57
CA ASN A 640 10.99 11.38 2.36
C ASN A 640 11.79 10.13 2.65
N LEU A 641 12.59 10.13 3.72
CA LEU A 641 13.26 8.91 4.12
C LEU A 641 12.25 7.84 4.53
N ALA A 642 11.22 8.25 5.27
CA ALA A 642 10.18 7.30 5.63
C ALA A 642 9.51 6.72 4.39
N ALA A 643 9.24 7.58 3.41
CA ALA A 643 8.68 7.10 2.14
C ALA A 643 9.61 6.09 1.48
N PHE A 644 10.89 6.44 1.34
CA PHE A 644 11.84 5.54 0.69
C PHE A 644 11.86 4.19 1.38
N LEU A 645 11.83 4.18 2.71
CA LEU A 645 11.92 2.93 3.45
C LEU A 645 10.59 2.20 3.56
N THR A 646 9.49 2.85 3.20
CA THR A 646 8.18 2.20 3.30
C THR A 646 7.82 1.45 2.02
N VAL A 647 7.92 2.11 0.87
CA VAL A 647 7.62 1.51 -0.42
C VAL A 647 8.90 1.46 -1.23
N GLU A 648 9.21 0.28 -1.77
CA GLU A 648 10.36 0.08 -2.63
C GLU A 648 9.91 0.14 -4.08
N ARG A 649 10.50 1.04 -4.85
CA ARG A 649 10.29 1.07 -6.30
C ARG A 649 11.65 0.94 -6.97
N MET A 650 11.85 -0.20 -7.63
CA MET A 650 13.06 -0.48 -8.38
C MET A 650 12.77 -0.24 -9.85
N VAL A 651 13.56 0.63 -10.48
CA VAL A 651 13.31 1.09 -11.84
C VAL A 651 14.31 0.44 -12.78
N SER A 652 13.84 0.06 -13.96
CA SER A 652 14.72 -0.49 -14.98
C SER A 652 15.63 0.60 -15.53
N PRO A 653 16.94 0.35 -15.64
CA PRO A 653 17.81 1.38 -16.22
C PRO A 653 17.44 1.73 -17.66
N ILE A 654 16.90 0.77 -18.40
CA ILE A 654 16.54 0.94 -19.79
C ILE A 654 15.08 0.62 -19.97
N GLU A 655 14.44 1.34 -20.89
CA GLU A 655 13.03 1.14 -21.20
C GLU A 655 12.80 1.04 -22.70
N SER A 656 13.85 0.82 -23.47
CA SER A 656 13.76 0.77 -24.93
C SER A 656 15.08 0.25 -25.46
N ALA A 657 15.24 0.30 -26.77
CA ALA A 657 16.47 -0.11 -27.44
C ALA A 657 17.35 1.07 -27.81
N GLU A 658 16.75 2.21 -28.19
CA GLU A 658 17.52 3.42 -28.41
C GLU A 658 18.20 3.87 -27.11
N ASP A 659 17.47 3.82 -26.00
CA ASP A 659 18.07 4.11 -24.71
C ASP A 659 19.18 3.14 -24.37
N LEU A 660 19.14 1.94 -24.94
CA LEU A 660 20.22 0.99 -24.75
C LEU A 660 21.43 1.33 -25.62
N SER A 661 21.19 1.87 -26.81
CA SER A 661 22.29 2.25 -27.68
C SER A 661 22.96 3.53 -27.20
N LYS A 662 22.23 4.40 -26.52
CA LYS A 662 22.80 5.67 -26.08
C LYS A 662 23.99 5.45 -25.16
N GLN A 663 23.87 4.50 -24.24
CA GLN A 663 24.92 4.21 -23.27
C GLN A 663 25.69 2.96 -23.65
N THR A 664 26.82 2.75 -22.97
CA THR A 664 27.69 1.63 -23.24
C THR A 664 28.07 0.83 -22.01
N GLU A 665 27.52 1.16 -20.84
CA GLU A 665 27.84 0.43 -19.63
C GLU A 665 27.40 -1.03 -19.75
N ILE A 666 26.22 -1.27 -20.30
CA ILE A 666 25.62 -2.59 -20.37
C ILE A 666 25.98 -3.24 -21.70
N ALA A 667 25.98 -4.57 -21.69
CA ALA A 667 26.36 -5.36 -22.85
C ALA A 667 25.15 -5.75 -23.69
N TYR A 668 25.43 -6.19 -24.90
CA TYR A 668 24.43 -6.78 -25.79
C TYR A 668 24.74 -8.26 -25.97
N GLY A 669 23.79 -8.96 -26.58
CA GLY A 669 23.96 -10.39 -26.76
C GLY A 669 23.08 -10.99 -27.83
N THR A 670 23.66 -11.82 -28.69
CA THR A 670 22.94 -12.51 -29.73
C THR A 670 23.52 -13.90 -29.93
N LEU A 671 22.63 -14.87 -30.12
CA LEU A 671 23.04 -16.21 -30.51
C LEU A 671 23.89 -16.10 -31.78
N ASP A 672 25.02 -16.82 -31.80
CA ASP A 672 26.01 -16.59 -32.83
C ASP A 672 25.45 -16.85 -34.23
N SER A 673 24.72 -17.95 -34.40
CA SER A 673 24.15 -18.33 -35.68
C SER A 673 22.64 -18.30 -35.55
N GLY A 674 22.06 -17.13 -35.71
CA GLY A 674 20.62 -16.98 -35.64
C GLY A 674 20.19 -15.67 -36.25
N SER A 675 18.92 -15.63 -36.66
CA SER A 675 18.45 -14.58 -37.56
C SER A 675 18.65 -13.19 -37.01
N THR A 676 18.75 -13.04 -35.69
CA THR A 676 18.95 -11.71 -35.10
C THR A 676 20.28 -11.13 -35.55
N LYS A 677 21.33 -11.94 -35.55
CA LYS A 677 22.64 -11.45 -35.97
C LYS A 677 22.62 -11.00 -37.42
N GLU A 678 22.00 -11.78 -38.30
CA GLU A 678 21.91 -11.36 -39.69
C GLU A 678 21.08 -10.09 -39.83
N PHE A 679 19.98 -9.98 -39.08
CA PHE A 679 19.14 -8.80 -39.17
C PHE A 679 19.92 -7.55 -38.77
N PHE A 680 20.73 -7.65 -37.72
CA PHE A 680 21.59 -6.53 -37.37
C PHE A 680 22.63 -6.27 -38.45
N ARG A 681 23.16 -7.34 -39.03
CA ARG A 681 24.22 -7.20 -40.03
C ARG A 681 23.72 -6.45 -41.26
N ARG A 682 22.59 -6.87 -41.81
CA ARG A 682 22.07 -6.29 -43.05
C ARG A 682 21.27 -5.02 -42.82
N SER A 683 21.10 -4.60 -41.56
CA SER A 683 20.26 -3.45 -41.29
C SER A 683 20.91 -2.17 -41.80
N LYS A 684 20.09 -1.14 -41.98
CA LYS A 684 20.55 0.15 -42.45
C LYS A 684 19.97 1.30 -41.62
N ILE A 685 19.33 1.02 -40.52
CA ILE A 685 18.81 2.05 -39.62
C ILE A 685 19.93 2.43 -38.66
N ALA A 686 19.92 3.70 -38.24
CA ALA A 686 21.05 4.21 -37.47
C ALA A 686 21.27 3.41 -36.19
N VAL A 687 20.20 3.16 -35.44
CA VAL A 687 20.34 2.58 -34.11
C VAL A 687 20.89 1.16 -34.21
N PHE A 688 20.33 0.38 -35.14
CA PHE A 688 20.75 -1.02 -35.24
C PHE A 688 22.14 -1.14 -35.85
N ASP A 689 22.50 -0.23 -36.75
CA ASP A 689 23.88 -0.21 -37.25
C ASP A 689 24.85 0.12 -36.13
N LYS A 690 24.48 1.07 -35.27
CA LYS A 690 25.31 1.38 -34.11
C LYS A 690 25.47 0.17 -33.20
N MET A 691 24.37 -0.54 -32.96
CA MET A 691 24.46 -1.77 -32.17
C MET A 691 25.39 -2.77 -32.83
N TRP A 692 25.32 -2.91 -34.16
CA TRP A 692 26.19 -3.85 -34.84
C TRP A 692 27.64 -3.46 -34.66
N THR A 693 27.94 -2.17 -34.79
CA THR A 693 29.31 -1.72 -34.59
C THR A 693 29.79 -2.04 -33.18
N TYR A 694 28.96 -1.75 -32.18
CA TYR A 694 29.32 -2.08 -30.81
C TYR A 694 29.59 -3.57 -30.65
N MET A 695 28.65 -4.39 -31.11
CA MET A 695 28.74 -5.84 -30.90
C MET A 695 29.87 -6.46 -31.70
N ARG A 696 30.36 -5.78 -32.74
CA ARG A 696 31.49 -6.26 -33.50
C ARG A 696 32.82 -5.81 -32.89
N SER A 697 32.85 -4.62 -32.31
CA SER A 697 34.08 -4.04 -31.76
C SER A 697 34.16 -4.16 -30.25
N ALA A 698 33.37 -5.03 -29.63
CA ALA A 698 33.33 -5.16 -28.18
C ALA A 698 33.92 -6.51 -27.76
N GLU A 699 34.67 -6.49 -26.67
CA GLU A 699 35.22 -7.68 -26.06
C GLU A 699 34.95 -7.67 -24.56
N PRO A 700 34.83 -8.85 -23.93
CA PRO A 700 34.87 -10.20 -24.52
C PRO A 700 33.71 -10.48 -25.46
N SER A 701 33.69 -11.67 -26.05
CA SER A 701 32.70 -12.02 -27.05
C SER A 701 31.28 -11.89 -26.49
N VAL A 702 30.52 -10.95 -27.02
CA VAL A 702 29.12 -10.80 -26.60
C VAL A 702 28.30 -11.99 -27.04
N PHE A 703 28.60 -12.54 -28.22
CA PHE A 703 27.81 -13.62 -28.77
C PHE A 703 27.97 -14.90 -27.95
N VAL A 704 26.99 -15.79 -28.10
CA VAL A 704 27.00 -17.08 -27.43
C VAL A 704 26.60 -18.14 -28.45
N ARG A 705 26.89 -19.39 -28.12
CA ARG A 705 26.53 -20.53 -28.95
C ARG A 705 25.12 -21.04 -28.68
N THR A 706 24.51 -20.63 -27.57
CA THR A 706 23.19 -21.12 -27.22
C THR A 706 22.46 -20.09 -26.38
N THR A 707 21.13 -20.05 -26.52
CA THR A 707 20.33 -19.12 -25.73
C THR A 707 20.51 -19.37 -24.24
N ALA A 708 20.78 -20.62 -23.85
CA ALA A 708 20.99 -20.93 -22.43
C ALA A 708 22.19 -20.17 -21.89
N GLU A 709 23.27 -20.10 -22.68
CA GLU A 709 24.44 -19.36 -22.25
C GLU A 709 24.13 -17.88 -22.06
N GLY A 710 23.36 -17.30 -22.99
CA GLY A 710 23.01 -15.90 -22.86
C GLY A 710 22.14 -15.61 -21.64
N VAL A 711 21.15 -16.47 -21.39
CA VAL A 711 20.29 -16.27 -20.23
C VAL A 711 21.09 -16.44 -18.95
N ALA A 712 22.03 -17.39 -18.94
CA ALA A 712 22.89 -17.55 -17.77
C ALA A 712 23.74 -16.31 -17.54
N ARG A 713 24.31 -15.76 -18.62
CA ARG A 713 25.11 -14.54 -18.49
C ARG A 713 24.26 -13.41 -17.94
N VAL A 714 23.03 -13.26 -18.43
CA VAL A 714 22.15 -12.21 -17.93
C VAL A 714 21.86 -12.42 -16.45
N ARG A 715 21.57 -13.66 -16.07
CA ARG A 715 21.22 -13.95 -14.68
C ARG A 715 22.38 -13.63 -13.75
N LYS A 716 23.58 -14.03 -14.13
CA LYS A 716 24.73 -13.92 -13.23
C LYS A 716 25.51 -12.62 -13.40
N SER A 717 25.36 -11.93 -14.53
CA SER A 717 26.08 -10.68 -14.73
C SER A 717 25.63 -9.60 -13.77
N LYS A 718 24.46 -9.75 -13.15
CA LYS A 718 23.96 -8.77 -12.20
C LYS A 718 23.56 -7.47 -12.89
N GLY A 719 22.88 -7.60 -14.03
CA GLY A 719 22.30 -6.45 -14.70
C GLY A 719 23.18 -5.77 -15.72
N LYS A 720 24.36 -6.30 -16.01
CA LYS A 720 25.27 -5.70 -16.97
C LYS A 720 25.19 -6.36 -18.34
N TYR A 721 24.30 -7.32 -18.53
CA TYR A 721 24.17 -8.05 -19.79
C TYR A 721 22.72 -7.99 -20.26
N ALA A 722 22.54 -7.68 -21.54
CA ALA A 722 21.22 -7.62 -22.16
C ALA A 722 21.23 -8.53 -23.37
N TYR A 723 20.30 -9.49 -23.41
CA TYR A 723 20.22 -10.47 -24.48
C TYR A 723 19.07 -10.14 -25.40
N LEU A 724 19.32 -10.21 -26.70
CA LEU A 724 18.34 -9.93 -27.74
C LEU A 724 17.90 -11.25 -28.37
N LEU A 725 16.66 -11.64 -28.12
CA LEU A 725 16.12 -12.88 -28.65
C LEU A 725 14.71 -12.61 -29.17
N GLU A 726 14.00 -13.70 -29.47
CA GLU A 726 12.61 -13.61 -29.90
C GLU A 726 11.69 -13.45 -28.70
N SER A 727 10.60 -12.71 -28.91
CA SER A 727 9.76 -12.30 -27.80
C SER A 727 9.04 -13.47 -27.14
N THR A 728 8.63 -14.47 -27.91
CA THR A 728 7.87 -15.58 -27.33
C THR A 728 8.72 -16.35 -26.33
N MET A 729 9.96 -16.64 -26.69
CA MET A 729 10.84 -17.33 -25.77
C MET A 729 11.10 -16.49 -24.53
N ASN A 730 11.25 -15.18 -24.71
CA ASN A 730 11.47 -14.30 -23.57
C ASN A 730 10.28 -14.33 -22.62
N GLU A 731 9.07 -14.30 -23.16
CA GLU A 731 7.89 -14.36 -22.33
C GLU A 731 7.80 -15.70 -21.60
N TYR A 732 8.16 -16.79 -22.29
CA TYR A 732 8.15 -18.10 -21.64
C TYR A 732 9.17 -18.14 -20.50
N ILE A 733 10.38 -17.66 -20.75
CA ILE A 733 11.43 -17.65 -19.73
C ILE A 733 11.02 -16.80 -18.54
N GLU A 734 10.44 -15.63 -18.79
CA GLU A 734 10.08 -14.74 -17.68
C GLU A 734 9.09 -15.39 -16.72
N GLN A 735 8.37 -16.42 -17.15
CA GLN A 735 7.42 -17.13 -16.31
C GLN A 735 7.97 -18.46 -15.80
N ARG A 736 9.26 -18.70 -15.95
CA ARG A 736 9.91 -19.89 -15.43
C ARG A 736 10.83 -19.52 -14.28
N LYS A 737 10.86 -20.36 -13.25
CA LYS A 737 11.77 -20.12 -12.15
C LYS A 737 13.22 -20.17 -12.65
N PRO A 738 14.13 -19.43 -12.02
CA PRO A 738 13.96 -18.67 -10.77
C PRO A 738 13.30 -17.31 -10.93
N CYS A 739 12.69 -17.04 -12.08
CA CYS A 739 11.98 -15.79 -12.30
C CYS A 739 12.89 -14.59 -12.09
N ASP A 740 14.08 -14.67 -12.69
CA ASP A 740 15.11 -13.64 -12.52
C ASP A 740 15.19 -12.68 -13.69
N THR A 741 14.33 -12.82 -14.70
CA THR A 741 14.43 -12.03 -15.92
C THR A 741 13.07 -11.43 -16.27
N MET A 742 13.10 -10.33 -17.01
CA MET A 742 11.91 -9.78 -17.62
C MET A 742 12.17 -9.45 -19.08
N LYS A 743 11.11 -9.07 -19.77
CA LYS A 743 11.17 -8.47 -21.08
C LYS A 743 10.90 -6.98 -20.96
N VAL A 744 11.78 -6.18 -21.55
CA VAL A 744 11.68 -4.73 -21.46
C VAL A 744 11.60 -4.17 -22.87
N GLY A 745 10.78 -3.14 -23.05
CA GLY A 745 10.67 -2.49 -24.32
C GLY A 745 9.74 -3.23 -25.27
N GLY A 746 9.54 -2.61 -26.43
CA GLY A 746 8.70 -3.19 -27.44
C GLY A 746 9.45 -4.23 -28.25
N ASN A 747 9.26 -4.22 -29.56
CA ASN A 747 9.91 -5.17 -30.44
C ASN A 747 10.62 -4.43 -31.56
N LEU A 748 11.82 -4.90 -31.89
CA LEU A 748 12.67 -4.28 -32.89
C LEU A 748 12.31 -4.68 -34.31
N ASP A 749 11.39 -5.63 -34.48
CA ASP A 749 11.05 -6.15 -35.79
C ASP A 749 9.68 -6.80 -35.71
N SER A 750 9.12 -7.11 -36.87
CA SER A 750 7.84 -7.80 -36.98
C SER A 750 8.05 -9.09 -37.75
N LYS A 751 7.61 -10.20 -37.16
CA LYS A 751 7.69 -11.50 -37.79
C LYS A 751 6.40 -12.25 -37.49
N GLY A 752 6.28 -13.44 -38.05
CA GLY A 752 5.13 -14.28 -37.79
C GLY A 752 5.43 -15.75 -38.00
N TYR A 753 4.86 -16.58 -37.14
CA TYR A 753 5.00 -18.02 -37.28
C TYR A 753 3.87 -18.54 -38.14
N GLY A 754 4.22 -19.27 -39.19
CA GLY A 754 3.23 -19.69 -40.16
C GLY A 754 3.24 -21.17 -40.47
N ILE A 755 2.07 -21.80 -40.33
CA ILE A 755 1.84 -23.14 -40.83
C ILE A 755 2.27 -23.19 -42.29
N ALA A 756 2.78 -24.34 -42.73
CA ALA A 756 3.29 -24.50 -44.08
C ALA A 756 2.71 -25.76 -44.71
N THR A 757 2.46 -25.68 -46.02
CA THR A 757 2.00 -26.82 -46.79
C THR A 757 2.77 -26.86 -48.10
N PRO A 758 2.91 -28.03 -48.71
CA PRO A 758 3.60 -28.09 -50.00
C PRO A 758 2.80 -27.40 -51.08
N LYS A 759 3.51 -26.88 -52.08
CA LYS A 759 2.85 -26.23 -53.19
C LYS A 759 1.93 -27.21 -53.90
N GLY A 760 0.74 -26.73 -54.27
CA GLY A 760 -0.23 -27.55 -54.95
C GLY A 760 -1.11 -28.40 -54.06
N SER A 761 -1.00 -28.25 -52.75
CA SER A 761 -1.84 -29.03 -51.85
C SER A 761 -3.26 -28.46 -51.83
N SER A 762 -4.15 -29.19 -51.15
CA SER A 762 -5.51 -28.76 -50.93
C SER A 762 -5.79 -28.43 -49.47
N LEU A 763 -4.86 -28.77 -48.56
CA LEU A 763 -5.02 -28.40 -47.16
C LEU A 763 -4.66 -26.94 -46.90
N GLY A 764 -3.92 -26.32 -47.83
CA GLY A 764 -3.44 -24.96 -47.59
C GLY A 764 -4.57 -23.98 -47.39
N THR A 765 -5.56 -24.01 -48.27
CA THR A 765 -6.69 -23.09 -48.12
C THR A 765 -7.49 -23.35 -46.85
N PRO A 766 -7.88 -24.58 -46.54
CA PRO A 766 -8.61 -24.80 -45.28
C PRO A 766 -7.82 -24.37 -44.05
N VAL A 767 -6.50 -24.59 -44.02
CA VAL A 767 -5.74 -24.14 -42.85
C VAL A 767 -5.65 -22.61 -42.84
N ASN A 768 -5.48 -21.99 -44.00
CA ASN A 768 -5.48 -20.54 -44.09
C ASN A 768 -6.76 -19.97 -43.49
N LEU A 769 -7.89 -20.62 -43.76
CA LEU A 769 -9.15 -20.15 -43.18
C LEU A 769 -9.24 -20.53 -41.70
N ALA A 770 -8.67 -21.66 -41.32
CA ALA A 770 -8.82 -22.15 -39.96
C ALA A 770 -8.07 -21.27 -38.97
N VAL A 771 -6.86 -20.84 -39.32
CA VAL A 771 -6.10 -19.98 -38.41
C VAL A 771 -6.87 -18.69 -38.16
N LEU A 772 -7.48 -18.13 -39.20
CA LEU A 772 -8.31 -16.95 -39.02
C LEU A 772 -9.52 -17.26 -38.15
N LYS A 773 -10.12 -18.43 -38.33
CA LYS A 773 -11.22 -18.85 -37.46
C LYS A 773 -10.80 -18.76 -36.00
N LEU A 774 -9.67 -19.41 -35.68
CA LEU A 774 -9.23 -19.45 -34.29
C LEU A 774 -8.89 -18.05 -33.78
N SER A 775 -8.20 -17.26 -34.60
CA SER A 775 -7.81 -15.92 -34.17
C SER A 775 -9.04 -15.07 -33.86
N GLU A 776 -10.04 -15.11 -34.73
CA GLU A 776 -11.25 -14.32 -34.50
C GLU A 776 -12.02 -14.81 -33.29
N GLN A 777 -12.11 -16.13 -33.10
CA GLN A 777 -12.87 -16.64 -31.97
C GLN A 777 -12.15 -16.38 -30.65
N GLY A 778 -10.86 -16.68 -30.59
CA GLY A 778 -10.10 -16.42 -29.38
C GLY A 778 -9.29 -17.61 -28.93
N VAL A 779 -9.25 -18.67 -29.74
CA VAL A 779 -8.58 -19.90 -29.33
C VAL A 779 -7.09 -19.64 -29.12
N LEU A 780 -6.46 -18.92 -30.05
CA LEU A 780 -5.02 -18.72 -29.99
C LEU A 780 -4.63 -17.92 -28.76
N ASP A 781 -5.40 -16.89 -28.42
CA ASP A 781 -5.11 -16.13 -27.21
C ASP A 781 -5.23 -17.01 -25.97
N LYS A 782 -6.25 -17.87 -25.94
CA LYS A 782 -6.42 -18.76 -24.80
C LYS A 782 -5.24 -19.71 -24.67
N LEU A 783 -4.78 -20.28 -25.79
CA LEU A 783 -3.61 -21.14 -25.73
C LEU A 783 -2.38 -20.37 -25.26
N LYS A 784 -2.21 -19.13 -25.75
CA LYS A 784 -1.10 -18.31 -25.29
C LYS A 784 -1.12 -18.16 -23.77
N ASN A 785 -2.28 -17.79 -23.22
CA ASN A 785 -2.42 -17.74 -21.78
C ASN A 785 -2.10 -19.10 -21.16
N LYS A 786 -2.48 -20.17 -21.87
CA LYS A 786 -2.41 -21.51 -21.31
C LYS A 786 -0.98 -21.97 -21.09
N TRP A 787 -0.13 -21.82 -22.11
CA TRP A 787 1.24 -22.31 -22.01
C TRP A 787 2.23 -21.29 -21.46
N TRP A 788 1.89 -20.00 -21.47
CA TRP A 788 2.81 -18.96 -21.03
C TRP A 788 2.43 -18.38 -19.68
N TYR A 789 1.21 -17.87 -19.53
CA TYR A 789 0.82 -17.24 -18.28
C TYR A 789 0.37 -18.28 -17.26
N ASP A 790 -0.67 -19.04 -17.58
CA ASP A 790 -0.99 -20.22 -16.81
C ASP A 790 0.13 -21.25 -16.99
N LYS A 791 0.35 -22.04 -15.95
CA LYS A 791 1.57 -22.81 -15.78
C LYS A 791 2.75 -21.94 -15.40
N GLY A 792 2.49 -20.71 -14.96
CA GLY A 792 3.55 -19.82 -14.56
C GLY A 792 4.24 -20.31 -13.30
N GLU A 793 5.49 -20.78 -13.45
CA GLU A 793 6.29 -21.06 -12.27
C GLU A 793 6.42 -19.83 -11.40
N CYS A 794 6.41 -18.65 -12.02
CA CYS A 794 6.33 -17.39 -11.30
C CYS A 794 4.87 -17.12 -10.93
N GLY A 795 4.59 -15.89 -10.52
CA GLY A 795 3.24 -15.49 -10.20
C GLY A 795 2.73 -14.45 -11.18
N ALA A 796 1.86 -13.56 -10.70
CA ALA A 796 1.33 -12.48 -11.52
C ALA A 796 2.37 -11.37 -11.59
N LYS A 797 1.96 -10.19 -12.10
CA LYS A 797 2.88 -9.07 -12.18
C LYS A 797 3.39 -8.70 -10.79
N ASP A 798 2.53 -8.71 -9.78
CA ASP A 798 2.89 -8.42 -8.40
C ASP A 798 2.34 -9.56 -7.53
N SER A 799 3.12 -10.62 -7.38
CA SER A 799 2.68 -11.75 -6.57
C SER A 799 2.70 -11.40 -5.09
N GLY A 800 3.65 -10.56 -4.65
CA GLY A 800 3.75 -10.17 -3.26
C GLY A 800 3.87 -8.66 -3.14
N SER A 801 3.61 -8.18 -1.93
CA SER A 801 3.67 -6.75 -1.65
C SER A 801 3.85 -6.55 -0.15
N LYS A 802 4.24 -5.34 0.22
CA LYS A 802 4.43 -4.96 1.62
C LYS A 802 5.36 -5.94 2.33
N GLU A 803 6.47 -6.26 1.66
CA GLU A 803 7.44 -7.18 2.24
C GLU A 803 7.93 -6.65 3.58
N LYS A 804 7.96 -7.54 4.57
CA LYS A 804 8.34 -7.16 5.92
C LYS A 804 9.62 -6.33 5.90
N THR A 805 9.53 -5.11 6.43
CA THR A 805 10.63 -4.17 6.33
C THR A 805 11.84 -4.65 7.14
N SER A 806 13.01 -4.32 6.64
CA SER A 806 14.28 -4.72 7.24
C SER A 806 14.83 -3.58 8.09
N ALA A 807 15.34 -3.93 9.26
CA ALA A 807 16.02 -2.95 10.09
C ALA A 807 17.23 -2.39 9.38
N LEU A 808 17.50 -1.12 9.59
CA LEU A 808 18.63 -0.48 8.94
C LEU A 808 19.92 -1.13 9.38
N SER A 809 20.81 -1.33 8.42
CA SER A 809 22.09 -1.98 8.65
C SER A 809 23.21 -0.96 8.58
N LEU A 810 24.36 -1.33 9.13
CA LEU A 810 25.48 -0.42 9.19
C LEU A 810 25.87 0.09 7.82
N SER A 811 25.66 -0.71 6.78
CA SER A 811 25.99 -0.28 5.43
C SER A 811 25.17 0.92 4.99
N ASN A 812 23.98 1.12 5.57
CA ASN A 812 23.15 2.25 5.19
C ASN A 812 23.74 3.56 5.72
N VAL A 813 24.28 3.54 6.94
CA VAL A 813 24.72 4.76 7.61
C VAL A 813 26.20 4.66 7.97
N ALA A 814 26.98 3.96 7.16
CA ALA A 814 28.41 3.91 7.39
C ALA A 814 29.11 5.19 6.94
N GLY A 815 28.55 5.85 5.93
CA GLY A 815 29.17 7.06 5.43
C GLY A 815 29.26 8.14 6.49
N VAL A 816 28.21 8.27 7.30
CA VAL A 816 28.22 9.28 8.35
C VAL A 816 29.24 8.92 9.42
N PHE A 817 29.46 7.63 9.68
CA PHE A 817 30.54 7.22 10.57
C PHE A 817 31.90 7.63 10.01
N TYR A 818 32.10 7.40 8.71
CA TYR A 818 33.36 7.79 8.09
C TYR A 818 33.56 9.30 8.21
N ILE A 819 32.50 10.06 7.95
CA ILE A 819 32.57 11.51 8.04
C ILE A 819 32.92 11.93 9.46
N LEU A 820 32.30 11.29 10.45
CA LEU A 820 32.58 11.60 11.84
C LEU A 820 34.06 11.41 12.14
N VAL A 821 34.60 10.25 11.80
CA VAL A 821 35.98 9.96 12.14
C VAL A 821 36.92 10.90 11.40
N GLY A 822 36.61 11.20 10.14
CA GLY A 822 37.42 12.16 9.41
C GLY A 822 37.41 13.52 10.06
N GLY A 823 36.25 13.95 10.53
CA GLY A 823 36.16 15.22 11.24
C GLY A 823 36.98 15.23 12.51
N LEU A 824 36.98 14.12 13.25
CA LEU A 824 37.78 14.06 14.47
C LEU A 824 39.27 14.15 14.14
N GLY A 825 39.71 13.42 13.11
CA GLY A 825 41.09 13.52 12.70
C GLY A 825 41.46 14.93 12.28
N LEU A 826 40.59 15.57 11.52
CA LEU A 826 40.83 16.94 11.09
C LEU A 826 40.91 17.88 12.28
N ALA A 827 40.07 17.66 13.29
CA ALA A 827 40.09 18.50 14.48
C ALA A 827 41.41 18.37 15.21
N MET A 828 41.89 17.14 15.39
CA MET A 828 43.19 16.97 16.05
C MET A 828 44.29 17.61 15.24
N LEU A 829 44.24 17.47 13.92
CA LEU A 829 45.25 18.07 13.06
C LEU A 829 45.26 19.58 13.20
N VAL A 830 44.07 20.19 13.22
CA VAL A 830 43.98 21.63 13.36
C VAL A 830 44.50 22.08 14.72
N ALA A 831 44.18 21.33 15.76
CA ALA A 831 44.67 21.68 17.09
C ALA A 831 46.19 21.65 17.13
N LEU A 832 46.80 20.61 16.54
CA LEU A 832 48.26 20.55 16.52
C LEU A 832 48.85 21.69 15.71
N ILE A 833 48.21 22.04 14.59
CA ILE A 833 48.69 23.16 13.78
C ILE A 833 48.68 24.45 14.60
N GLU A 834 47.58 24.70 15.29
CA GLU A 834 47.50 25.90 16.13
C GLU A 834 48.56 25.85 17.22
N PHE A 835 48.77 24.69 17.81
CA PHE A 835 49.81 24.54 18.83
C PHE A 835 51.16 24.97 18.29
N CYS A 836 51.54 24.43 17.14
CA CYS A 836 52.85 24.74 16.57
C CYS A 836 52.94 26.21 16.18
N TYR A 837 51.87 26.77 15.60
CA TYR A 837 51.89 28.16 15.19
C TYR A 837 52.06 29.09 16.37
N LYS A 838 51.34 28.83 17.46
CA LYS A 838 51.41 29.72 18.61
C LYS A 838 52.71 29.55 19.38
N SER A 839 53.20 28.31 19.52
CA SER A 839 54.44 28.08 20.23
C SER A 839 55.64 28.67 19.49
N ARG A 840 55.51 28.95 18.20
CA ARG A 840 56.60 29.50 17.41
C ARG A 840 56.27 30.90 16.93
N GLU B 16 4.40 59.62 25.26
CA GLU B 16 3.92 60.27 26.47
C GLU B 16 2.97 59.36 27.23
N LYS B 17 2.11 59.95 28.06
CA LYS B 17 1.14 59.21 28.86
C LYS B 17 -0.30 59.47 28.43
N GLY B 18 -0.72 60.74 28.38
CA GLY B 18 -2.05 61.04 27.90
C GLY B 18 -2.28 60.56 26.47
N VAL B 19 -1.24 60.67 25.64
CA VAL B 19 -1.33 60.15 24.27
C VAL B 19 -1.59 58.65 24.29
N GLN B 20 -0.87 57.92 25.14
CA GLN B 20 -1.04 56.48 25.21
C GLN B 20 -2.44 56.13 25.72
N VAL B 21 -2.94 56.86 26.70
CA VAL B 21 -4.28 56.61 27.21
C VAL B 21 -5.33 56.88 26.13
N LEU B 22 -5.13 57.96 25.38
CA LEU B 22 -6.06 58.29 24.30
C LEU B 22 -6.08 57.16 23.26
N LEU B 23 -4.90 56.69 22.87
CA LEU B 23 -4.85 55.59 21.91
C LEU B 23 -5.49 54.33 22.48
N THR B 24 -5.25 54.06 23.75
CA THR B 24 -5.92 52.95 24.42
C THR B 24 -7.43 53.04 24.26
N THR B 25 -8.00 54.19 24.61
CA THR B 25 -9.45 54.34 24.55
C THR B 25 -9.96 54.21 23.13
N ILE B 26 -9.27 54.85 22.17
CA ILE B 26 -9.72 54.81 20.79
C ILE B 26 -9.67 53.39 20.26
N GLY B 27 -8.60 52.66 20.55
CA GLY B 27 -8.51 51.28 20.11
C GLY B 27 -9.58 50.41 20.74
N ALA B 28 -9.89 50.63 22.01
CA ALA B 28 -10.95 49.87 22.67
C ALA B 28 -12.27 50.08 21.96
N PHE B 29 -12.63 51.34 21.71
CA PHE B 29 -13.90 51.63 21.05
C PHE B 29 -13.93 51.07 19.63
N ALA B 30 -12.82 51.21 18.90
CA ALA B 30 -12.78 50.69 17.54
C ALA B 30 -12.93 49.17 17.52
N ALA B 31 -12.25 48.48 18.43
CA ALA B 31 -12.37 47.03 18.49
C ALA B 31 -13.78 46.61 18.86
N PHE B 32 -14.40 47.33 19.81
CA PHE B 32 -15.77 47.02 20.18
C PHE B 32 -16.70 47.16 18.98
N GLY B 33 -16.57 48.26 18.25
CA GLY B 33 -17.41 48.45 17.07
C GLY B 33 -17.17 47.40 16.01
N LEU B 34 -15.90 47.07 15.77
CA LEU B 34 -15.57 46.07 14.76
C LEU B 34 -16.18 44.73 15.12
N MET B 35 -16.03 44.30 16.37
CA MET B 35 -16.59 43.02 16.79
C MET B 35 -18.10 43.04 16.70
N THR B 36 -18.73 44.14 17.10
CA THR B 36 -20.18 44.23 17.05
C THR B 36 -20.69 44.06 15.62
N ILE B 37 -20.14 44.84 14.69
CA ILE B 37 -20.64 44.76 13.33
C ILE B 37 -20.26 43.44 12.68
N ALA B 38 -19.11 42.88 13.04
CA ALA B 38 -18.75 41.56 12.52
C ALA B 38 -19.77 40.52 12.95
N ILE B 39 -20.24 40.61 14.20
CA ILE B 39 -21.31 39.74 14.65
C ILE B 39 -22.59 40.01 13.86
N SER B 40 -22.90 41.28 13.62
CA SER B 40 -24.21 41.69 13.12
C SER B 40 -24.19 42.08 11.63
N THR B 41 -23.44 41.36 10.81
CA THR B 41 -23.40 41.62 9.37
C THR B 41 -23.60 40.41 8.48
N ASP B 42 -23.50 39.20 9.02
CA ASP B 42 -23.80 37.97 8.29
C ASP B 42 -23.16 37.95 6.90
N TYR B 43 -21.92 38.42 6.82
CA TYR B 43 -21.10 38.31 5.61
C TYR B 43 -19.83 37.50 5.89
N TRP B 44 -19.91 36.53 6.80
CA TRP B 44 -18.71 35.82 7.22
C TRP B 44 -18.20 34.88 6.14
N LEU B 45 -19.09 34.13 5.51
CA LEU B 45 -18.70 33.01 4.67
C LEU B 45 -19.43 33.05 3.34
N TYR B 46 -18.74 32.60 2.29
CA TYR B 46 -19.31 32.40 0.98
C TYR B 46 -19.18 30.93 0.61
N THR B 47 -20.25 30.32 0.16
CA THR B 47 -20.24 28.90 -0.16
C THR B 47 -21.50 28.55 -0.93
N ARG B 48 -21.72 27.25 -1.14
CA ARG B 48 -22.96 26.72 -1.72
C ARG B 48 -23.69 25.93 -0.65
N ALA B 49 -25.02 26.01 -0.65
CA ALA B 49 -25.81 25.59 0.49
C ALA B 49 -26.78 24.45 0.21
N LEU B 50 -27.32 24.34 -1.00
CA LEU B 50 -28.42 23.48 -1.38
C LEU B 50 -29.76 24.03 -0.89
N ILE B 51 -29.77 25.11 -0.11
CA ILE B 51 -31.03 25.72 0.31
C ILE B 51 -31.60 26.59 -0.80
N CYS B 52 -30.76 27.07 -1.71
CA CYS B 52 -31.18 27.87 -2.84
C CYS B 52 -31.27 27.00 -4.08
N ASN B 53 -32.22 27.33 -4.95
CA ASN B 53 -32.46 26.54 -6.14
C ASN B 53 -32.75 27.46 -7.33
N ASP B 77 -26.21 19.42 -9.17
CA ASP B 77 -26.75 20.49 -8.36
C ASP B 77 -26.00 20.62 -7.04
N PRO B 78 -24.75 21.08 -7.10
CA PRO B 78 -23.98 21.27 -5.85
C PRO B 78 -24.61 22.31 -4.93
N GLY B 79 -25.44 23.20 -5.45
CA GLY B 79 -26.12 24.20 -4.66
C GLY B 79 -25.93 25.59 -5.23
N GLY B 80 -26.66 26.53 -4.62
CA GLY B 80 -26.63 27.92 -5.04
C GLY B 80 -25.74 28.76 -4.15
N LEU B 81 -25.18 29.81 -4.73
CA LEU B 81 -24.31 30.71 -3.99
C LEU B 81 -25.05 31.28 -2.78
N THR B 82 -24.28 31.75 -1.81
CA THR B 82 -24.82 32.29 -0.57
C THR B 82 -23.70 32.95 0.20
N HIS B 83 -24.05 34.04 0.88
CA HIS B 83 -23.12 34.74 1.76
C HIS B 83 -23.65 34.54 3.17
N SER B 84 -23.16 33.48 3.81
CA SER B 84 -23.67 33.07 5.11
C SER B 84 -23.21 34.06 6.17
N GLY B 85 -23.48 33.73 7.43
CA GLY B 85 -23.13 34.58 8.53
C GLY B 85 -22.88 33.82 9.81
N LEU B 86 -23.03 34.51 10.94
CA LEU B 86 -22.91 33.88 12.24
C LEU B 86 -24.24 33.38 12.77
N TRP B 87 -25.31 34.11 12.50
CA TRP B 87 -26.66 33.72 12.91
C TRP B 87 -27.50 33.19 11.76
N ARG B 88 -27.61 33.96 10.67
CA ARG B 88 -28.55 33.67 9.60
C ARG B 88 -27.82 33.55 8.27
N ILE B 89 -27.80 32.34 7.72
CA ILE B 89 -27.37 32.17 6.34
C ILE B 89 -28.25 33.05 5.46
N CYS B 90 -27.77 33.35 4.26
CA CYS B 90 -28.53 34.25 3.41
C CYS B 90 -28.05 34.12 1.97
N CYS B 91 -28.99 34.20 1.04
CA CYS B 91 -28.80 33.79 -0.34
C CYS B 91 -28.75 35.00 -1.28
N LEU B 92 -28.12 34.81 -2.43
CA LEU B 92 -27.97 35.87 -3.41
C LEU B 92 -28.11 35.35 -4.84
N GLU B 93 -28.90 34.29 -5.05
CA GLU B 93 -29.18 33.78 -6.38
C GLU B 93 -30.68 33.54 -6.53
N GLY B 94 -31.16 33.70 -7.77
CA GLY B 94 -32.57 33.47 -8.06
C GLY B 94 -33.45 34.58 -7.50
N LEU B 95 -34.75 34.30 -7.54
CA LEU B 95 -35.73 35.23 -6.99
C LEU B 95 -35.67 35.31 -5.47
N LYS B 96 -35.00 34.37 -4.81
CA LYS B 96 -34.83 34.41 -3.37
C LYS B 96 -33.78 35.42 -2.93
N ARG B 97 -33.08 36.03 -3.88
CA ARG B 97 -32.06 37.02 -3.54
C ARG B 97 -32.66 38.14 -2.69
N GLY B 98 -31.95 38.50 -1.63
CA GLY B 98 -32.38 39.53 -0.73
C GLY B 98 -33.29 39.06 0.39
N VAL B 99 -33.71 37.81 0.38
CA VAL B 99 -34.56 37.24 1.42
C VAL B 99 -33.85 36.02 1.99
N CYS B 100 -33.93 35.86 3.30
CA CYS B 100 -33.09 34.90 3.99
C CYS B 100 -33.46 34.82 5.47
N VAL B 101 -33.05 33.71 6.09
CA VAL B 101 -33.65 33.20 7.31
C VAL B 101 -32.55 32.71 8.24
N LYS B 102 -32.95 32.44 9.49
CA LYS B 102 -32.03 31.94 10.50
C LYS B 102 -31.58 30.53 10.16
N ILE B 103 -30.77 29.95 11.05
CA ILE B 103 -30.25 28.60 10.90
C ILE B 103 -30.72 27.77 12.09
N ASN B 104 -30.53 26.46 11.98
CA ASN B 104 -30.90 25.54 13.05
C ASN B 104 -29.75 25.26 14.00
N HIS B 105 -28.60 24.85 13.46
CA HIS B 105 -27.44 24.38 14.21
C HIS B 105 -27.69 23.02 14.86
N PHE B 106 -28.83 22.39 14.60
CA PHE B 106 -29.13 21.07 15.12
C PHE B 106 -29.94 20.29 14.08
N PRO B 107 -29.39 20.08 12.88
CA PRO B 107 -30.19 19.42 11.84
C PRO B 107 -30.59 17.99 12.20
N GLU B 108 -29.62 17.15 12.51
CA GLU B 108 -29.89 15.77 12.88
C GLU B 108 -30.32 15.70 14.34
N ASP B 109 -30.41 14.50 14.89
CA ASP B 109 -30.85 14.27 16.26
C ASP B 109 -29.69 13.79 17.12
N THR B 110 -29.66 14.25 18.37
CA THR B 110 -28.64 13.85 19.34
C THR B 110 -29.30 13.76 20.71
N ASP B 111 -28.47 13.69 21.75
CA ASP B 111 -28.96 13.62 23.13
C ASP B 111 -29.06 15.04 23.68
N TYR B 112 -30.27 15.42 24.09
CA TYR B 112 -30.50 16.81 24.53
C TYR B 112 -29.71 17.12 25.80
N ASP B 113 -29.86 16.28 26.83
CA ASP B 113 -29.22 16.57 28.11
C ASP B 113 -27.70 16.46 28.00
N HIS B 114 -27.20 15.34 27.48
CA HIS B 114 -25.76 15.15 27.32
C HIS B 114 -25.54 14.05 26.30
N ASP B 115 -25.06 14.42 25.11
CA ASP B 115 -24.79 13.48 24.04
C ASP B 115 -23.29 13.27 23.83
N SER B 116 -22.55 14.32 23.51
CA SER B 116 -21.12 14.22 23.24
C SER B 116 -20.54 15.60 23.04
N ALA B 117 -19.22 15.68 22.81
CA ALA B 117 -18.61 16.97 22.55
C ALA B 117 -19.22 17.68 21.34
N GLU B 118 -19.82 16.92 20.42
CA GLU B 118 -20.48 17.55 19.27
C GLU B 118 -21.64 18.44 19.71
N TYR B 119 -22.43 17.96 20.68
CA TYR B 119 -23.54 18.77 21.18
C TYR B 119 -23.05 20.06 21.81
N LEU B 120 -22.02 19.97 22.64
CA LEU B 120 -21.49 21.16 23.28
C LEU B 120 -20.92 22.13 22.24
N LEU B 121 -20.22 21.59 21.23
CA LEU B 121 -19.68 22.44 20.18
C LEU B 121 -20.80 23.17 19.45
N ARG B 122 -21.88 22.46 19.12
CA ARG B 122 -22.96 23.08 18.38
C ARG B 122 -23.69 24.11 19.23
N VAL B 123 -23.83 23.83 20.53
CA VAL B 123 -24.44 24.81 21.43
C VAL B 123 -23.61 26.08 21.49
N VAL B 124 -22.29 25.92 21.64
CA VAL B 124 -21.42 27.09 21.72
C VAL B 124 -21.46 27.88 20.41
N ARG B 125 -21.43 27.17 19.28
CA ARG B 125 -21.48 27.84 17.99
C ARG B 125 -22.78 28.61 17.82
N ALA B 126 -23.91 28.01 18.20
CA ALA B 126 -25.19 28.69 18.07
C ALA B 126 -25.26 29.90 18.98
N SER B 127 -24.86 29.73 20.23
CA SER B 127 -24.87 30.85 21.17
C SER B 127 -23.88 31.92 20.74
N SER B 128 -22.73 31.51 20.22
CA SER B 128 -21.66 32.45 19.87
C SER B 128 -21.32 33.33 21.07
N ILE B 129 -21.29 32.71 22.25
CA ILE B 129 -21.09 33.47 23.48
C ILE B 129 -19.66 33.94 23.62
N PHE B 130 -18.73 33.39 22.85
CA PHE B 130 -17.33 33.76 23.01
C PHE B 130 -17.05 35.10 22.34
N PRO B 131 -17.45 35.31 21.08
CA PRO B 131 -17.33 36.65 20.51
C PRO B 131 -18.09 37.71 21.28
N ILE B 132 -19.29 37.37 21.75
CA ILE B 132 -20.07 38.33 22.52
C ILE B 132 -19.36 38.66 23.83
N LEU B 133 -18.80 37.64 24.47
CA LEU B 133 -18.02 37.85 25.68
C LEU B 133 -16.82 38.75 25.40
N SER B 134 -16.17 38.53 24.26
CA SER B 134 -15.02 39.37 23.90
C SER B 134 -15.43 40.82 23.76
N ALA B 135 -16.55 41.07 23.07
CA ALA B 135 -17.02 42.43 22.91
C ALA B 135 -17.38 43.06 24.25
N ILE B 136 -18.02 42.28 25.13
CA ILE B 136 -18.37 42.79 26.45
C ILE B 136 -17.11 43.16 27.22
N LEU B 137 -16.08 42.31 27.15
CA LEU B 137 -14.84 42.58 27.85
C LEU B 137 -14.16 43.82 27.30
N LEU B 138 -14.19 44.00 25.98
CA LEU B 138 -13.64 45.22 25.40
C LEU B 138 -14.38 46.45 25.92
N LEU B 139 -15.70 46.36 25.99
CA LEU B 139 -16.47 47.48 26.52
C LEU B 139 -16.09 47.77 27.95
N LEU B 140 -15.97 46.74 28.77
CA LEU B 140 -15.63 46.95 30.18
C LEU B 140 -14.23 47.54 30.33
N GLY B 141 -13.28 47.10 29.51
CA GLY B 141 -11.97 47.69 29.55
C GLY B 141 -11.99 49.16 29.16
N GLY B 142 -12.78 49.49 28.13
CA GLY B 142 -12.92 50.89 27.75
C GLY B 142 -13.51 51.71 28.88
N VAL B 143 -14.53 51.18 29.54
CA VAL B 143 -15.14 51.88 30.68
C VAL B 143 -14.10 52.10 31.78
N CYS B 144 -13.33 51.06 32.09
CA CYS B 144 -12.34 51.17 33.16
C CYS B 144 -11.31 52.23 32.83
N VAL B 145 -10.78 52.19 31.61
CA VAL B 145 -9.73 53.14 31.25
C VAL B 145 -10.27 54.56 31.22
N ALA B 146 -11.50 54.73 30.71
CA ALA B 146 -12.10 56.06 30.71
C ALA B 146 -12.32 56.57 32.12
N ALA B 147 -12.80 55.71 33.02
CA ALA B 147 -12.97 56.09 34.41
C ALA B 147 -11.64 56.43 35.06
N SER B 148 -10.55 55.81 34.58
CA SER B 148 -9.25 56.07 35.18
C SER B 148 -8.90 57.55 35.20
N ARG B 149 -9.38 58.31 34.22
CA ARG B 149 -9.13 59.75 34.21
C ARG B 149 -9.56 60.38 35.53
N VAL B 150 -10.77 60.06 35.98
CA VAL B 150 -11.14 60.33 37.36
C VAL B 150 -10.59 59.25 38.26
N TYR B 151 -10.39 59.58 39.53
CA TYR B 151 -9.66 58.70 40.45
C TYR B 151 -8.27 58.38 39.89
N LYS B 152 -7.57 59.43 39.45
CA LYS B 152 -6.24 59.24 38.89
C LYS B 152 -5.29 58.59 39.89
N SER B 153 -5.60 58.68 41.19
CA SER B 153 -4.75 58.05 42.19
C SER B 153 -4.67 56.55 41.99
N LYS B 154 -5.80 55.91 41.70
CA LYS B 154 -5.83 54.47 41.53
C LYS B 154 -5.01 54.05 40.32
N ARG B 155 -4.47 52.84 40.39
CA ARG B 155 -3.60 52.33 39.34
C ARG B 155 -4.08 50.97 38.84
N ASN B 156 -4.77 50.23 39.71
CA ASN B 156 -5.27 48.91 39.33
C ASN B 156 -6.34 48.98 38.25
N ILE B 157 -6.88 50.17 37.98
CA ILE B 157 -7.89 50.32 36.94
C ILE B 157 -7.32 49.91 35.59
N ILE B 158 -6.13 50.43 35.26
CA ILE B 158 -5.52 50.13 33.97
C ILE B 158 -5.15 48.66 33.89
N LEU B 159 -4.70 48.08 35.01
CA LEU B 159 -4.39 46.66 35.05
C LEU B 159 -5.62 45.83 34.73
N GLY B 160 -6.74 46.15 35.37
CA GLY B 160 -7.97 45.44 35.06
C GLY B 160 -8.35 45.59 33.60
N ALA B 161 -8.20 46.79 33.05
CA ALA B 161 -8.52 47.01 31.66
C ALA B 161 -7.68 46.12 30.75
N GLY B 162 -6.37 46.05 31.02
CA GLY B 162 -5.51 45.21 30.22
C GLY B 162 -5.87 43.74 30.31
N ILE B 163 -6.17 43.28 31.53
CA ILE B 163 -6.60 41.90 31.70
C ILE B 163 -7.84 41.62 30.87
N LEU B 164 -8.80 42.54 30.90
CA LEU B 164 -10.03 42.36 30.14
C LEU B 164 -9.74 42.29 28.65
N PHE B 165 -8.87 43.17 28.15
CA PHE B 165 -8.56 43.16 26.73
C PHE B 165 -7.90 41.86 26.30
N VAL B 166 -6.96 41.36 27.10
CA VAL B 166 -6.29 40.12 26.75
C VAL B 166 -7.27 38.96 26.77
N ALA B 167 -8.12 38.90 27.79
CA ALA B 167 -9.13 37.85 27.83
C ALA B 167 -10.06 37.94 26.63
N ALA B 168 -10.36 39.16 26.19
CA ALA B 168 -11.18 39.34 24.99
C ALA B 168 -10.50 38.73 23.78
N GLY B 169 -9.20 38.96 23.64
CA GLY B 169 -8.47 38.36 22.54
C GLY B 169 -8.53 36.84 22.58
N LEU B 170 -8.34 36.26 23.76
CA LEU B 170 -8.41 34.81 23.90
C LEU B 170 -9.79 34.30 23.50
N SER B 171 -10.83 34.96 23.98
CA SER B 171 -12.19 34.53 23.65
C SER B 171 -12.43 34.63 22.16
N ASN B 172 -11.91 35.67 21.52
CA ASN B 172 -12.10 35.83 20.08
C ASN B 172 -11.45 34.70 19.31
N ILE B 173 -10.22 34.34 19.67
CA ILE B 173 -9.55 33.27 18.95
C ILE B 173 -10.26 31.95 19.18
N ILE B 174 -10.74 31.71 20.40
CA ILE B 174 -11.53 30.51 20.64
C ILE B 174 -12.79 30.52 19.76
N GLY B 175 -13.43 31.68 19.66
CA GLY B 175 -14.66 31.76 18.88
C GLY B 175 -14.43 31.42 17.42
N VAL B 176 -13.36 31.94 16.84
CA VAL B 176 -13.10 31.64 15.44
C VAL B 176 -12.74 30.16 15.27
N ILE B 177 -12.01 29.60 16.23
CA ILE B 177 -11.69 28.17 16.15
C ILE B 177 -12.98 27.36 16.16
N VAL B 178 -13.91 27.70 17.05
CA VAL B 178 -15.18 26.98 17.14
C VAL B 178 -15.95 27.11 15.84
N TYR B 179 -16.05 28.33 15.31
CA TYR B 179 -16.77 28.56 14.07
C TYR B 179 -16.22 27.68 12.95
N ILE B 180 -14.90 27.71 12.76
CA ILE B 180 -14.30 26.95 11.67
C ILE B 180 -14.49 25.46 11.89
N SER B 181 -14.30 24.98 13.12
CA SER B 181 -14.47 23.56 13.38
C SER B 181 -15.91 23.11 13.18
N ALA B 182 -16.86 24.02 13.39
CA ALA B 182 -18.27 23.69 13.21
C ALA B 182 -18.71 23.75 11.75
N ASN B 183 -18.00 24.51 10.92
CA ASN B 183 -18.35 24.61 9.50
C ASN B 183 -17.70 23.53 8.66
N ALA B 184 -17.38 22.38 9.24
CA ALA B 184 -16.77 21.28 8.52
C ALA B 184 -17.80 20.19 8.29
N GLY B 185 -17.94 19.77 7.03
CA GLY B 185 -18.94 18.76 6.70
C GLY B 185 -18.65 17.41 7.32
N GLU B 186 -17.39 16.97 7.25
CA GLU B 186 -17.00 15.67 7.79
C GLU B 186 -15.51 15.42 7.59
N LYS B 196 -15.34 17.96 -3.59
CA LYS B 196 -14.43 19.09 -3.71
C LYS B 196 -15.19 20.41 -3.71
N ASN B 197 -15.73 20.78 -2.55
CA ASN B 197 -16.47 22.02 -2.42
C ASN B 197 -15.51 23.20 -2.29
N HIS B 198 -16.08 24.40 -2.27
CA HIS B 198 -15.32 25.63 -2.20
C HIS B 198 -15.97 26.56 -1.18
N TYR B 199 -15.15 27.40 -0.56
CA TYR B 199 -15.65 28.38 0.38
C TYR B 199 -14.65 29.53 0.47
N SER B 200 -15.11 30.61 1.08
CA SER B 200 -14.28 31.81 1.25
C SER B 200 -14.85 32.60 2.40
N TYR B 201 -14.06 33.54 2.89
CA TYR B 201 -14.39 34.32 4.07
C TYR B 201 -14.56 35.78 3.70
N GLY B 202 -15.49 36.46 4.38
CA GLY B 202 -15.84 37.82 4.09
C GLY B 202 -15.33 38.80 5.13
N TRP B 203 -15.64 40.07 4.89
CA TRP B 203 -15.04 41.16 5.66
C TRP B 203 -15.42 41.13 7.13
N SER B 204 -16.52 40.49 7.50
CA SER B 204 -16.83 40.35 8.92
C SER B 204 -15.78 39.52 9.63
N PHE B 205 -15.32 38.45 8.97
CA PHE B 205 -14.27 37.60 9.52
C PHE B 205 -13.01 38.41 9.82
N TYR B 206 -12.53 39.15 8.82
CA TYR B 206 -11.35 39.96 8.99
C TYR B 206 -11.57 41.07 10.00
N PHE B 207 -12.80 41.56 10.13
CA PHE B 207 -13.09 42.56 11.14
C PHE B 207 -12.94 42.00 12.54
N GLY B 208 -13.43 40.78 12.76
CA GLY B 208 -13.20 40.13 14.04
C GLY B 208 -11.72 39.94 14.32
N GLY B 209 -10.97 39.52 13.31
CA GLY B 209 -9.54 39.39 13.50
C GLY B 209 -8.86 40.69 13.88
N LEU B 210 -9.25 41.78 13.20
CA LEU B 210 -8.70 43.09 13.53
C LEU B 210 -9.07 43.49 14.95
N SER B 211 -10.28 43.15 15.39
CA SER B 211 -10.65 43.42 16.77
C SER B 211 -9.72 42.70 17.72
N PHE B 212 -9.40 41.43 17.43
CA PHE B 212 -8.48 40.70 18.28
C PHE B 212 -7.12 41.39 18.34
N ILE B 213 -6.60 41.77 17.19
CA ILE B 213 -5.28 42.42 17.14
C ILE B 213 -5.30 43.69 17.97
N LEU B 214 -6.32 44.52 17.78
CA LEU B 214 -6.40 45.77 18.53
C LEU B 214 -6.52 45.50 20.01
N ALA B 215 -7.24 44.45 20.39
CA ALA B 215 -7.36 44.11 21.80
C ALA B 215 -6.00 43.80 22.39
N GLU B 216 -5.19 43.01 21.68
CA GLU B 216 -3.87 42.67 22.19
C GLU B 216 -3.00 43.91 22.32
N VAL B 217 -3.00 44.76 21.28
CA VAL B 217 -2.20 45.98 21.32
C VAL B 217 -2.62 46.85 22.50
N ILE B 218 -3.92 47.00 22.71
CA ILE B 218 -4.42 47.86 23.77
C ILE B 218 -4.07 47.29 25.12
N GLY B 219 -4.09 45.97 25.27
CA GLY B 219 -3.65 45.37 26.51
C GLY B 219 -2.19 45.68 26.80
N VAL B 220 -1.34 45.58 25.77
CA VAL B 220 0.06 45.92 25.93
C VAL B 220 0.21 47.37 26.39
N LEU B 221 -0.50 48.29 25.73
CA LEU B 221 -0.39 49.69 26.08
C LEU B 221 -0.87 49.96 27.50
N ALA B 222 -1.98 49.33 27.89
CA ALA B 222 -2.49 49.52 29.25
C ALA B 222 -1.50 49.02 30.28
N VAL B 223 -0.89 47.87 30.03
CA VAL B 223 0.11 47.36 30.96
C VAL B 223 1.29 48.30 31.05
N ASN B 224 1.73 48.85 29.91
CA ASN B 224 2.82 49.81 29.94
C ASN B 224 2.44 51.06 30.75
N ILE B 225 1.19 51.50 30.62
CA ILE B 225 0.73 52.64 31.40
C ILE B 225 0.80 52.32 32.89
N TYR B 226 0.33 51.14 33.28
CA TYR B 226 0.39 50.76 34.68
C TYR B 226 1.82 50.71 35.16
N ILE B 227 2.73 50.23 34.32
CA ILE B 227 4.13 50.16 34.69
C ILE B 227 4.69 51.55 34.93
N GLU B 228 4.39 52.48 34.03
CA GLU B 228 4.86 53.86 34.20
C GLU B 228 4.30 54.47 35.48
N ARG B 229 3.01 54.24 35.75
CA ARG B 229 2.40 54.81 36.96
C ARG B 229 3.04 54.26 38.22
N SER B 230 3.30 52.94 38.25
CA SER B 230 3.99 52.36 39.40
C SER B 230 5.42 52.90 39.50
N ARG B 231 6.06 53.19 38.36
CA ARG B 231 7.37 53.80 38.38
C ARG B 231 7.32 55.16 39.05
N GLU B 232 6.29 55.96 38.75
CA GLU B 232 6.18 57.28 39.36
C GLU B 232 6.16 57.19 40.88
N ALA B 233 5.69 56.07 41.43
CA ALA B 233 5.71 55.84 42.88
C ALA B 233 7.11 55.43 43.27
N HIS B 234 7.97 56.42 43.53
CA HIS B 234 9.35 56.16 43.90
C HIS B 234 10.10 55.52 42.74
N GLU C 16 48.68 9.43 41.85
CA GLU C 16 50.05 9.93 41.76
C GLU C 16 50.45 10.13 40.31
N LYS C 17 51.76 10.11 40.04
CA LYS C 17 52.30 10.30 38.70
C LYS C 17 52.97 9.04 38.16
N GLY C 18 53.93 8.48 38.89
CA GLY C 18 54.54 7.24 38.46
C GLY C 18 53.53 6.11 38.33
N VAL C 19 52.54 6.08 39.23
CA VAL C 19 51.47 5.09 39.13
C VAL C 19 50.71 5.27 37.83
N GLN C 20 50.39 6.51 37.47
CA GLN C 20 49.66 6.76 36.24
C GLN C 20 50.49 6.38 35.02
N VAL C 21 51.78 6.67 35.05
CA VAL C 21 52.64 6.30 33.92
C VAL C 21 52.73 4.78 33.80
N LEU C 22 52.83 4.09 34.94
CA LEU C 22 52.88 2.63 34.91
C LEU C 22 51.62 2.07 34.29
N LEU C 23 50.46 2.59 34.72
CA LEU C 23 49.19 2.12 34.16
C LEU C 23 49.11 2.43 32.68
N THR C 24 49.58 3.61 32.28
CA THR C 24 49.65 3.95 30.86
C THR C 24 50.42 2.90 30.08
N THR C 25 51.63 2.57 30.54
CA THR C 25 52.46 1.61 29.82
C THR C 25 51.81 0.24 29.79
N ILE C 26 51.27 -0.21 30.92
CA ILE C 26 50.66 -1.54 30.98
C ILE C 26 49.47 -1.61 30.04
N GLY C 27 48.63 -0.58 30.04
CA GLY C 27 47.49 -0.57 29.15
C GLY C 27 47.90 -0.55 27.69
N ALA C 28 48.95 0.20 27.36
CA ALA C 28 49.43 0.21 25.99
C ALA C 28 49.86 -1.18 25.55
N PHE C 29 50.66 -1.85 26.37
CA PHE C 29 51.13 -3.19 26.00
C PHE C 29 49.96 -4.17 25.92
N ALA C 30 49.03 -4.10 26.86
CA ALA C 30 47.88 -5.00 26.84
C ALA C 30 47.03 -4.79 25.59
N ALA C 31 46.79 -3.53 25.22
CA ALA C 31 46.01 -3.26 24.03
C ALA C 31 46.73 -3.73 22.77
N PHE C 32 48.05 -3.54 22.73
CA PHE C 32 48.81 -4.01 21.58
C PHE C 32 48.69 -5.52 21.45
N GLY C 33 48.86 -6.25 22.56
CA GLY C 33 48.72 -7.69 22.50
C GLY C 33 47.33 -8.13 22.11
N LEU C 34 46.31 -7.49 22.68
CA LEU C 34 44.94 -7.84 22.35
C LEU C 34 44.66 -7.65 20.87
N MET C 35 45.06 -6.51 20.32
CA MET C 35 44.84 -6.25 18.90
C MET C 35 45.60 -7.25 18.04
N THR C 36 46.84 -7.55 18.42
CA THR C 36 47.64 -8.50 17.64
C THR C 36 46.96 -9.86 17.58
N ILE C 37 46.59 -10.41 18.73
CA ILE C 37 46.01 -11.75 18.72
C ILE C 37 44.61 -11.73 18.10
N ALA C 38 43.88 -10.63 18.25
CA ALA C 38 42.59 -10.53 17.58
C ALA C 38 42.75 -10.59 16.08
N ILE C 39 43.79 -9.95 15.56
CA ILE C 39 44.10 -10.07 14.14
C ILE C 39 44.48 -11.50 13.79
N SER C 40 45.28 -12.14 14.64
CA SER C 40 45.92 -13.41 14.32
C SER C 40 45.28 -14.62 15.01
N THR C 41 43.94 -14.65 15.09
CA THR C 41 43.25 -15.77 15.69
C THR C 41 42.09 -16.31 14.87
N ASP C 42 41.62 -15.59 13.86
CA ASP C 42 40.61 -16.08 12.93
C ASP C 42 39.43 -16.75 13.65
N TYR C 43 39.00 -16.15 14.77
CA TYR C 43 37.80 -16.56 15.47
C TYR C 43 36.79 -15.41 15.52
N TRP C 44 36.78 -14.56 14.50
CA TRP C 44 35.97 -13.35 14.55
C TRP C 44 34.48 -13.67 14.41
N LEU C 45 34.13 -14.53 13.47
CA LEU C 45 32.74 -14.71 13.05
C LEU C 45 32.38 -16.17 12.98
N TYR C 46 31.11 -16.46 13.31
CA TYR C 46 30.52 -17.78 13.17
C TYR C 46 29.34 -17.66 12.21
N THR C 47 29.28 -18.53 11.22
CA THR C 47 28.23 -18.46 10.21
C THR C 47 28.23 -19.75 9.41
N ARG C 48 27.45 -19.77 8.33
CA ARG C 48 27.44 -20.84 7.34
C ARG C 48 27.98 -20.29 6.03
N ALA C 49 28.73 -21.12 5.31
CA ALA C 49 29.58 -20.64 4.23
C ALA C 49 29.24 -21.19 2.86
N LEU C 50 28.75 -22.43 2.76
CA LEU C 50 28.60 -23.21 1.54
C LEU C 50 29.93 -23.77 1.06
N ILE C 51 31.05 -23.39 1.68
CA ILE C 51 32.34 -23.97 1.30
C ILE C 51 32.51 -25.35 1.91
N CYS C 52 31.82 -25.63 3.01
CA CYS C 52 31.87 -26.93 3.66
C CYS C 52 30.65 -27.75 3.26
N ASN C 53 30.85 -29.06 3.17
CA ASN C 53 29.80 -29.96 2.72
C ASN C 53 29.81 -31.24 3.55
N ASP C 77 20.35 -26.98 1.71
CA ASP C 77 21.77 -26.91 2.01
C ASP C 77 22.22 -25.47 2.22
N PRO C 78 21.81 -24.86 3.33
CA PRO C 78 22.25 -23.48 3.61
C PRO C 78 23.75 -23.37 3.80
N GLY C 79 24.43 -24.46 4.12
CA GLY C 79 25.87 -24.48 4.29
C GLY C 79 26.27 -25.10 5.61
N GLY C 80 27.58 -25.28 5.76
CA GLY C 80 28.16 -25.86 6.94
C GLY C 80 28.73 -24.82 7.88
N LEU C 81 28.72 -25.15 9.17
CA LEU C 81 29.24 -24.25 10.17
C LEU C 81 30.69 -23.90 9.88
N THR C 82 31.13 -22.77 10.44
CA THR C 82 32.48 -22.28 10.21
C THR C 82 32.75 -21.15 11.19
N HIS C 83 33.99 -21.07 11.66
CA HIS C 83 34.45 -19.98 12.51
C HIS C 83 35.43 -19.17 11.69
N SER C 84 34.91 -18.16 11.00
CA SER C 84 35.69 -17.38 10.05
C SER C 84 36.67 -16.51 10.81
N GLY C 85 37.36 -15.64 10.09
CA GLY C 85 38.34 -14.75 10.68
C GLY C 85 38.50 -13.47 9.90
N LEU C 86 39.66 -12.84 10.06
CA LEU C 86 39.99 -11.63 9.32
C LEU C 86 40.71 -11.93 8.02
N TRP C 87 41.56 -12.94 8.00
CA TRP C 87 42.29 -13.36 6.81
C TRP C 87 41.74 -14.64 6.21
N ARG C 88 41.62 -15.70 6.99
CA ARG C 88 41.32 -17.03 6.49
C ARG C 88 40.07 -17.57 7.18
N ILE C 89 38.99 -17.74 6.40
CA ILE C 89 37.86 -18.50 6.87
C ILE C 89 38.33 -19.89 7.25
N CYS C 90 37.55 -20.58 8.07
CA CYS C 90 37.99 -21.88 8.52
C CYS C 90 36.82 -22.67 9.08
N CYS C 91 36.81 -23.97 8.82
CA CYS C 91 35.65 -24.83 8.98
C CYS C 91 35.81 -25.77 10.17
N LEU C 92 34.66 -26.23 10.68
CA LEU C 92 34.66 -27.12 11.83
C LEU C 92 33.57 -28.20 11.71
N GLU C 93 33.23 -28.61 10.49
CA GLU C 93 32.29 -29.69 10.26
C GLU C 93 32.84 -30.66 9.23
N GLY C 94 32.48 -31.93 9.39
CA GLY C 94 32.91 -32.95 8.46
C GLY C 94 34.39 -33.30 8.65
N LEU C 95 34.89 -34.06 7.67
CA LEU C 95 36.31 -34.43 7.67
C LEU C 95 37.22 -33.25 7.39
N LYS C 96 36.68 -32.14 6.90
CA LYS C 96 37.47 -30.94 6.66
C LYS C 96 37.77 -30.18 7.94
N ARG C 97 37.21 -30.60 9.07
CA ARG C 97 37.46 -29.94 10.34
C ARG C 97 38.96 -29.89 10.62
N GLY C 98 39.42 -28.72 11.05
CA GLY C 98 40.81 -28.51 11.36
C GLY C 98 41.68 -28.10 10.18
N VAL C 99 41.13 -28.11 8.97
CA VAL C 99 41.86 -27.71 7.77
C VAL C 99 41.08 -26.58 7.11
N CYS C 100 41.80 -25.58 6.61
CA CYS C 100 41.17 -24.34 6.19
C CYS C 100 42.19 -23.41 5.53
N VAL C 101 41.66 -22.46 4.78
CA VAL C 101 42.40 -21.78 3.72
C VAL C 101 42.06 -20.29 3.75
N LYS C 102 42.84 -19.52 3.00
CA LYS C 102 42.65 -18.09 2.90
C LYS C 102 41.35 -17.77 2.16
N ILE C 103 41.10 -16.47 1.98
CA ILE C 103 39.91 -15.99 1.28
C ILE C 103 40.37 -15.19 0.07
N ASN C 104 39.41 -14.88 -0.80
CA ASN C 104 39.68 -14.09 -1.99
C ASN C 104 39.45 -12.60 -1.77
N HIS C 105 38.27 -12.23 -1.26
CA HIS C 105 37.82 -10.85 -1.14
C HIS C 105 37.51 -10.22 -2.49
N PHE C 106 37.58 -10.98 -3.58
CA PHE C 106 37.24 -10.48 -4.91
C PHE C 106 36.60 -11.60 -5.71
N PRO C 107 35.47 -12.15 -5.25
CA PRO C 107 34.88 -13.29 -5.97
C PRO C 107 34.44 -12.95 -7.38
N GLU C 108 33.60 -11.93 -7.54
CA GLU C 108 33.12 -11.53 -8.86
C GLU C 108 34.18 -10.65 -9.53
N ASP C 109 33.82 -10.03 -10.64
CA ASP C 109 34.72 -9.20 -11.42
C ASP C 109 34.31 -7.74 -11.33
N THR C 110 35.32 -6.86 -11.27
CA THR C 110 35.10 -5.42 -11.22
C THR C 110 36.21 -4.74 -12.02
N ASP C 111 36.34 -3.43 -11.87
CA ASP C 111 37.37 -2.65 -12.55
C ASP C 111 38.61 -2.59 -11.66
N TYR C 112 39.72 -3.10 -12.17
CA TYR C 112 40.94 -3.19 -11.37
C TYR C 112 41.46 -1.80 -10.99
N ASP C 113 41.64 -0.93 -11.97
CA ASP C 113 42.23 0.38 -11.70
C ASP C 113 41.29 1.24 -10.86
N HIS C 114 40.04 1.37 -11.29
CA HIS C 114 39.07 2.18 -10.56
C HIS C 114 37.67 1.75 -11.00
N ASP C 115 36.94 1.05 -10.13
CA ASP C 115 35.59 0.60 -10.43
C ASP C 115 34.54 1.40 -9.65
N SER C 116 34.60 1.37 -8.32
CA SER C 116 33.61 2.05 -7.50
C SER C 116 34.02 1.96 -6.03
N ALA C 117 33.23 2.55 -5.15
CA ALA C 117 33.53 2.46 -3.72
C ALA C 117 33.57 1.02 -3.25
N GLU C 118 32.88 0.11 -3.95
CA GLU C 118 32.94 -1.30 -3.56
C GLU C 118 34.36 -1.85 -3.67
N TYR C 119 35.08 -1.49 -4.74
CA TYR C 119 36.44 -1.97 -4.91
C TYR C 119 37.33 -1.46 -3.79
N LEU C 120 37.22 -0.16 -3.46
CA LEU C 120 38.03 0.39 -2.39
C LEU C 120 37.70 -0.27 -1.06
N LEU C 121 36.41 -0.50 -0.81
CA LEU C 121 36.02 -1.16 0.43
C LEU C 121 36.63 -2.56 0.51
N ARG C 122 36.58 -3.30 -0.58
CA ARG C 122 37.10 -4.67 -0.55
C ARG C 122 38.61 -4.67 -0.41
N VAL C 123 39.28 -3.70 -1.03
CA VAL C 123 40.73 -3.59 -0.88
C VAL C 123 41.09 -3.31 0.58
N VAL C 124 40.38 -2.36 1.20
CA VAL C 124 40.67 -2.02 2.59
C VAL C 124 40.39 -3.22 3.50
N ARG C 125 39.28 -3.92 3.26
CA ARG C 125 38.96 -5.08 4.08
C ARG C 125 40.02 -6.16 3.94
N ALA C 126 40.48 -6.42 2.72
CA ALA C 126 41.50 -7.45 2.52
C ALA C 126 42.81 -7.05 3.17
N SER C 127 43.24 -5.81 2.96
CA SER C 127 44.47 -5.34 3.57
C SER C 127 44.33 -5.29 5.08
N SER C 128 43.16 -4.90 5.58
CA SER C 128 42.95 -4.72 7.01
C SER C 128 44.01 -3.79 7.59
N ILE C 129 44.31 -2.73 6.84
CA ILE C 129 45.39 -1.84 7.23
C ILE C 129 45.00 -0.95 8.40
N PHE C 130 43.71 -0.86 8.71
CA PHE C 130 43.28 0.03 9.78
C PHE C 130 43.55 -0.60 11.14
N PRO C 131 43.15 -1.85 11.38
CA PRO C 131 43.56 -2.50 12.64
C PRO C 131 45.07 -2.60 12.80
N ILE C 132 45.79 -2.89 11.72
CA ILE C 132 47.24 -2.97 11.78
C ILE C 132 47.82 -1.61 12.13
N LEU C 133 47.29 -0.57 11.52
CA LEU C 133 47.72 0.79 11.84
C LEU C 133 47.45 1.10 13.30
N SER C 134 46.29 0.68 13.81
CA SER C 134 45.98 0.92 15.22
C SER C 134 46.99 0.25 16.12
N ALA C 135 47.33 -1.00 15.83
CA ALA C 135 48.31 -1.70 16.65
C ALA C 135 49.67 -1.02 16.57
N ILE C 136 50.07 -0.58 15.38
CA ILE C 136 51.33 0.12 15.21
C ILE C 136 51.34 1.39 16.06
N LEU C 137 50.24 2.14 16.02
CA LEU C 137 50.16 3.37 16.79
C LEU C 137 50.22 3.10 18.28
N LEU C 138 49.57 2.03 18.74
CA LEU C 138 49.67 1.66 20.15
C LEU C 138 51.11 1.35 20.51
N LEU C 139 51.81 0.62 19.65
CA LEU C 139 53.22 0.32 19.92
C LEU C 139 54.04 1.59 20.01
N LEU C 140 53.82 2.52 19.08
CA LEU C 140 54.60 3.75 19.08
C LEU C 140 54.30 4.58 20.31
N GLY C 141 53.05 4.63 20.74
CA GLY C 141 52.73 5.33 21.97
C GLY C 141 53.38 4.70 23.18
N GLY C 142 53.40 3.37 23.23
CA GLY C 142 54.11 2.69 24.31
C GLY C 142 55.59 3.02 24.31
N VAL C 143 56.21 3.04 23.13
CA VAL C 143 57.62 3.39 23.03
C VAL C 143 57.84 4.81 23.52
N CYS C 144 57.00 5.74 23.10
CA CYS C 144 57.16 7.13 23.49
C CYS C 144 57.06 7.28 25.00
N VAL C 145 56.03 6.68 25.60
CA VAL C 145 55.83 6.84 27.04
C VAL C 145 56.96 6.17 27.81
N ALA C 146 57.42 5.01 27.35
CA ALA C 146 58.55 4.36 28.01
C ALA C 146 59.81 5.21 27.93
N ALA C 147 60.07 5.78 26.74
CA ALA C 147 61.22 6.67 26.59
C ALA C 147 61.09 7.90 27.47
N SER C 148 59.86 8.33 27.76
CA SER C 148 59.67 9.52 28.57
C SER C 148 60.39 9.43 29.90
N ARG C 149 60.53 8.22 30.45
CA ARG C 149 61.26 8.07 31.70
C ARG C 149 62.65 8.67 31.60
N VAL C 150 63.36 8.36 30.53
CA VAL C 150 64.55 9.12 30.16
C VAL C 150 64.12 10.39 29.42
N TYR C 151 64.97 11.41 29.48
CA TYR C 151 64.59 12.74 29.01
C TYR C 151 63.32 13.22 29.72
N LYS C 152 63.32 13.09 31.05
CA LYS C 152 62.18 13.51 31.84
C LYS C 152 61.86 14.99 31.64
N SER C 153 62.83 15.77 31.20
CA SER C 153 62.61 17.20 30.96
C SER C 153 61.53 17.41 29.90
N LYS C 154 61.58 16.64 28.83
CA LYS C 154 60.62 16.80 27.74
C LYS C 154 59.22 16.45 28.20
N ARG C 155 58.23 17.09 27.59
CA ARG C 155 56.84 16.92 27.98
C ARG C 155 55.97 16.54 26.77
N ASN C 156 56.40 16.94 25.58
CA ASN C 156 55.65 16.63 24.37
C ASN C 156 55.63 15.14 24.07
N ILE C 157 56.48 14.35 24.73
CA ILE C 157 56.50 12.91 24.51
C ILE C 157 55.14 12.31 24.88
N ILE C 158 54.63 12.66 26.06
CA ILE C 158 53.36 12.11 26.52
C ILE C 158 52.23 12.59 25.62
N LEU C 159 52.30 13.84 25.16
CA LEU C 159 51.29 14.35 24.25
C LEU C 159 51.26 13.55 22.97
N GLY C 160 52.43 13.29 22.39
CA GLY C 160 52.47 12.45 21.20
C GLY C 160 51.91 11.07 21.46
N ALA C 161 52.23 10.49 22.60
CA ALA C 161 51.71 9.17 22.95
C ALA C 161 50.19 9.19 22.99
N GLY C 162 49.61 10.20 23.63
CA GLY C 162 48.17 10.29 23.70
C GLY C 162 47.52 10.46 22.35
N ILE C 163 48.13 11.30 21.50
CA ILE C 163 47.61 11.47 20.15
C ILE C 163 47.62 10.13 19.41
N LEU C 164 48.72 9.38 19.54
CA LEU C 164 48.80 8.09 18.87
C LEU C 164 47.73 7.15 19.36
N PHE C 165 47.50 7.10 20.67
CA PHE C 165 46.50 6.20 21.22
C PHE C 165 45.11 6.55 20.71
N VAL C 166 44.77 7.83 20.69
CA VAL C 166 43.45 8.24 20.23
C VAL C 166 43.28 7.90 18.75
N ALA C 167 44.30 8.18 17.94
CA ALA C 167 44.22 7.82 16.53
C ALA C 167 44.08 6.32 16.36
N ALA C 168 44.72 5.53 17.23
CA ALA C 168 44.55 4.09 17.18
C ALA C 168 43.10 3.71 17.42
N GLY C 169 42.47 4.34 18.41
CA GLY C 169 41.07 4.06 18.65
C GLY C 169 40.21 4.37 17.44
N LEU C 170 40.45 5.52 16.81
CA LEU C 170 39.68 5.89 15.62
C LEU C 170 39.87 4.86 14.52
N SER C 171 41.11 4.45 14.28
CA SER C 171 41.38 3.47 13.24
C SER C 171 40.69 2.16 13.55
N ASN C 172 40.68 1.76 14.82
CA ASN C 172 40.03 0.51 15.20
C ASN C 172 38.53 0.56 14.91
N ILE C 173 37.88 1.66 15.26
CA ILE C 173 36.44 1.73 15.03
C ILE C 173 36.15 1.76 13.53
N ILE C 174 36.99 2.45 12.76
CA ILE C 174 36.82 2.41 11.31
C ILE C 174 36.98 0.98 10.80
N GLY C 175 37.97 0.26 11.33
CA GLY C 175 38.21 -1.09 10.87
C GLY C 175 37.03 -2.00 11.11
N VAL C 176 36.42 -1.91 12.29
CA VAL C 176 35.28 -2.76 12.57
C VAL C 176 34.09 -2.36 11.69
N ILE C 177 33.93 -1.06 11.44
CA ILE C 177 32.85 -0.63 10.56
C ILE C 177 33.05 -1.24 9.18
N VAL C 178 34.27 -1.19 8.67
CA VAL C 178 34.56 -1.73 7.34
C VAL C 178 34.29 -3.23 7.31
N TYR C 179 34.77 -3.95 8.33
CA TYR C 179 34.57 -5.39 8.40
C TYR C 179 33.08 -5.72 8.33
N ILE C 180 32.28 -5.07 9.17
CA ILE C 180 30.86 -5.38 9.22
C ILE C 180 30.18 -5.02 7.91
N SER C 181 30.52 -3.86 7.35
CA SER C 181 29.91 -3.45 6.09
C SER C 181 30.28 -4.38 4.95
N ALA C 182 31.46 -5.00 5.03
CA ALA C 182 31.90 -5.91 3.99
C ALA C 182 31.33 -7.31 4.15
N ASN C 183 30.91 -7.69 5.36
CA ASN C 183 30.33 -9.00 5.59
C ASN C 183 28.82 -9.03 5.36
N ALA C 184 28.30 -8.14 4.52
CA ALA C 184 26.88 -8.07 4.22
C ALA C 184 26.64 -8.66 2.83
N GLY C 185 25.71 -9.62 2.75
CA GLY C 185 25.44 -10.26 1.47
C GLY C 185 24.83 -9.32 0.45
N GLU C 186 23.85 -8.53 0.87
CA GLU C 186 23.17 -7.60 -0.03
C GLU C 186 22.12 -6.80 0.71
N LYS C 196 16.96 -15.80 5.59
CA LYS C 196 17.09 -15.58 7.02
C LYS C 196 18.29 -16.32 7.58
N ASN C 197 19.49 -15.84 7.25
CA ASN C 197 20.71 -16.45 7.74
C ASN C 197 20.99 -16.02 9.18
N HIS C 198 22.03 -16.61 9.76
CA HIS C 198 22.43 -16.36 11.13
C HIS C 198 23.93 -16.16 11.20
N TYR C 199 24.36 -15.37 12.17
CA TYR C 199 25.78 -15.16 12.39
C TYR C 199 26.00 -14.72 13.83
N SER C 200 27.25 -14.77 14.25
CA SER C 200 27.63 -14.39 15.60
C SER C 200 29.11 -14.02 15.59
N TYR C 201 29.54 -13.36 16.66
CA TYR C 201 30.88 -12.82 16.75
C TYR C 201 31.63 -13.53 17.87
N GLY C 202 32.94 -13.70 17.66
CA GLY C 202 33.78 -14.43 18.58
C GLY C 202 34.72 -13.53 19.37
N TRP C 203 35.52 -14.18 20.21
CA TRP C 203 36.30 -13.45 21.21
C TRP C 203 37.36 -12.54 20.59
N SER C 204 37.79 -12.80 19.35
CA SER C 204 38.70 -11.86 18.71
C SER C 204 38.05 -10.50 18.51
N PHE C 205 36.78 -10.51 18.13
CA PHE C 205 36.02 -9.27 17.96
C PHE C 205 36.01 -8.45 19.24
N TYR C 206 35.62 -9.09 20.34
CA TYR C 206 35.57 -8.41 21.62
C TYR C 206 36.96 -8.01 22.09
N PHE C 207 37.99 -8.76 21.71
CA PHE C 207 39.36 -8.37 22.05
C PHE C 207 39.76 -7.09 21.34
N GLY C 208 39.41 -6.96 20.07
CA GLY C 208 39.65 -5.70 19.38
C GLY C 208 38.91 -4.55 20.04
N GLY C 209 37.66 -4.78 20.41
CA GLY C 209 36.92 -3.74 21.11
C GLY C 209 37.58 -3.31 22.41
N LEU C 210 38.05 -4.29 23.19
CA LEU C 210 38.74 -3.99 24.43
C LEU C 210 40.02 -3.20 24.17
N SER C 211 40.71 -3.54 23.08
CA SER C 211 41.89 -2.76 22.71
C SER C 211 41.52 -1.31 22.46
N PHE C 212 40.41 -1.08 21.77
CA PHE C 212 39.98 0.30 21.53
C PHE C 212 39.70 1.02 22.84
N ILE C 213 38.97 0.36 23.73
CA ILE C 213 38.64 0.99 25.01
C ILE C 213 39.91 1.35 25.78
N LEU C 214 40.84 0.40 25.85
CA LEU C 214 42.08 0.66 26.57
C LEU C 214 42.85 1.79 25.91
N ALA C 215 42.82 1.86 24.58
CA ALA C 215 43.52 2.94 23.91
C ALA C 215 42.95 4.29 24.33
N GLU C 216 41.62 4.40 24.37
CA GLU C 216 41.01 5.66 24.76
C GLU C 216 41.37 6.03 26.20
N VAL C 217 41.28 5.06 27.10
CA VAL C 217 41.61 5.31 28.50
C VAL C 217 43.06 5.78 28.63
N ILE C 218 43.96 5.11 27.92
CA ILE C 218 45.38 5.43 28.01
C ILE C 218 45.66 6.81 27.44
N GLY C 219 44.95 7.19 26.38
CA GLY C 219 45.09 8.54 25.87
C GLY C 219 44.66 9.58 26.89
N VAL C 220 43.54 9.32 27.57
CA VAL C 220 43.10 10.23 28.62
C VAL C 220 44.17 10.36 29.70
N LEU C 221 44.70 9.23 30.15
CA LEU C 221 45.70 9.27 31.22
C LEU C 221 46.97 9.99 30.77
N ALA C 222 47.40 9.77 29.54
CA ALA C 222 48.59 10.45 29.03
C ALA C 222 48.37 11.96 28.97
N VAL C 223 47.18 12.38 28.52
CA VAL C 223 46.91 13.80 28.47
C VAL C 223 46.90 14.39 29.87
N ASN C 224 46.33 13.67 30.84
CA ASN C 224 46.35 14.14 32.22
C ASN C 224 47.78 14.27 32.74
N ILE C 225 48.64 13.32 32.38
CA ILE C 225 50.04 13.39 32.78
C ILE C 225 50.68 14.64 32.20
N TYR C 226 50.44 14.91 30.92
CA TYR C 226 51.01 16.10 30.30
C TYR C 226 50.50 17.35 30.99
N ILE C 227 49.22 17.36 31.37
CA ILE C 227 48.64 18.51 32.05
C ILE C 227 49.34 18.73 33.38
N GLU C 228 49.53 17.66 34.15
CA GLU C 228 50.22 17.79 35.43
C GLU C 228 51.64 18.31 35.25
N ARG C 229 52.35 17.78 34.24
CA ARG C 229 53.73 18.20 34.02
C ARG C 229 53.80 19.68 33.65
N SER C 230 52.89 20.14 32.79
CA SER C 230 52.84 21.56 32.47
C SER C 230 52.46 22.39 33.69
N ARG C 231 51.62 21.84 34.57
CA ARG C 231 51.31 22.52 35.81
C ARG C 231 52.56 22.73 36.66
N GLU C 232 53.41 21.70 36.73
CA GLU C 232 54.63 21.82 37.53
C GLU C 232 55.49 22.98 37.06
N ALA C 233 55.37 23.36 35.79
CA ALA C 233 56.09 24.53 35.26
C ALA C 233 55.31 25.77 35.67
N HIS C 234 55.62 26.27 36.86
CA HIS C 234 54.94 27.45 37.40
C HIS C 234 53.46 27.15 37.63
N ASN D 414 0.72 -5.41 -70.49
CA ASN D 414 1.47 -4.16 -70.62
C ASN D 414 0.53 -2.96 -70.51
N ARG D 415 -0.39 -3.02 -69.57
CA ARG D 415 -1.38 -1.97 -69.33
C ARG D 415 -1.31 -1.52 -67.88
N THR D 416 -2.14 -0.53 -67.56
CA THR D 416 -2.14 0.05 -66.22
C THR D 416 -3.07 -0.74 -65.29
N TYR D 417 -2.95 -0.47 -64.00
CA TYR D 417 -3.73 -1.14 -62.97
C TYR D 417 -4.35 -0.11 -62.05
N ILE D 418 -5.66 -0.20 -61.85
CA ILE D 418 -6.41 0.78 -61.08
C ILE D 418 -6.35 0.35 -59.61
N VAL D 419 -5.29 0.78 -58.93
CA VAL D 419 -5.12 0.45 -57.52
C VAL D 419 -6.09 1.28 -56.70
N THR D 420 -6.83 0.63 -55.80
CA THR D 420 -7.75 1.31 -54.92
C THR D 420 -7.10 1.61 -53.59
N THR D 421 -7.53 2.71 -52.98
CA THR D 421 -7.02 3.13 -51.69
C THR D 421 -8.15 3.84 -50.95
N ILE D 422 -7.81 4.50 -49.85
CA ILE D 422 -8.78 5.25 -49.07
C ILE D 422 -8.02 6.25 -48.22
N LEU D 423 -8.58 7.46 -48.11
CA LEU D 423 -7.90 8.55 -47.43
C LEU D 423 -8.12 8.39 -45.93
N GLU D 424 -7.16 7.74 -45.28
CA GLU D 424 -7.13 7.64 -43.82
C GLU D 424 -5.70 7.90 -43.41
N ASP D 425 -5.46 9.06 -42.81
CA ASP D 425 -4.11 9.50 -42.54
C ASP D 425 -3.43 8.57 -41.55
N PRO D 426 -2.11 8.37 -41.67
CA PRO D 426 -1.19 8.86 -42.71
C PRO D 426 -0.99 7.89 -43.86
N TYR D 427 -1.86 6.88 -43.97
CA TYR D 427 -1.66 5.88 -45.01
C TYR D 427 -1.78 6.51 -46.39
N VAL D 428 -2.81 7.32 -46.61
CA VAL D 428 -2.95 8.08 -47.84
C VAL D 428 -3.39 9.50 -47.46
N MET D 429 -2.73 10.48 -48.05
CA MET D 429 -2.95 11.87 -47.72
C MET D 429 -3.11 12.68 -49.00
N LEU D 430 -3.79 13.82 -48.86
CA LEU D 430 -3.88 14.78 -49.95
C LEU D 430 -2.74 15.78 -49.83
N LYS D 431 -2.03 15.99 -50.94
CA LYS D 431 -0.78 16.72 -50.91
C LYS D 431 -1.04 18.17 -50.47
N LYS D 432 0.06 18.85 -50.13
CA LYS D 432 -0.05 20.24 -49.67
C LYS D 432 -0.86 21.09 -50.62
N ASN D 433 -0.67 20.90 -51.93
CA ASN D 433 -1.42 21.61 -52.96
C ASN D 433 -2.04 20.62 -53.94
N ALA D 434 -3.34 20.38 -53.77
CA ALA D 434 -4.04 19.41 -54.62
C ALA D 434 -4.30 19.94 -56.01
N ASN D 435 -4.71 21.21 -56.12
CA ASN D 435 -5.12 21.76 -57.41
C ASN D 435 -4.00 21.79 -58.43
N GLN D 436 -2.75 21.85 -57.97
CA GLN D 436 -1.64 22.03 -58.91
C GLN D 436 -1.21 20.71 -59.55
N PHE D 437 -1.26 19.62 -58.80
CA PHE D 437 -0.72 18.33 -59.25
C PHE D 437 -1.82 17.48 -59.88
N GLU D 438 -1.41 16.35 -60.43
CA GLU D 438 -2.33 15.45 -61.12
C GLU D 438 -1.81 14.03 -61.05
N GLY D 439 -2.68 13.08 -61.35
CA GLY D 439 -2.30 11.69 -61.43
C GLY D 439 -1.86 11.13 -60.09
N ASN D 440 -0.99 10.12 -60.15
CA ASN D 440 -0.51 9.47 -58.94
C ASN D 440 0.25 10.46 -58.06
N ASP D 441 0.89 11.45 -58.66
CA ASP D 441 1.68 12.43 -57.91
C ASP D 441 0.83 13.41 -57.14
N ARG D 442 -0.50 13.27 -57.16
CA ARG D 442 -1.38 14.16 -56.43
C ARG D 442 -1.53 13.78 -54.97
N TYR D 443 -1.13 12.57 -54.58
CA TYR D 443 -1.26 12.11 -53.21
C TYR D 443 0.11 11.84 -52.61
N GLU D 444 0.13 11.72 -51.28
CA GLU D 444 1.31 11.31 -50.55
C GLU D 444 0.87 10.46 -49.38
N GLY D 445 1.77 9.61 -48.91
CA GLY D 445 1.51 8.83 -47.72
C GLY D 445 2.33 7.55 -47.69
N TYR D 446 2.00 6.73 -46.70
CA TYR D 446 2.67 5.44 -46.51
C TYR D 446 2.33 4.49 -47.66
N CYS D 447 1.05 4.37 -47.95
CA CYS D 447 0.59 3.37 -48.90
C CYS D 447 0.97 3.71 -50.33
N VAL D 448 1.02 4.99 -50.68
CA VAL D 448 1.42 5.37 -52.03
C VAL D 448 2.88 4.99 -52.27
N GLU D 449 3.75 5.28 -51.31
CA GLU D 449 5.14 4.86 -51.45
C GLU D 449 5.24 3.34 -51.51
N LEU D 450 4.48 2.64 -50.66
CA LEU D 450 4.52 1.19 -50.67
C LEU D 450 4.11 0.65 -52.03
N ALA D 451 3.06 1.24 -52.62
CA ALA D 451 2.66 0.84 -53.97
C ALA D 451 3.74 1.16 -54.97
N ALA D 452 4.48 2.24 -54.77
CA ALA D 452 5.59 2.56 -55.65
C ALA D 452 6.62 1.44 -55.64
N GLU D 453 7.05 1.03 -54.45
CA GLU D 453 8.05 -0.04 -54.38
C GLU D 453 7.49 -1.35 -54.92
N ILE D 454 6.22 -1.63 -54.65
CA ILE D 454 5.63 -2.87 -55.14
C ILE D 454 5.60 -2.88 -56.66
N ALA D 455 5.22 -1.76 -57.28
CA ALA D 455 5.25 -1.67 -58.73
C ALA D 455 6.66 -1.83 -59.25
N LYS D 456 7.64 -1.25 -58.56
CA LYS D 456 9.03 -1.41 -58.96
C LYS D 456 9.43 -2.88 -58.98
N HIS D 457 9.10 -3.60 -57.91
CA HIS D 457 9.54 -4.99 -57.77
C HIS D 457 8.66 -5.96 -58.55
N VAL D 458 7.50 -5.52 -59.04
CA VAL D 458 6.68 -6.34 -59.91
C VAL D 458 6.72 -5.87 -61.36
N GLY D 459 7.15 -4.63 -61.61
CA GLY D 459 7.28 -4.13 -62.96
C GLY D 459 5.96 -3.86 -63.66
N TYR D 460 5.22 -2.85 -63.18
CA TYR D 460 4.00 -2.45 -63.86
C TYR D 460 3.67 -1.02 -63.48
N SER D 461 2.81 -0.41 -64.29
CA SER D 461 2.34 0.96 -64.06
C SER D 461 0.95 0.92 -63.45
N TYR D 462 0.66 1.93 -62.64
CA TYR D 462 -0.62 2.00 -61.96
C TYR D 462 -1.19 3.40 -62.05
N ARG D 463 -2.50 3.48 -62.26
CA ARG D 463 -3.25 4.74 -62.27
C ARG D 463 -4.00 4.80 -60.95
N LEU D 464 -3.44 5.52 -59.99
CA LEU D 464 -3.98 5.54 -58.65
C LEU D 464 -5.45 5.95 -58.68
N GLU D 465 -6.15 5.64 -57.57
CA GLU D 465 -7.59 5.78 -57.51
C GLU D 465 -8.02 5.66 -56.05
N ILE D 466 -9.27 6.03 -55.79
CA ILE D 466 -9.83 5.99 -54.44
C ILE D 466 -11.23 5.42 -54.51
N VAL D 467 -11.67 4.83 -53.41
CA VAL D 467 -13.01 4.26 -53.31
C VAL D 467 -14.00 5.40 -53.04
N SER D 468 -15.04 5.48 -53.86
CA SER D 468 -15.99 6.58 -53.74
C SER D 468 -16.74 6.53 -52.41
N ASP D 469 -17.15 5.33 -51.99
CA ASP D 469 -17.91 5.21 -50.74
C ASP D 469 -17.10 5.65 -49.52
N GLY D 470 -15.78 5.74 -49.66
CA GLY D 470 -14.96 6.09 -48.51
C GLY D 470 -15.11 5.11 -47.36
N LYS D 471 -15.24 3.83 -47.68
CA LYS D 471 -15.51 2.81 -46.68
C LYS D 471 -14.72 1.55 -46.99
N TYR D 472 -14.40 0.81 -45.92
CA TYR D 472 -13.71 -0.46 -46.06
C TYR D 472 -14.71 -1.56 -46.42
N GLY D 473 -14.18 -2.71 -46.80
CA GLY D 473 -15.04 -3.81 -47.20
C GLY D 473 -16.01 -4.18 -46.10
N ALA D 474 -17.25 -4.42 -46.49
CA ALA D 474 -18.29 -4.90 -45.59
C ALA D 474 -19.50 -5.32 -46.41
N ARG D 475 -20.15 -6.39 -45.99
CA ARG D 475 -21.24 -7.01 -46.74
C ARG D 475 -22.57 -6.74 -46.05
N ASP D 476 -23.51 -6.18 -46.78
CA ASP D 476 -24.87 -6.03 -46.28
C ASP D 476 -25.54 -7.41 -46.24
N PRO D 477 -26.07 -7.85 -45.10
CA PRO D 477 -26.56 -9.24 -45.04
C PRO D 477 -27.65 -9.53 -46.06
N ASP D 478 -28.74 -8.76 -46.05
CA ASP D 478 -29.85 -9.03 -46.97
C ASP D 478 -29.41 -8.86 -48.42
N THR D 479 -28.81 -7.71 -48.75
CA THR D 479 -28.40 -7.46 -50.12
C THR D 479 -27.27 -8.37 -50.56
N LYS D 480 -26.49 -8.90 -49.61
CA LYS D 480 -25.37 -9.79 -49.93
C LYS D 480 -24.42 -9.14 -50.93
N ALA D 481 -24.16 -7.85 -50.73
CA ALA D 481 -23.27 -7.08 -51.58
C ALA D 481 -22.20 -6.41 -50.74
N TRP D 482 -21.02 -6.23 -51.33
CA TRP D 482 -19.88 -5.66 -50.65
C TRP D 482 -19.88 -4.14 -50.80
N ASN D 483 -19.51 -3.44 -49.73
CA ASN D 483 -19.54 -1.99 -49.67
C ASN D 483 -18.12 -1.48 -49.44
N GLY D 484 -17.39 -1.25 -50.52
CA GLY D 484 -16.07 -0.66 -50.43
C GLY D 484 -15.03 -1.28 -51.34
N MET D 485 -13.80 -1.44 -50.83
CA MET D 485 -12.71 -1.91 -51.66
C MET D 485 -12.97 -3.31 -52.18
N VAL D 486 -13.32 -4.24 -51.27
CA VAL D 486 -13.58 -5.61 -51.68
C VAL D 486 -14.71 -5.63 -52.70
N GLY D 487 -15.67 -4.72 -52.58
CA GLY D 487 -16.65 -4.57 -53.63
C GLY D 487 -16.03 -4.04 -54.91
N GLU D 488 -15.07 -3.14 -54.79
CA GLU D 488 -14.38 -2.60 -55.95
C GLU D 488 -13.48 -3.63 -56.63
N LEU D 489 -13.27 -4.78 -55.99
CA LEU D 489 -12.40 -5.82 -56.51
C LEU D 489 -13.16 -7.03 -57.01
N VAL D 490 -14.00 -7.62 -56.15
CA VAL D 490 -14.70 -8.85 -56.52
C VAL D 490 -15.57 -8.63 -57.74
N TYR D 491 -16.04 -7.40 -57.95
CA TYR D 491 -16.87 -7.06 -59.09
C TYR D 491 -16.07 -6.59 -60.29
N GLY D 492 -14.73 -6.58 -60.19
CA GLY D 492 -13.88 -6.24 -61.31
C GLY D 492 -13.67 -4.77 -61.54
N ARG D 493 -14.24 -3.90 -60.71
CA ARG D 493 -14.06 -2.47 -60.91
C ARG D 493 -12.59 -2.06 -60.76
N ALA D 494 -11.86 -2.75 -59.89
CA ALA D 494 -10.45 -2.46 -59.68
C ALA D 494 -9.67 -3.77 -59.55
N ASP D 495 -8.35 -3.66 -59.68
CA ASP D 495 -7.48 -4.82 -59.74
C ASP D 495 -6.62 -5.03 -58.51
N VAL D 496 -6.41 -3.99 -57.70
CA VAL D 496 -5.54 -4.07 -56.53
C VAL D 496 -6.13 -3.18 -55.44
N ALA D 497 -5.62 -3.36 -54.23
CA ALA D 497 -6.04 -2.57 -53.08
C ALA D 497 -4.86 -2.45 -52.13
N VAL D 498 -4.46 -1.21 -51.86
CA VAL D 498 -3.30 -0.92 -51.04
C VAL D 498 -3.76 0.04 -49.96
N ALA D 499 -4.14 -0.49 -48.80
CA ALA D 499 -4.68 0.33 -47.74
C ALA D 499 -4.63 -0.47 -46.44
N PRO D 500 -4.95 0.15 -45.32
CA PRO D 500 -5.07 -0.61 -44.07
C PRO D 500 -6.26 -1.54 -44.08
N LEU D 501 -6.24 -2.48 -45.03
CA LEU D 501 -7.35 -3.40 -45.24
C LEU D 501 -7.11 -4.61 -44.33
N THR D 502 -7.72 -4.58 -43.16
CA THR D 502 -7.50 -5.62 -42.17
C THR D 502 -7.84 -6.99 -42.75
N ILE D 503 -7.11 -7.99 -42.29
CA ILE D 503 -7.33 -9.36 -42.71
C ILE D 503 -8.39 -9.98 -41.82
N THR D 504 -9.44 -10.52 -42.45
CA THR D 504 -10.53 -11.14 -41.75
C THR D 504 -10.93 -12.41 -42.48
N LEU D 505 -11.80 -13.19 -41.84
CA LEU D 505 -12.26 -14.45 -42.42
C LEU D 505 -13.11 -14.20 -43.66
N VAL D 506 -14.14 -13.37 -43.52
CA VAL D 506 -15.06 -13.15 -44.63
C VAL D 506 -14.33 -12.51 -45.81
N ARG D 507 -13.48 -11.53 -45.54
CA ARG D 507 -12.73 -10.89 -46.61
C ARG D 507 -11.85 -11.90 -47.34
N GLU D 508 -11.14 -12.74 -46.59
CA GLU D 508 -10.24 -13.71 -47.21
C GLU D 508 -11.00 -14.80 -47.93
N GLU D 509 -12.27 -15.02 -47.59
CA GLU D 509 -13.06 -16.03 -48.27
C GLU D 509 -13.30 -15.69 -49.74
N VAL D 510 -13.19 -14.42 -50.12
CA VAL D 510 -13.60 -13.98 -51.45
C VAL D 510 -12.48 -13.32 -52.24
N ILE D 511 -11.37 -12.95 -51.60
CA ILE D 511 -10.26 -12.30 -52.28
C ILE D 511 -8.96 -12.91 -51.78
N ASP D 512 -7.85 -12.42 -52.33
CA ASP D 512 -6.51 -12.90 -52.00
C ASP D 512 -5.80 -11.83 -51.19
N PHE D 513 -5.45 -12.17 -49.96
CA PHE D 513 -4.69 -11.27 -49.09
C PHE D 513 -3.22 -11.63 -49.15
N SER D 514 -2.39 -10.61 -49.35
CA SER D 514 -0.96 -10.82 -49.23
C SER D 514 -0.58 -10.95 -47.76
N LYS D 515 0.64 -11.40 -47.52
CA LYS D 515 1.11 -11.52 -46.16
C LYS D 515 1.16 -10.13 -45.52
N PRO D 516 0.94 -10.03 -44.21
CA PRO D 516 0.85 -8.72 -43.60
C PRO D 516 2.10 -7.90 -43.84
N PHE D 517 1.90 -6.63 -44.17
CA PHE D 517 2.98 -5.67 -44.20
C PHE D 517 3.07 -4.88 -42.91
N MET D 518 2.11 -5.04 -42.01
CA MET D 518 2.12 -4.25 -40.80
C MET D 518 1.16 -4.84 -39.78
N SER D 519 1.67 -5.12 -38.59
CA SER D 519 0.90 -5.76 -37.54
C SER D 519 0.51 -4.74 -36.47
N LEU D 520 -0.57 -5.04 -35.78
CA LEU D 520 -1.20 -4.07 -34.88
C LEU D 520 -2.17 -4.82 -33.98
N GLY D 521 -2.96 -4.06 -33.23
CA GLY D 521 -3.98 -4.63 -32.37
C GLY D 521 -4.61 -3.55 -31.52
N ILE D 522 -5.61 -3.98 -30.77
CA ILE D 522 -6.28 -3.07 -29.84
C ILE D 522 -5.28 -2.60 -28.79
N SER D 523 -5.39 -1.32 -28.44
CA SER D 523 -4.45 -0.69 -27.51
C SER D 523 -5.24 0.22 -26.58
N ILE D 524 -4.52 1.07 -25.87
CA ILE D 524 -5.09 1.99 -24.89
C ILE D 524 -4.49 3.37 -25.10
N MET D 525 -5.34 4.39 -25.00
CA MET D 525 -4.90 5.78 -25.03
C MET D 525 -5.39 6.49 -23.79
N ILE D 526 -4.54 7.32 -23.20
CA ILE D 526 -4.85 8.06 -22.00
C ILE D 526 -4.26 9.46 -22.12
N LYS D 527 -4.51 10.28 -21.11
CA LYS D 527 -3.87 11.59 -21.03
C LYS D 527 -2.41 11.42 -20.67
N LYS D 528 -1.53 12.04 -21.44
CA LYS D 528 -0.12 11.95 -21.15
C LYS D 528 0.15 12.55 -19.77
N PRO D 529 0.89 11.86 -18.90
CA PRO D 529 1.15 12.43 -17.58
C PRO D 529 1.98 13.70 -17.69
N GLN D 530 1.35 14.83 -17.40
CA GLN D 530 1.98 16.13 -17.58
C GLN D 530 3.06 16.34 -16.53
N LYS D 531 4.15 17.00 -16.95
CA LYS D 531 5.21 17.32 -16.01
C LYS D 531 4.63 18.08 -14.82
N SER D 532 4.67 17.45 -13.65
CA SER D 532 4.02 18.01 -12.48
C SER D 532 4.61 19.36 -12.11
N LYS D 533 3.74 20.32 -11.82
CA LYS D 533 4.16 21.62 -11.30
C LYS D 533 3.98 21.59 -9.79
N PRO D 534 5.02 21.29 -9.01
CA PRO D 534 4.80 21.06 -7.57
C PRO D 534 4.13 22.24 -6.89
N GLY D 535 4.50 23.45 -7.24
CA GLY D 535 3.86 24.63 -6.68
C GLY D 535 4.67 25.29 -5.59
N VAL D 536 5.08 26.53 -5.83
CA VAL D 536 5.68 27.32 -4.77
C VAL D 536 4.71 27.38 -3.60
N PHE D 537 5.26 27.30 -2.39
CA PHE D 537 4.47 27.26 -1.17
C PHE D 537 3.68 25.95 -1.05
N SER D 538 4.24 24.88 -1.58
CA SER D 538 3.67 23.55 -1.39
C SER D 538 4.06 22.93 -0.06
N PHE D 539 5.06 23.48 0.62
CA PHE D 539 5.47 22.95 1.91
C PHE D 539 4.46 23.24 3.01
N LEU D 540 3.46 24.08 2.75
CA LEU D 540 2.38 24.32 3.69
C LEU D 540 1.19 23.40 3.47
N ASP D 541 1.18 22.63 2.39
CA ASP D 541 0.02 21.81 2.07
C ASP D 541 -0.36 20.86 3.20
N PRO D 542 0.57 20.22 3.91
CA PRO D 542 0.17 19.29 4.96
C PRO D 542 -0.75 19.89 6.00
N LEU D 543 -0.64 21.19 6.25
CA LEU D 543 -1.46 21.88 7.23
C LEU D 543 -2.28 22.94 6.53
N ALA D 544 -3.58 22.92 6.76
CA ALA D 544 -4.48 23.89 6.14
C ALA D 544 -4.13 25.30 6.61
N TYR D 545 -4.34 26.26 5.72
CA TYR D 545 -3.95 27.64 6.01
C TYR D 545 -4.64 28.16 7.26
N GLU D 546 -5.81 27.62 7.60
CA GLU D 546 -6.46 28.01 8.84
C GLU D 546 -5.57 27.72 10.03
N ILE D 547 -4.93 26.55 10.02
CA ILE D 547 -4.04 26.18 11.12
C ILE D 547 -2.88 27.16 11.21
N TRP D 548 -2.29 27.51 10.08
CA TRP D 548 -1.14 28.41 10.09
C TRP D 548 -1.52 29.77 10.66
N MET D 549 -2.62 30.34 10.20
CA MET D 549 -3.01 31.65 10.69
C MET D 549 -3.39 31.60 12.16
N CYS D 550 -4.12 30.57 12.58
CA CYS D 550 -4.45 30.47 14.00
C CYS D 550 -3.19 30.25 14.84
N ILE D 551 -2.17 29.61 14.26
CA ILE D 551 -0.89 29.50 14.93
C ILE D 551 -0.29 30.88 15.16
N VAL D 552 -0.34 31.72 14.14
CA VAL D 552 0.22 33.08 14.28
C VAL D 552 -0.52 33.84 15.37
N PHE D 553 -1.85 33.75 15.35
CA PHE D 553 -2.64 34.46 16.36
C PHE D 553 -2.36 33.93 17.76
N ALA D 554 -2.23 32.62 17.90
CA ALA D 554 -1.90 32.04 19.19
C ALA D 554 -0.52 32.49 19.66
N TYR D 555 0.42 32.61 18.72
CA TYR D 555 1.75 33.09 19.07
C TYR D 555 1.67 34.51 19.63
N ILE D 556 0.90 35.37 18.98
CA ILE D 556 0.74 36.73 19.47
C ILE D 556 0.11 36.73 20.85
N GLY D 557 -0.94 35.94 21.04
CA GLY D 557 -1.61 35.91 22.33
C GLY D 557 -0.71 35.40 23.43
N VAL D 558 0.05 34.34 23.15
CA VAL D 558 0.97 33.79 24.13
C VAL D 558 2.02 34.82 24.52
N SER D 559 2.58 35.51 23.52
CA SER D 559 3.59 36.52 23.81
C SER D 559 3.02 37.62 24.70
N VAL D 560 1.81 38.10 24.40
CA VAL D 560 1.22 39.15 25.20
C VAL D 560 0.95 38.67 26.61
N VAL D 561 0.42 37.46 26.76
CA VAL D 561 0.12 36.95 28.09
C VAL D 561 1.41 36.80 28.90
N LEU D 562 2.47 36.35 28.26
CA LEU D 562 3.75 36.21 28.94
C LEU D 562 4.25 37.57 29.41
N PHE D 563 4.24 38.55 28.52
CA PHE D 563 4.61 39.91 28.90
C PHE D 563 3.81 40.37 30.10
N LEU D 564 2.50 40.16 30.06
CA LEU D 564 1.63 40.59 31.16
C LEU D 564 2.04 39.93 32.46
N VAL D 565 1.95 38.61 32.53
CA VAL D 565 2.22 37.90 33.77
C VAL D 565 3.66 38.06 34.23
N SER D 566 4.55 38.56 33.38
CA SER D 566 5.92 38.79 33.80
C SER D 566 6.18 40.20 34.27
N ARG D 567 5.40 41.17 33.81
CA ARG D 567 5.62 42.58 34.12
C ARG D 567 4.33 43.26 34.51
N PHE D 568 3.61 42.65 35.44
CA PHE D 568 2.38 43.21 36.00
C PHE D 568 2.56 43.72 37.42
N SER D 569 3.40 43.06 38.21
CA SER D 569 3.58 43.40 39.60
C SER D 569 4.55 44.57 39.77
N PRO D 570 4.44 45.31 40.87
CA PRO D 570 5.44 46.34 41.17
C PRO D 570 6.63 45.83 41.96
N TYR D 571 6.58 44.61 42.48
CA TYR D 571 7.72 44.06 43.21
C TYR D 571 8.96 44.04 42.34
N GLU D 572 8.80 43.75 41.05
CA GLU D 572 9.92 43.87 40.11
C GLU D 572 10.20 45.32 39.76
N TRP D 573 9.28 46.23 40.05
CA TRP D 573 9.48 47.65 39.79
C TRP D 573 9.72 48.41 41.09
N ASN D 591 11.78 43.10 34.91
CA ASN D 591 12.21 41.77 34.49
C ASN D 591 12.68 41.79 33.04
N GLU D 592 13.31 40.69 32.61
CA GLU D 592 13.82 40.59 31.26
C GLU D 592 12.75 40.28 30.23
N PHE D 593 11.58 39.81 30.67
CA PHE D 593 10.52 39.37 29.76
C PHE D 593 9.66 40.57 29.37
N GLY D 594 10.20 41.40 28.49
CA GLY D 594 9.41 42.40 27.82
C GLY D 594 8.62 41.79 26.68
N ILE D 595 7.88 42.64 25.99
CA ILE D 595 7.08 42.15 24.88
C ILE D 595 7.97 41.62 23.77
N PHE D 596 9.05 42.33 23.45
CA PHE D 596 9.92 41.92 22.36
C PHE D 596 10.58 40.59 22.66
N ASN D 597 11.16 40.47 23.85
CA ASN D 597 11.79 39.21 24.24
C ASN D 597 10.77 38.10 24.42
N SER D 598 9.54 38.44 24.81
CA SER D 598 8.50 37.44 24.87
C SER D 598 8.18 36.87 23.49
N LEU D 599 8.08 37.74 22.48
CA LEU D 599 7.88 37.28 21.12
C LEU D 599 9.05 36.42 20.66
N TRP D 600 10.27 36.83 21.00
CA TRP D 600 11.44 36.04 20.62
C TRP D 600 11.39 34.66 21.26
N PHE D 601 11.05 34.61 22.55
CA PHE D 601 10.98 33.33 23.25
C PHE D 601 9.93 32.42 22.64
N SER D 602 8.75 32.97 22.33
CA SER D 602 7.70 32.15 21.74
C SER D 602 8.10 31.63 20.37
N LEU D 603 8.75 32.46 19.56
CA LEU D 603 9.19 32.01 18.26
C LEU D 603 10.22 30.89 18.38
N GLY D 604 11.21 31.08 19.24
CA GLY D 604 12.19 30.04 19.45
C GLY D 604 11.57 28.75 19.96
N ALA D 605 10.57 28.87 20.83
CA ALA D 605 9.87 27.69 21.32
C ALA D 605 9.16 26.96 20.19
N PHE D 606 8.51 27.71 19.30
CA PHE D 606 7.83 27.05 18.19
C PHE D 606 8.82 26.34 17.28
N MET D 607 9.97 26.95 17.04
CA MET D 607 10.97 26.32 16.18
C MET D 607 11.84 25.31 16.93
N GLN D 608 11.48 24.96 18.16
CA GLN D 608 12.17 23.90 18.91
C GLN D 608 13.67 24.19 19.02
N GLN D 609 14.01 25.46 19.18
CA GLN D 609 15.39 25.88 19.39
C GLN D 609 15.67 26.30 20.82
N GLY D 610 14.91 27.24 21.34
CA GLY D 610 15.16 27.76 22.67
C GLY D 610 15.99 29.01 22.66
N CYS D 611 15.78 29.85 23.66
CA CYS D 611 16.48 31.12 23.81
C CYS D 611 17.22 31.14 25.13
N ASP D 612 18.08 32.15 25.28
CA ASP D 612 18.88 32.26 26.50
C ASP D 612 18.00 32.45 27.72
N ILE D 613 16.97 33.26 27.60
CA ILE D 613 16.10 33.59 28.73
C ILE D 613 15.01 32.55 28.84
N SER D 614 14.64 32.24 30.08
CA SER D 614 13.55 31.32 30.38
C SER D 614 12.74 31.89 31.53
N PRO D 615 11.45 31.56 31.60
CA PRO D 615 10.64 32.06 32.72
C PRO D 615 11.09 31.48 34.04
N ARG D 616 10.92 32.26 35.10
CA ARG D 616 11.24 31.84 36.45
C ARG D 616 10.02 31.76 37.36
N SER D 617 8.97 32.52 37.07
CA SER D 617 7.75 32.46 37.86
C SER D 617 6.95 31.21 37.50
N LEU D 618 5.77 31.10 38.08
CA LEU D 618 4.89 29.97 37.80
C LEU D 618 3.97 30.24 36.61
N SER D 619 3.50 31.48 36.48
CA SER D 619 2.66 31.84 35.35
C SER D 619 3.43 31.70 34.04
N GLY D 620 4.61 32.30 33.97
CA GLY D 620 5.42 32.19 32.77
C GLY D 620 5.74 30.76 32.43
N ARG D 621 5.98 29.93 33.44
CA ARG D 621 6.34 28.54 33.20
C ARG D 621 5.13 27.74 32.72
N ILE D 622 3.95 28.02 33.25
CA ILE D 622 2.74 27.40 32.74
C ILE D 622 2.56 27.74 31.26
N VAL D 623 2.69 29.02 30.94
CA VAL D 623 2.51 29.46 29.55
C VAL D 623 3.53 28.77 28.64
N GLY D 624 4.78 28.76 29.08
CA GLY D 624 5.82 28.13 28.28
C GLY D 624 5.56 26.66 28.06
N GLY D 625 5.13 25.96 29.11
CA GLY D 625 4.91 24.53 28.97
C GLY D 625 3.76 24.21 28.04
N VAL D 626 2.67 24.96 28.14
CA VAL D 626 1.52 24.68 27.28
C VAL D 626 1.86 25.03 25.84
N TRP D 627 2.57 26.14 25.62
CA TRP D 627 3.07 26.46 24.29
C TRP D 627 3.97 25.37 23.76
N TRP D 628 4.83 24.81 24.60
CA TRP D 628 5.73 23.74 24.19
C TRP D 628 4.96 22.50 23.75
N PHE D 629 3.94 22.13 24.51
CA PHE D 629 3.10 21.00 24.13
C PHE D 629 2.46 21.25 22.77
N PHE D 630 1.91 22.45 22.59
CA PHE D 630 1.33 22.83 21.31
C PHE D 630 2.31 22.64 20.17
N THR D 631 3.53 23.14 20.34
CA THR D 631 4.53 23.02 19.29
C THR D 631 4.85 21.57 19.00
N LEU D 632 5.04 20.77 20.04
CA LEU D 632 5.34 19.37 19.84
C LEU D 632 4.29 18.70 18.96
N ILE D 633 3.02 18.88 19.32
CA ILE D 633 1.95 18.26 18.56
C ILE D 633 1.96 18.76 17.12
N ILE D 634 2.13 20.07 16.94
CA ILE D 634 2.01 20.65 15.60
C ILE D 634 3.13 20.17 14.69
N ILE D 635 4.37 20.19 15.19
CA ILE D 635 5.49 19.75 14.38
C ILE D 635 5.36 18.28 14.03
N SER D 636 4.97 17.46 15.02
CA SER D 636 4.80 16.05 14.73
C SER D 636 3.73 15.82 13.68
N SER D 637 2.63 16.58 13.76
CA SER D 637 1.57 16.44 12.77
C SER D 637 2.05 16.83 11.38
N TYR D 638 2.80 17.93 11.29
CA TYR D 638 3.32 18.35 10.00
C TYR D 638 4.20 17.26 9.39
N THR D 639 5.15 16.76 10.17
CA THR D 639 6.05 15.74 9.67
C THR D 639 5.30 14.48 9.25
N ALA D 640 4.34 14.05 10.06
CA ALA D 640 3.61 12.82 9.77
C ALA D 640 2.76 12.96 8.52
N ASN D 641 2.02 14.06 8.40
CA ASN D 641 1.18 14.24 7.22
C ASN D 641 2.03 14.39 5.97
N LEU D 642 3.19 15.03 6.08
CA LEU D 642 4.09 15.10 4.93
C LEU D 642 4.58 13.72 4.53
N ALA D 643 4.94 12.90 5.50
CA ALA D 643 5.34 11.53 5.19
C ALA D 643 4.23 10.79 4.50
N ALA D 644 2.99 10.99 4.94
CA ALA D 644 1.85 10.35 4.29
C ALA D 644 1.71 10.82 2.85
N PHE D 645 1.81 12.12 2.63
CA PHE D 645 1.71 12.67 1.29
C PHE D 645 2.73 12.00 0.38
N LEU D 646 3.99 12.01 0.79
CA LEU D 646 5.04 11.46 -0.05
C LEU D 646 4.87 9.98 -0.27
N THR D 647 4.48 9.24 0.76
CA THR D 647 4.33 7.80 0.64
C THR D 647 3.21 7.45 -0.34
N VAL D 648 2.05 8.10 -0.22
CA VAL D 648 0.96 7.78 -1.13
C VAL D 648 1.29 8.23 -2.55
N GLU D 649 1.95 9.37 -2.70
CA GLU D 649 2.44 9.77 -4.00
C GLU D 649 3.50 8.82 -4.52
N ARG D 650 4.05 7.98 -3.66
CA ARG D 650 5.11 7.06 -4.03
C ARG D 650 4.61 5.66 -4.34
N MET D 651 3.37 5.32 -4.01
CA MET D 651 2.81 4.02 -4.33
C MET D 651 1.85 4.05 -5.50
N VAL D 652 1.63 5.22 -6.13
CA VAL D 652 0.71 5.29 -7.24
C VAL D 652 1.24 4.42 -8.38
N SER D 653 0.37 3.60 -8.94
CA SER D 653 0.74 2.70 -10.04
C SER D 653 -0.14 2.97 -11.23
N PRO D 654 0.37 3.57 -12.31
CA PRO D 654 -0.43 3.66 -13.53
C PRO D 654 -0.77 2.29 -14.06
N ILE D 655 -1.89 2.22 -14.79
CA ILE D 655 -2.45 0.92 -15.16
C ILE D 655 -1.43 0.07 -15.89
N GLU D 656 -0.77 0.65 -16.89
CA GLU D 656 0.26 -0.01 -17.68
C GLU D 656 -0.23 -1.30 -18.34
N SER D 657 -1.52 -1.58 -18.31
CA SER D 657 -2.06 -2.84 -18.83
C SER D 657 -3.58 -2.74 -18.81
N ALA D 658 -4.24 -3.84 -19.13
CA ALA D 658 -5.69 -3.94 -19.09
C ALA D 658 -6.20 -4.52 -17.79
N GLU D 659 -5.47 -5.48 -17.21
CA GLU D 659 -5.84 -6.01 -15.90
C GLU D 659 -5.97 -4.87 -14.89
N ASP D 660 -4.96 -3.99 -14.85
CA ASP D 660 -5.05 -2.81 -14.00
C ASP D 660 -6.26 -1.96 -14.36
N LEU D 661 -6.59 -1.90 -15.66
CA LEU D 661 -7.77 -1.16 -16.09
C LEU D 661 -9.05 -1.94 -15.81
N ALA D 662 -8.96 -3.25 -15.73
CA ALA D 662 -10.17 -4.07 -15.54
C ALA D 662 -10.60 -4.10 -14.09
N LYS D 663 -9.68 -4.48 -13.19
CA LYS D 663 -10.05 -4.64 -11.79
C LYS D 663 -10.48 -3.31 -11.18
N GLN D 664 -9.77 -2.23 -11.51
CA GLN D 664 -10.19 -0.91 -11.05
C GLN D 664 -11.47 -0.49 -11.77
N THR D 665 -12.15 0.50 -11.19
CA THR D 665 -13.40 1.00 -11.74
C THR D 665 -13.51 2.52 -11.74
N GLU D 666 -12.50 3.24 -11.23
CA GLU D 666 -12.58 4.69 -11.19
C GLU D 666 -12.36 5.29 -12.57
N ILE D 667 -11.49 4.72 -13.36
CA ILE D 667 -11.16 5.24 -14.69
C ILE D 667 -12.14 4.67 -15.69
N ALA D 668 -12.57 5.50 -16.64
CA ALA D 668 -13.53 5.11 -17.66
C ALA D 668 -12.77 4.68 -18.91
N TYR D 669 -13.18 3.54 -19.47
CA TYR D 669 -12.55 2.98 -20.66
C TYR D 669 -13.63 2.66 -21.69
N GLY D 670 -13.75 3.52 -22.70
CA GLY D 670 -14.74 3.36 -23.74
C GLY D 670 -14.13 3.07 -25.11
N THR D 671 -15.02 2.91 -26.08
CA THR D 671 -14.65 2.52 -27.44
C THR D 671 -15.53 3.29 -28.41
N LEU D 672 -15.57 2.83 -29.65
CA LEU D 672 -16.54 3.33 -30.61
C LEU D 672 -17.88 2.66 -30.42
N GLU D 673 -18.94 3.35 -30.81
CA GLU D 673 -20.27 2.77 -30.71
C GLU D 673 -20.38 1.51 -31.55
N ALA D 674 -19.88 1.55 -32.77
CA ALA D 674 -19.88 0.40 -33.66
C ALA D 674 -18.52 0.27 -34.31
N GLY D 675 -18.16 -0.96 -34.66
CA GLY D 675 -16.89 -1.24 -35.27
C GLY D 675 -16.45 -2.65 -34.94
N SER D 676 -15.14 -2.88 -35.05
CA SER D 676 -14.57 -4.18 -34.75
C SER D 676 -14.18 -4.34 -33.30
N THR D 677 -13.93 -3.24 -32.58
CA THR D 677 -13.64 -3.34 -31.15
C THR D 677 -14.85 -3.82 -30.37
N LYS D 678 -16.02 -3.25 -30.67
CA LYS D 678 -17.24 -3.70 -30.01
C LYS D 678 -17.52 -5.16 -30.32
N GLU D 679 -17.28 -5.58 -31.56
CA GLU D 679 -17.43 -6.98 -31.91
C GLU D 679 -16.46 -7.86 -31.14
N PHE D 680 -15.21 -7.41 -31.02
CA PHE D 680 -14.20 -8.20 -30.32
C PHE D 680 -14.59 -8.38 -28.85
N PHE D 681 -15.14 -7.33 -28.24
CA PHE D 681 -15.58 -7.43 -26.86
C PHE D 681 -16.83 -8.30 -26.73
N ARG D 682 -17.79 -8.13 -27.64
CA ARG D 682 -18.99 -8.96 -27.63
C ARG D 682 -18.63 -10.44 -27.70
N ARG D 683 -17.97 -10.84 -28.77
CA ARG D 683 -17.57 -12.24 -28.95
C ARG D 683 -16.45 -12.65 -28.04
N SER D 684 -16.04 -11.80 -27.10
CA SER D 684 -14.92 -12.12 -26.23
C SER D 684 -15.29 -13.28 -25.31
N LYS D 685 -14.46 -14.32 -25.31
CA LYS D 685 -14.64 -15.48 -24.46
C LYS D 685 -13.68 -15.47 -23.26
N ILE D 686 -13.06 -14.33 -22.98
CA ILE D 686 -12.11 -14.20 -21.89
C ILE D 686 -12.70 -13.30 -20.82
N ALA D 687 -12.30 -13.55 -19.56
CA ALA D 687 -12.92 -12.88 -18.43
C ALA D 687 -12.67 -11.38 -18.45
N VAL D 688 -11.45 -10.97 -18.76
CA VAL D 688 -11.10 -9.55 -18.66
C VAL D 688 -11.93 -8.73 -19.64
N PHE D 689 -11.98 -9.17 -20.89
CA PHE D 689 -12.72 -8.43 -21.90
C PHE D 689 -14.23 -8.61 -21.73
N GLU D 690 -14.66 -9.74 -21.17
CA GLU D 690 -16.06 -9.87 -20.80
C GLU D 690 -16.44 -8.83 -19.76
N LYS D 691 -15.57 -8.62 -18.76
CA LYS D 691 -15.82 -7.59 -17.76
C LYS D 691 -15.81 -6.20 -18.38
N MET D 692 -14.89 -5.95 -19.30
CA MET D 692 -14.87 -4.67 -19.99
C MET D 692 -16.18 -4.45 -20.75
N TRP D 693 -16.69 -5.50 -21.40
CA TRP D 693 -17.94 -5.39 -22.14
C TRP D 693 -19.11 -5.16 -21.19
N THR D 694 -19.11 -5.84 -20.05
CA THR D 694 -20.17 -5.62 -19.06
C THR D 694 -20.16 -4.18 -18.58
N TYR D 695 -18.98 -3.64 -18.29
CA TYR D 695 -18.88 -2.25 -17.88
C TYR D 695 -19.38 -1.32 -18.98
N MET D 696 -18.98 -1.58 -20.22
CA MET D 696 -19.36 -0.70 -21.32
C MET D 696 -20.87 -0.70 -21.53
N LYS D 697 -21.48 -1.88 -21.46
CA LYS D 697 -22.94 -1.95 -21.56
C LYS D 697 -23.60 -1.23 -20.38
N SER D 698 -23.07 -1.44 -19.19
CA SER D 698 -23.55 -0.75 -17.99
C SER D 698 -22.80 0.57 -17.79
N ALA D 699 -22.91 1.42 -18.80
CA ALA D 699 -22.17 2.68 -18.84
C ALA D 699 -23.09 3.83 -18.46
N GLU D 700 -22.65 4.63 -17.48
CA GLU D 700 -23.42 5.78 -17.01
C GLU D 700 -22.44 6.93 -16.75
N PRO D 701 -22.34 7.90 -17.69
CA PRO D 701 -23.05 7.98 -18.96
C PRO D 701 -22.50 6.99 -20.00
N SER D 702 -22.89 7.16 -21.25
CA SER D 702 -22.44 6.28 -22.32
C SER D 702 -20.97 6.53 -22.60
N VAL D 703 -20.13 5.52 -22.30
CA VAL D 703 -18.70 5.66 -22.54
C VAL D 703 -18.41 5.70 -24.04
N PHE D 704 -19.14 4.92 -24.82
CA PHE D 704 -18.89 4.85 -26.25
C PHE D 704 -18.96 6.24 -26.89
N VAL D 705 -18.25 6.40 -27.99
CA VAL D 705 -18.30 7.61 -28.80
C VAL D 705 -18.39 7.20 -30.27
N ARG D 706 -18.61 8.19 -31.13
CA ARG D 706 -18.92 7.95 -32.52
C ARG D 706 -17.73 8.06 -33.46
N THR D 707 -16.76 8.92 -33.14
CA THR D 707 -15.57 9.08 -33.96
C THR D 707 -14.33 9.10 -33.08
N THR D 708 -13.21 8.67 -33.66
CA THR D 708 -11.95 8.70 -32.93
C THR D 708 -11.59 10.11 -32.50
N GLU D 709 -12.03 11.12 -33.26
CA GLU D 709 -11.86 12.49 -32.80
C GLU D 709 -12.62 12.72 -31.51
N GLU D 710 -13.83 12.17 -31.41
CA GLU D 710 -14.62 12.32 -30.20
C GLU D 710 -13.92 11.70 -29.01
N GLY D 711 -13.39 10.48 -29.17
CA GLY D 711 -12.66 9.85 -28.09
C GLY D 711 -11.40 10.61 -27.72
N MET D 712 -10.68 11.11 -28.72
CA MET D 712 -9.47 11.87 -28.45
C MET D 712 -9.77 13.11 -27.63
N ILE D 713 -10.81 13.85 -28.01
CA ILE D 713 -11.16 15.06 -27.27
C ILE D 713 -11.68 14.71 -25.88
N ARG D 714 -12.45 13.62 -25.77
CA ARG D 714 -12.99 13.24 -24.47
C ARG D 714 -11.88 12.88 -23.50
N VAL D 715 -10.89 12.13 -23.96
CA VAL D 715 -9.76 11.79 -23.10
C VAL D 715 -8.93 13.04 -22.82
N ARG D 716 -8.77 13.91 -23.81
CA ARG D 716 -7.98 15.12 -23.61
C ARG D 716 -8.58 15.98 -22.50
N LYS D 717 -9.90 16.11 -22.46
CA LYS D 717 -10.56 16.98 -21.51
C LYS D 717 -10.89 16.30 -20.19
N SER D 718 -11.03 14.98 -20.17
CA SER D 718 -11.43 14.28 -18.95
C SER D 718 -10.35 14.25 -17.89
N LYS D 719 -9.13 14.65 -18.22
CA LYS D 719 -8.03 14.72 -17.24
C LYS D 719 -7.79 13.37 -16.58
N GLY D 720 -7.68 12.33 -17.40
CA GLY D 720 -7.28 11.02 -16.94
C GLY D 720 -8.39 10.15 -16.42
N LYS D 721 -9.61 10.68 -16.32
CA LYS D 721 -10.75 9.88 -15.87
C LYS D 721 -11.30 8.98 -16.98
N TYR D 722 -10.77 9.10 -18.20
CA TYR D 722 -11.27 8.36 -19.35
C TYR D 722 -10.11 7.68 -20.06
N ALA D 723 -10.41 6.53 -20.66
CA ALA D 723 -9.47 5.79 -21.49
C ALA D 723 -10.17 5.39 -22.78
N TYR D 724 -9.40 5.35 -23.86
CA TYR D 724 -9.95 5.06 -25.18
C TYR D 724 -9.20 3.89 -25.80
N LEU D 725 -9.96 2.93 -26.33
CA LEU D 725 -9.42 1.75 -26.98
C LEU D 725 -9.56 1.90 -28.48
N LEU D 726 -8.48 1.62 -29.21
CA LEU D 726 -8.48 1.81 -30.65
C LEU D 726 -7.28 1.09 -31.24
N GLU D 727 -7.23 1.05 -32.57
CA GLU D 727 -6.09 0.46 -33.25
C GLU D 727 -4.81 1.17 -32.83
N SER D 728 -3.78 0.38 -32.52
CA SER D 728 -2.54 0.93 -32.01
C SER D 728 -1.97 2.00 -32.93
N THR D 729 -2.14 1.82 -34.24
CA THR D 729 -1.49 2.71 -35.20
C THR D 729 -2.00 4.13 -35.06
N MET D 730 -3.33 4.30 -34.99
CA MET D 730 -3.89 5.61 -34.74
C MET D 730 -3.41 6.16 -33.40
N ASN D 731 -3.22 5.29 -32.42
CA ASN D 731 -2.73 5.74 -31.13
C ASN D 731 -1.35 6.35 -31.27
N GLU D 732 -0.46 5.71 -32.02
CA GLU D 732 0.88 6.24 -32.21
C GLU D 732 0.85 7.54 -33.00
N TYR D 733 0.11 7.56 -34.12
CA TYR D 733 -0.01 8.79 -34.89
C TYR D 733 -0.49 9.93 -34.02
N ILE D 734 -1.58 9.72 -33.27
CA ILE D 734 -2.13 10.77 -32.41
C ILE D 734 -1.10 11.20 -31.37
N GLU D 735 -0.43 10.24 -30.75
CA GLU D 735 0.61 10.57 -29.78
C GLU D 735 1.72 11.38 -30.43
N GLN D 736 1.85 11.31 -31.75
CA GLN D 736 2.79 12.13 -32.50
C GLN D 736 2.10 13.28 -33.22
N ARG D 737 1.03 13.83 -32.63
CA ARG D 737 0.28 14.93 -33.22
C ARG D 737 0.21 16.09 -32.24
N LYS D 738 -0.06 17.28 -32.78
CA LYS D 738 -0.25 18.49 -31.98
C LYS D 738 -1.73 18.65 -31.64
N PRO D 739 -2.10 18.78 -30.36
CA PRO D 739 -1.22 18.78 -29.19
C PRO D 739 -0.72 17.39 -28.83
N CYS D 740 0.52 17.33 -28.34
CA CYS D 740 1.16 16.07 -27.97
C CYS D 740 0.88 15.77 -26.50
N ASP D 741 -0.38 15.45 -26.22
CA ASP D 741 -0.86 15.25 -24.86
C ASP D 741 -1.65 13.94 -24.73
N THR D 742 -1.27 12.92 -25.47
CA THR D 742 -1.85 11.59 -25.34
C THR D 742 -0.73 10.55 -25.27
N MET D 743 -1.01 9.47 -24.56
CA MET D 743 -0.03 8.42 -24.34
C MET D 743 -0.66 7.06 -24.64
N LYS D 744 0.18 6.14 -25.10
CA LYS D 744 -0.20 4.76 -25.31
C LYS D 744 0.45 3.90 -24.23
N VAL D 745 -0.34 3.02 -23.62
CA VAL D 745 0.12 2.19 -22.52
C VAL D 745 -0.23 0.74 -22.83
N GLY D 746 0.71 -0.14 -22.51
CA GLY D 746 0.43 -1.57 -22.59
C GLY D 746 0.64 -2.13 -23.98
N GLY D 747 0.90 -3.44 -24.03
CA GLY D 747 0.98 -4.11 -25.30
C GLY D 747 -0.38 -4.29 -25.91
N ASN D 748 -0.39 -4.58 -27.22
CA ASN D 748 -1.64 -4.74 -27.93
C ASN D 748 -2.43 -5.90 -27.33
N LEU D 749 -3.71 -5.64 -27.06
CA LEU D 749 -4.56 -6.66 -26.45
C LEU D 749 -4.70 -7.88 -27.34
N ASP D 750 -4.93 -7.66 -28.63
CA ASP D 750 -5.10 -8.71 -29.62
C ASP D 750 -4.00 -8.58 -30.68
N SER D 751 -4.12 -9.39 -31.72
CA SER D 751 -3.20 -9.38 -32.85
C SER D 751 -3.99 -9.40 -34.13
N LYS D 752 -3.61 -8.56 -35.08
CA LYS D 752 -4.29 -8.44 -36.35
C LYS D 752 -3.26 -8.15 -37.43
N GLY D 753 -3.73 -7.83 -38.63
CA GLY D 753 -2.81 -7.53 -39.71
C GLY D 753 -3.46 -6.86 -40.90
N TYR D 754 -2.79 -5.84 -41.43
CA TYR D 754 -3.16 -5.25 -42.69
C TYR D 754 -2.43 -5.95 -43.82
N GLY D 755 -2.98 -5.85 -45.02
CA GLY D 755 -2.39 -6.55 -46.15
C GLY D 755 -2.87 -6.02 -47.47
N ILE D 756 -2.04 -6.21 -48.50
CA ILE D 756 -2.41 -5.88 -49.87
C ILE D 756 -3.36 -6.95 -50.39
N ALA D 757 -4.48 -6.51 -50.95
CA ALA D 757 -5.52 -7.40 -51.43
C ALA D 757 -5.55 -7.45 -52.95
N THR D 758 -6.06 -8.55 -53.45
CA THR D 758 -6.22 -8.76 -54.88
C THR D 758 -7.42 -9.67 -55.11
N PRO D 759 -7.98 -9.69 -56.31
CA PRO D 759 -9.14 -10.53 -56.57
C PRO D 759 -8.76 -12.01 -56.59
N LYS D 760 -9.76 -12.85 -56.30
CA LYS D 760 -9.57 -14.28 -56.42
C LYS D 760 -9.13 -14.64 -57.84
N GLY D 761 -8.13 -15.51 -57.92
CA GLY D 761 -7.66 -15.96 -59.22
C GLY D 761 -7.00 -14.89 -60.07
N SER D 762 -6.15 -14.06 -59.46
CA SER D 762 -5.39 -13.06 -60.19
C SER D 762 -3.98 -13.57 -60.46
N ALA D 763 -3.21 -12.75 -61.17
CA ALA D 763 -1.81 -13.02 -61.45
C ALA D 763 -0.87 -12.17 -60.60
N LEU D 764 -1.39 -11.54 -59.55
CA LEU D 764 -0.60 -10.62 -58.72
C LEU D 764 -0.29 -11.15 -57.34
N ARG D 765 -1.00 -12.19 -56.88
CA ARG D 765 -0.83 -12.64 -55.49
C ARG D 765 0.60 -13.07 -55.24
N GLY D 766 1.16 -13.89 -56.12
CA GLY D 766 2.51 -14.39 -55.95
C GLY D 766 3.52 -13.27 -55.83
N PRO D 767 3.69 -12.51 -56.91
CA PRO D 767 4.69 -11.43 -56.89
C PRO D 767 4.45 -10.40 -55.80
N VAL D 768 3.19 -10.07 -55.51
CA VAL D 768 2.94 -9.06 -54.50
C VAL D 768 3.35 -9.57 -53.12
N ASN D 769 3.04 -10.84 -52.82
CA ASN D 769 3.47 -11.41 -51.55
C ASN D 769 4.99 -11.45 -51.47
N LEU D 770 5.65 -11.86 -52.56
CA LEU D 770 7.10 -11.88 -52.56
C LEU D 770 7.66 -10.50 -52.29
N ALA D 771 7.08 -9.47 -52.92
CA ALA D 771 7.57 -8.12 -52.73
C ALA D 771 7.39 -7.66 -51.30
N VAL D 772 6.23 -7.94 -50.70
CA VAL D 772 6.00 -7.53 -49.32
C VAL D 772 7.02 -8.19 -48.40
N LEU D 773 7.23 -9.49 -48.59
CA LEU D 773 8.19 -10.18 -47.73
C LEU D 773 9.60 -9.63 -47.92
N LYS D 774 9.99 -9.38 -49.17
CA LYS D 774 11.31 -8.83 -49.43
C LYS D 774 11.47 -7.47 -48.77
N LEU D 775 10.46 -6.62 -48.92
CA LEU D 775 10.54 -5.27 -48.37
C LEU D 775 10.67 -5.31 -46.86
N SER D 776 9.88 -6.15 -46.20
CA SER D 776 9.98 -6.25 -44.75
C SER D 776 11.32 -6.82 -44.33
N GLU D 777 11.82 -7.81 -45.05
CA GLU D 777 13.11 -8.41 -44.69
C GLU D 777 14.24 -7.40 -44.81
N GLN D 778 14.22 -6.57 -45.85
CA GLN D 778 15.25 -5.57 -46.05
C GLN D 778 14.95 -4.25 -45.36
N GLY D 779 13.87 -4.19 -44.57
CA GLY D 779 13.67 -3.09 -43.64
C GLY D 779 13.01 -1.85 -44.20
N VAL D 780 12.42 -1.92 -45.39
CA VAL D 780 11.81 -0.73 -45.98
C VAL D 780 10.63 -0.27 -45.13
N LEU D 781 9.77 -1.20 -44.73
CA LEU D 781 8.53 -0.83 -44.07
C LEU D 781 8.77 -0.14 -42.74
N ASP D 782 9.72 -0.62 -41.95
CA ASP D 782 10.04 0.06 -40.71
C ASP D 782 10.56 1.46 -40.98
N LYS D 783 11.32 1.63 -42.06
CA LYS D 783 11.80 2.94 -42.44
C LYS D 783 10.63 3.88 -42.73
N LEU D 784 9.69 3.43 -43.57
CA LEU D 784 8.55 4.26 -43.91
C LEU D 784 7.68 4.55 -42.70
N LYS D 785 7.50 3.57 -41.82
CA LYS D 785 6.72 3.79 -40.61
C LYS D 785 7.37 4.86 -39.75
N SER D 786 8.68 4.78 -39.54
CA SER D 786 9.37 5.82 -38.80
C SER D 786 9.21 7.16 -39.49
N LYS D 787 9.31 7.17 -40.81
CA LYS D 787 9.23 8.41 -41.57
C LYS D 787 7.88 9.10 -41.38
N TRP D 788 6.79 8.34 -41.47
CA TRP D 788 5.46 8.93 -41.44
C TRP D 788 4.83 8.97 -40.06
N TRP D 789 5.47 8.39 -39.04
CA TRP D 789 4.94 8.45 -37.68
C TRP D 789 5.77 9.31 -36.75
N TYR D 790 7.09 9.38 -36.96
CA TYR D 790 7.97 10.15 -36.10
C TYR D 790 8.70 11.26 -36.84
N ASP D 791 9.28 10.97 -38.00
CA ASP D 791 10.03 12.00 -38.72
C ASP D 791 9.12 13.16 -39.09
N LYS D 792 7.92 12.87 -39.58
CA LYS D 792 6.88 13.87 -39.77
C LYS D 792 6.12 14.15 -38.50
N GLY D 793 6.69 13.80 -37.35
CA GLY D 793 6.03 13.99 -36.07
C GLY D 793 6.26 15.37 -35.50
N GLU D 794 5.17 16.12 -35.31
CA GLU D 794 5.29 17.45 -34.73
C GLU D 794 5.83 17.39 -33.32
N CYS D 795 5.39 16.41 -32.53
CA CYS D 795 5.79 16.33 -31.13
C CYS D 795 7.29 16.24 -30.99
N GLY D 796 7.94 15.42 -31.82
CA GLY D 796 9.39 15.34 -31.80
C GLY D 796 9.97 14.91 -30.47
N SER D 797 9.19 14.18 -29.66
CA SER D 797 9.66 13.67 -28.38
C SER D 797 9.95 12.19 -28.49
N LYS D 798 11.16 11.78 -28.10
CA LYS D 798 11.58 10.40 -28.19
C LYS D 798 12.20 9.85 -26.91
N ASP D 799 12.68 10.71 -26.00
CA ASP D 799 13.28 10.24 -24.75
C ASP D 799 12.33 10.46 -23.58
N ASP D 804 13.85 9.82 -15.22
CA ASP D 804 14.37 10.16 -13.90
C ASP D 804 13.28 10.03 -12.85
N LYS D 805 12.98 8.79 -12.45
CA LYS D 805 12.00 8.52 -11.40
C LYS D 805 12.71 8.43 -10.05
N THR D 806 13.47 9.48 -9.73
CA THR D 806 14.25 9.47 -8.50
C THR D 806 13.36 9.64 -7.28
N SER D 807 12.38 10.53 -7.35
CA SER D 807 11.43 10.86 -6.28
C SER D 807 12.07 11.59 -5.11
N ALA D 808 13.37 11.85 -5.15
CA ALA D 808 13.98 12.69 -4.14
C ALA D 808 13.39 14.10 -4.21
N LEU D 809 13.32 14.75 -3.05
CA LEU D 809 12.84 16.13 -3.02
C LEU D 809 13.68 16.99 -3.95
N SER D 810 13.00 17.80 -4.74
CA SER D 810 13.63 18.70 -5.69
C SER D 810 13.51 20.12 -5.19
N LEU D 811 14.37 20.99 -5.73
CA LEU D 811 14.41 22.36 -5.27
C LEU D 811 13.09 23.09 -5.51
N SER D 812 12.24 22.56 -6.40
CA SER D 812 10.94 23.16 -6.63
C SER D 812 9.97 22.87 -5.49
N ASN D 813 10.14 21.73 -4.81
CA ASN D 813 9.25 21.39 -3.72
C ASN D 813 9.37 22.39 -2.57
N VAL D 814 10.60 22.82 -2.28
CA VAL D 814 10.88 23.62 -1.10
C VAL D 814 11.43 24.97 -1.49
N ALA D 815 11.01 25.49 -2.64
CA ALA D 815 11.51 26.78 -3.10
C ALA D 815 10.93 27.94 -2.32
N GLY D 816 9.68 27.82 -1.87
CA GLY D 816 9.05 28.91 -1.17
C GLY D 816 9.81 29.32 0.08
N VAL D 817 10.38 28.33 0.79
CA VAL D 817 11.11 28.66 2.00
C VAL D 817 12.43 29.34 1.67
N PHE D 818 13.05 28.97 0.54
CA PHE D 818 14.24 29.70 0.10
C PHE D 818 13.90 31.16 -0.22
N TYR D 819 12.79 31.39 -0.92
CA TYR D 819 12.39 32.76 -1.21
C TYR D 819 12.11 33.53 0.07
N ILE D 820 11.46 32.87 1.03
CA ILE D 820 11.21 33.49 2.33
C ILE D 820 12.53 33.84 3.00
N LEU D 821 13.52 32.97 2.87
CA LEU D 821 14.82 33.23 3.47
C LEU D 821 15.46 34.48 2.86
N ILE D 822 15.43 34.58 1.54
CA ILE D 822 16.00 35.76 0.89
C ILE D 822 15.26 37.01 1.34
N GLY D 823 13.92 36.93 1.39
CA GLY D 823 13.16 38.09 1.82
C GLY D 823 13.51 38.52 3.23
N GLY D 824 13.65 37.55 4.14
CA GLY D 824 13.98 37.89 5.51
C GLY D 824 15.35 38.51 5.63
N LEU D 825 16.33 37.98 4.90
CA LEU D 825 17.66 38.56 4.93
C LEU D 825 17.65 39.98 4.39
N GLY D 826 16.95 40.21 3.29
CA GLY D 826 16.88 41.55 2.74
C GLY D 826 16.21 42.52 3.71
N LEU D 827 15.12 42.10 4.33
CA LEU D 827 14.46 42.93 5.33
C LEU D 827 15.40 43.23 6.49
N ALA D 828 16.22 42.25 6.88
CA ALA D 828 17.16 42.46 7.97
C ALA D 828 18.18 43.52 7.59
N MET D 829 18.71 43.46 6.37
CA MET D 829 19.65 44.49 5.93
C MET D 829 18.98 45.86 5.92
N LEU D 830 17.73 45.91 5.46
CA LEU D 830 17.02 47.18 5.42
C LEU D 830 16.86 47.76 6.82
N VAL D 831 16.47 46.92 7.78
CA VAL D 831 16.34 47.39 9.15
C VAL D 831 17.69 47.80 9.71
N ALA D 832 18.76 47.15 9.25
CA ALA D 832 20.10 47.55 9.67
C ALA D 832 20.40 48.97 9.22
N LEU D 833 20.10 49.27 7.95
CA LEU D 833 20.29 50.62 7.45
C LEU D 833 19.45 51.61 8.23
N ILE D 834 18.20 51.25 8.54
CA ILE D 834 17.35 52.13 9.34
C ILE D 834 18.00 52.42 10.69
N GLU D 835 18.43 51.37 11.39
CA GLU D 835 19.05 51.56 12.69
C GLU D 835 20.30 52.41 12.59
N PHE D 836 21.05 52.25 11.50
CA PHE D 836 22.25 53.06 11.31
C PHE D 836 21.89 54.54 11.15
N CYS D 837 20.91 54.84 10.29
CA CYS D 837 20.42 56.21 10.20
C CYS D 837 19.88 56.68 11.54
N TYR D 838 19.00 55.89 12.14
CA TYR D 838 18.59 56.11 13.52
C TYR D 838 19.82 56.05 14.42
N LYS D 839 19.64 56.46 15.67
CA LYS D 839 20.74 56.58 16.63
C LYS D 839 21.76 57.61 16.17
N SER D 840 21.31 58.62 15.42
CA SER D 840 22.23 59.63 14.94
C SER D 840 22.85 60.40 16.10
N ARG D 841 22.06 60.74 17.10
CA ARG D 841 22.56 61.46 18.28
C ARG D 841 22.75 60.50 19.44
N VAL E 416 -46.97 -27.31 -19.20
CA VAL E 416 -46.43 -26.79 -17.94
C VAL E 416 -46.53 -25.27 -17.93
N VAL E 417 -47.13 -24.73 -16.86
CA VAL E 417 -47.20 -23.31 -16.63
C VAL E 417 -46.48 -23.01 -15.31
N VAL E 418 -45.49 -22.13 -15.38
CA VAL E 418 -44.62 -21.83 -14.24
C VAL E 418 -45.07 -20.54 -13.59
N THR E 419 -45.32 -20.59 -12.29
CA THR E 419 -45.63 -19.40 -11.52
C THR E 419 -44.37 -18.81 -10.92
N THR E 420 -44.36 -17.49 -10.76
CA THR E 420 -43.26 -16.77 -10.14
C THR E 420 -43.84 -15.58 -9.39
N ILE E 421 -43.00 -14.61 -9.04
CA ILE E 421 -43.45 -13.43 -8.32
C ILE E 421 -42.38 -12.36 -8.47
N LEU E 422 -42.81 -11.11 -8.44
CA LEU E 422 -41.93 -9.96 -8.69
C LEU E 422 -41.06 -9.70 -7.47
N GLU E 423 -39.79 -10.09 -7.55
CA GLU E 423 -38.83 -9.78 -6.50
C GLU E 423 -37.44 -9.84 -7.11
N SER E 424 -36.81 -8.69 -7.29
CA SER E 424 -35.52 -8.65 -7.94
C SER E 424 -34.44 -9.26 -7.05
N PRO E 425 -33.42 -9.88 -7.64
CA PRO E 425 -33.22 -10.19 -9.07
C PRO E 425 -33.87 -11.50 -9.51
N TYR E 426 -34.80 -12.02 -8.71
CA TYR E 426 -35.45 -13.26 -9.09
C TYR E 426 -36.46 -13.04 -10.22
N VAL E 427 -37.21 -11.94 -10.15
CA VAL E 427 -38.11 -11.54 -11.22
C VAL E 427 -37.98 -10.04 -11.44
N MET E 428 -37.71 -9.64 -12.67
CA MET E 428 -37.70 -8.23 -13.04
C MET E 428 -38.12 -8.14 -14.50
N MET E 429 -39.03 -7.21 -14.79
CA MET E 429 -39.43 -6.99 -16.17
C MET E 429 -38.29 -6.38 -16.96
N LYS E 430 -38.09 -6.88 -18.17
CA LYS E 430 -36.95 -6.46 -18.98
C LYS E 430 -37.10 -4.99 -19.38
N LYS E 431 -35.95 -4.35 -19.61
CA LYS E 431 -35.95 -2.96 -20.02
C LYS E 431 -36.68 -2.74 -21.33
N ASN E 432 -36.79 -3.77 -22.17
CA ASN E 432 -37.44 -3.65 -23.47
C ASN E 432 -38.64 -4.57 -23.57
N HIS E 433 -39.50 -4.56 -22.55
CA HIS E 433 -40.69 -5.41 -22.58
C HIS E 433 -41.76 -4.85 -23.50
N GLU E 434 -41.78 -3.54 -23.72
CA GLU E 434 -42.77 -2.96 -24.62
C GLU E 434 -42.57 -3.43 -26.06
N MET E 435 -41.33 -3.74 -26.44
CA MET E 435 -41.00 -4.16 -27.79
C MET E 435 -40.49 -5.59 -27.76
N LEU E 436 -41.05 -6.44 -28.62
CA LEU E 436 -40.65 -7.83 -28.75
C LEU E 436 -40.63 -8.52 -27.40
N GLU E 437 -41.79 -8.46 -26.73
CA GLU E 437 -41.90 -9.00 -25.38
C GLU E 437 -41.64 -10.50 -25.37
N GLY E 438 -42.36 -11.25 -26.20
CA GLY E 438 -42.18 -12.70 -26.25
C GLY E 438 -42.23 -13.30 -24.86
N ASN E 439 -41.28 -14.21 -24.59
CA ASN E 439 -41.08 -14.74 -23.25
C ASN E 439 -40.07 -13.93 -22.46
N GLU E 440 -39.43 -12.94 -23.08
CA GLU E 440 -38.36 -12.18 -22.45
C GLU E 440 -38.86 -10.94 -21.73
N ARG E 441 -40.18 -10.71 -21.69
CA ARG E 441 -40.70 -9.60 -20.90
C ARG E 441 -40.31 -9.73 -19.44
N TYR E 442 -40.12 -10.96 -18.96
CA TYR E 442 -39.68 -11.21 -17.60
C TYR E 442 -38.20 -11.54 -17.59
N GLU E 443 -37.51 -11.12 -16.54
CA GLU E 443 -36.09 -11.43 -16.40
C GLU E 443 -35.76 -11.60 -14.93
N GLY E 444 -34.89 -12.56 -14.64
CA GLY E 444 -34.48 -12.80 -13.27
C GLY E 444 -33.78 -14.13 -13.14
N TYR E 445 -33.24 -14.34 -11.94
CA TYR E 445 -32.57 -15.60 -11.63
C TYR E 445 -33.51 -16.77 -11.80
N CYS E 446 -34.73 -16.64 -11.28
CA CYS E 446 -35.71 -17.71 -11.39
C CYS E 446 -36.02 -18.02 -12.86
N VAL E 447 -35.96 -17.02 -13.73
CA VAL E 447 -36.27 -17.25 -15.14
C VAL E 447 -35.24 -18.18 -15.76
N ASP E 448 -33.96 -17.88 -15.57
CA ASP E 448 -32.92 -18.74 -16.11
C ASP E 448 -32.98 -20.12 -15.48
N LEU E 449 -33.27 -20.19 -14.19
CA LEU E 449 -33.37 -21.48 -13.53
C LEU E 449 -34.50 -22.31 -14.15
N ALA E 450 -35.66 -21.69 -14.35
CA ALA E 450 -36.78 -22.39 -14.95
C ALA E 450 -36.43 -22.88 -16.35
N ALA E 451 -35.74 -22.03 -17.12
CA ALA E 451 -35.30 -22.45 -18.45
C ALA E 451 -34.43 -23.70 -18.35
N GLU E 452 -33.45 -23.67 -17.45
CA GLU E 452 -32.53 -24.81 -17.33
C GLU E 452 -33.26 -26.08 -16.93
N ILE E 453 -34.16 -26.00 -15.95
CA ILE E 453 -34.81 -27.20 -15.46
C ILE E 453 -35.79 -27.74 -16.49
N ALA E 454 -36.52 -26.86 -17.18
CA ALA E 454 -37.41 -27.32 -18.24
C ALA E 454 -36.62 -27.97 -19.36
N LYS E 455 -35.47 -27.39 -19.71
CA LYS E 455 -34.59 -28.02 -20.69
C LYS E 455 -34.19 -29.42 -20.25
N HIS E 456 -33.80 -29.58 -18.98
CA HIS E 456 -33.42 -30.90 -18.48
C HIS E 456 -34.60 -31.87 -18.54
N CYS E 457 -35.77 -31.42 -18.11
CA CYS E 457 -36.97 -32.25 -18.11
C CYS E 457 -37.70 -32.24 -19.44
N GLY E 458 -37.32 -31.37 -20.37
CA GLY E 458 -37.94 -31.35 -21.68
C GLY E 458 -39.40 -30.97 -21.66
N PHE E 459 -39.74 -29.92 -20.92
CA PHE E 459 -41.11 -29.46 -20.78
C PHE E 459 -41.31 -28.13 -21.50
N LYS E 460 -42.56 -27.70 -21.54
CA LYS E 460 -42.96 -26.44 -22.14
C LYS E 460 -43.45 -25.51 -21.05
N TYR E 461 -42.89 -24.30 -20.99
CA TYR E 461 -43.24 -23.33 -19.95
C TYR E 461 -43.49 -21.98 -20.57
N LYS E 462 -44.61 -21.37 -20.18
CA LYS E 462 -44.87 -19.96 -20.45
C LYS E 462 -44.91 -19.25 -19.10
N LEU E 463 -44.02 -18.29 -18.92
CA LEU E 463 -43.90 -17.63 -17.62
C LEU E 463 -45.21 -16.95 -17.26
N THR E 464 -45.59 -17.08 -15.99
CA THR E 464 -46.80 -16.46 -15.47
C THR E 464 -46.51 -15.85 -14.11
N ILE E 465 -47.35 -14.88 -13.74
CA ILE E 465 -47.24 -14.19 -12.48
C ILE E 465 -48.56 -14.36 -11.74
N VAL E 466 -48.49 -14.48 -10.42
CA VAL E 466 -49.69 -14.62 -9.61
C VAL E 466 -50.32 -13.24 -9.43
N GLY E 467 -51.61 -13.14 -9.73
CA GLY E 467 -52.30 -11.86 -9.56
C GLY E 467 -52.19 -11.34 -8.14
N ASP E 468 -52.30 -12.24 -7.16
CA ASP E 468 -52.07 -11.90 -5.76
C ASP E 468 -50.57 -12.01 -5.51
N GLY E 469 -49.89 -10.86 -5.46
CA GLY E 469 -48.46 -10.85 -5.24
C GLY E 469 -48.06 -11.13 -3.80
N LYS E 470 -48.98 -11.72 -3.04
CA LYS E 470 -48.66 -12.16 -1.69
C LYS E 470 -48.12 -13.59 -1.72
N TYR E 471 -47.22 -13.88 -0.79
CA TYR E 471 -46.63 -15.21 -0.71
C TYR E 471 -47.60 -16.18 -0.05
N GLY E 472 -47.34 -17.47 -0.27
CA GLY E 472 -48.23 -18.50 0.20
C GLY E 472 -48.50 -18.46 1.69
N ALA E 473 -49.78 -18.55 2.04
CA ALA E 473 -50.21 -18.59 3.44
C ALA E 473 -51.71 -18.85 3.45
N ARG E 474 -52.19 -19.40 4.57
CA ARG E 474 -53.56 -19.84 4.70
C ARG E 474 -54.26 -19.03 5.78
N ASP E 475 -55.45 -18.52 5.46
CA ASP E 475 -56.25 -17.79 6.44
C ASP E 475 -56.83 -18.76 7.45
N ALA E 476 -56.57 -18.50 8.73
CA ALA E 476 -57.04 -19.40 9.78
C ALA E 476 -58.56 -19.45 9.83
N ASP E 477 -59.21 -18.30 9.74
CA ASP E 477 -60.66 -18.26 9.81
C ASP E 477 -61.32 -18.89 8.59
N THR E 478 -60.57 -19.04 7.49
CA THR E 478 -61.10 -19.62 6.26
C THR E 478 -60.42 -20.93 5.85
N LYS E 479 -59.20 -21.18 6.31
CA LYS E 479 -58.45 -22.36 5.92
C LYS E 479 -58.20 -22.39 4.41
N ILE E 480 -58.02 -21.21 3.81
CA ILE E 480 -57.82 -21.07 2.38
C ILE E 480 -56.48 -20.41 2.14
N TRP E 481 -55.77 -20.88 1.13
CA TRP E 481 -54.41 -20.43 0.86
C TRP E 481 -54.42 -19.18 -0.01
N ASN E 482 -53.44 -18.32 0.22
CA ASN E 482 -53.32 -17.04 -0.47
C ASN E 482 -51.91 -16.92 -1.06
N GLY E 483 -51.79 -17.21 -2.35
CA GLY E 483 -50.55 -17.04 -3.06
C GLY E 483 -50.34 -18.17 -4.04
N MET E 484 -49.06 -18.38 -4.40
CA MET E 484 -48.73 -19.47 -5.32
C MET E 484 -49.14 -20.82 -4.76
N VAL E 485 -49.23 -20.93 -3.43
CA VAL E 485 -49.68 -22.18 -2.84
C VAL E 485 -51.09 -22.50 -3.29
N GLY E 486 -51.96 -21.49 -3.32
CA GLY E 486 -53.29 -21.69 -3.86
C GLY E 486 -53.26 -22.14 -5.31
N GLU E 487 -52.37 -21.54 -6.11
CA GLU E 487 -52.26 -21.95 -7.51
C GLU E 487 -51.88 -23.41 -7.63
N LEU E 488 -50.92 -23.86 -6.82
CA LEU E 488 -50.42 -25.22 -6.95
C LEU E 488 -51.44 -26.23 -6.44
N VAL E 489 -52.06 -25.95 -5.29
CA VAL E 489 -53.02 -26.89 -4.73
C VAL E 489 -54.28 -26.94 -5.58
N TYR E 490 -54.71 -25.80 -6.11
CA TYR E 490 -55.95 -25.73 -6.87
C TYR E 490 -55.76 -25.95 -8.37
N GLY E 491 -54.54 -26.18 -8.82
CA GLY E 491 -54.29 -26.55 -10.19
C GLY E 491 -54.13 -25.42 -11.17
N LYS E 492 -54.36 -24.17 -10.75
CA LYS E 492 -54.17 -23.05 -11.66
C LYS E 492 -52.77 -23.04 -12.25
N ALA E 493 -51.79 -23.48 -11.48
CA ALA E 493 -50.39 -23.51 -11.90
C ALA E 493 -49.83 -24.92 -11.76
N ASP E 494 -48.98 -25.31 -12.71
CA ASP E 494 -48.40 -26.64 -12.70
C ASP E 494 -47.16 -26.73 -11.83
N ILE E 495 -46.49 -25.60 -11.59
CA ILE E 495 -45.22 -25.58 -10.86
C ILE E 495 -44.94 -24.15 -10.46
N ALA E 496 -44.21 -23.98 -9.36
CA ALA E 496 -43.80 -22.67 -8.86
C ALA E 496 -42.29 -22.60 -8.79
N ILE E 497 -41.73 -21.52 -9.33
CA ILE E 497 -40.30 -21.26 -9.30
C ILE E 497 -40.13 -19.82 -8.82
N ALA E 498 -39.95 -19.64 -7.52
CA ALA E 498 -39.86 -18.32 -6.93
C ALA E 498 -39.00 -18.44 -5.68
N PRO E 499 -38.57 -17.31 -5.13
CA PRO E 499 -37.84 -17.37 -3.86
C PRO E 499 -38.76 -17.81 -2.74
N LEU E 500 -39.17 -19.07 -2.80
CA LEU E 500 -40.16 -19.65 -1.90
C LEU E 500 -39.43 -20.54 -0.90
N THR E 501 -39.61 -20.26 0.39
CA THR E 501 -38.89 -20.97 1.43
C THR E 501 -39.61 -22.26 1.80
N ILE E 502 -38.82 -23.31 2.02
CA ILE E 502 -39.38 -24.56 2.51
C ILE E 502 -39.95 -24.35 3.91
N THR E 503 -41.02 -25.06 4.21
CA THR E 503 -41.68 -24.89 5.50
C THR E 503 -42.55 -26.12 5.75
N LEU E 504 -42.89 -26.31 7.02
CA LEU E 504 -43.68 -27.49 7.40
C LEU E 504 -45.08 -27.44 6.81
N VAL E 505 -45.77 -26.31 7.01
CA VAL E 505 -47.18 -26.23 6.63
C VAL E 505 -47.33 -26.36 5.12
N ARG E 506 -46.41 -25.77 4.36
CA ARG E 506 -46.50 -25.81 2.92
C ARG E 506 -46.10 -27.16 2.35
N GLU E 507 -45.22 -27.88 3.05
CA GLU E 507 -44.81 -29.21 2.60
C GLU E 507 -45.93 -30.23 2.77
N GLU E 508 -46.87 -29.98 3.68
CA GLU E 508 -47.97 -30.92 3.90
C GLU E 508 -48.89 -31.01 2.71
N VAL E 509 -48.96 -29.96 1.89
CA VAL E 509 -49.87 -29.90 0.77
C VAL E 509 -49.17 -30.08 -0.58
N ILE E 510 -47.95 -29.57 -0.72
CA ILE E 510 -47.19 -29.71 -1.96
C ILE E 510 -45.89 -30.43 -1.67
N ASP E 511 -45.09 -30.64 -2.70
CA ASP E 511 -43.84 -31.39 -2.60
C ASP E 511 -42.71 -30.51 -3.14
N PHE E 512 -41.94 -29.93 -2.23
CA PHE E 512 -40.80 -29.13 -2.63
C PHE E 512 -39.72 -30.00 -3.25
N SER E 513 -38.66 -29.34 -3.71
CA SER E 513 -37.45 -30.00 -4.16
C SER E 513 -36.33 -29.68 -3.17
N LYS E 514 -35.16 -30.28 -3.42
CA LYS E 514 -34.02 -29.94 -2.61
C LYS E 514 -33.61 -28.49 -2.88
N PRO E 515 -33.15 -27.78 -1.86
CA PRO E 515 -32.87 -26.35 -2.05
C PRO E 515 -31.87 -26.10 -3.15
N PHE E 516 -32.12 -25.03 -3.90
CA PHE E 516 -31.14 -24.49 -4.83
C PHE E 516 -30.44 -23.26 -4.30
N MET E 517 -30.94 -22.69 -3.21
CA MET E 517 -30.38 -21.48 -2.62
C MET E 517 -30.48 -21.61 -1.11
N SER E 518 -29.35 -21.72 -0.44
CA SER E 518 -29.29 -21.80 1.01
C SER E 518 -28.96 -20.43 1.56
N LEU E 519 -29.65 -20.06 2.63
CA LEU E 519 -29.60 -18.70 3.14
C LEU E 519 -29.99 -18.70 4.61
N GLY E 520 -30.24 -17.50 5.14
CA GLY E 520 -30.70 -17.35 6.49
C GLY E 520 -30.67 -15.90 6.89
N ILE E 521 -31.28 -15.62 8.04
CA ILE E 521 -31.31 -14.28 8.60
C ILE E 521 -29.89 -13.77 8.74
N SER E 522 -29.70 -12.47 8.52
CA SER E 522 -28.38 -11.86 8.56
C SER E 522 -28.52 -10.48 9.18
N ILE E 523 -27.46 -9.67 9.04
CA ILE E 523 -27.40 -8.34 9.62
C ILE E 523 -26.95 -7.36 8.56
N MET E 524 -27.52 -6.16 8.58
CA MET E 524 -27.11 -5.08 7.70
C MET E 524 -26.83 -3.84 8.54
N ILE E 525 -25.83 -3.08 8.14
CA ILE E 525 -25.42 -1.87 8.85
C ILE E 525 -24.93 -0.84 7.83
N LYS E 526 -24.80 0.40 8.29
CA LYS E 526 -24.17 1.43 7.47
C LYS E 526 -22.70 1.11 7.29
N LYS E 527 -22.24 1.22 6.06
CA LYS E 527 -20.83 1.01 5.78
C LYS E 527 -20.01 2.03 6.56
N PRO E 528 -19.01 1.59 7.35
CA PRO E 528 -18.22 2.55 8.11
C PRO E 528 -17.53 3.54 7.17
N GLN E 529 -17.46 4.78 7.62
CA GLN E 529 -16.84 5.86 6.85
C GLN E 529 -15.99 6.69 7.79
N LYS E 530 -15.08 7.47 7.21
CA LYS E 530 -14.15 8.26 8.00
C LYS E 530 -14.90 9.01 9.08
N SER E 531 -14.62 8.66 10.34
CA SER E 531 -15.33 9.26 11.46
C SER E 531 -14.96 10.74 11.58
N LYS E 532 -15.89 11.51 12.11
CA LYS E 532 -15.63 12.92 12.35
C LYS E 532 -14.53 13.03 13.40
N PRO E 533 -13.43 13.71 13.13
CA PRO E 533 -12.34 13.77 14.11
C PRO E 533 -12.77 14.56 15.33
N GLY E 534 -12.55 13.98 16.50
CA GLY E 534 -12.91 14.60 17.75
C GLY E 534 -11.77 15.37 18.36
N VAL E 535 -12.11 16.24 19.31
CA VAL E 535 -11.07 16.85 20.11
C VAL E 535 -10.33 15.75 20.86
N PHE E 536 -9.10 16.05 21.23
CA PHE E 536 -8.25 15.11 21.95
C PHE E 536 -7.92 13.88 21.12
N SER E 537 -8.12 13.97 19.80
CA SER E 537 -7.72 12.88 18.92
C SER E 537 -6.21 12.80 18.77
N PHE E 538 -5.49 13.87 19.07
CA PHE E 538 -4.04 13.86 18.94
C PHE E 538 -3.37 12.93 19.93
N LEU E 539 -4.09 12.42 20.92
CA LEU E 539 -3.58 11.40 21.80
C LEU E 539 -3.79 9.99 21.26
N ASP E 540 -4.53 9.85 20.17
CA ASP E 540 -4.85 8.53 19.63
C ASP E 540 -3.62 7.66 19.38
N PRO E 541 -2.54 8.15 18.78
CA PRO E 541 -1.41 7.26 18.48
C PRO E 541 -0.82 6.58 19.69
N LEU E 542 -1.02 7.14 20.88
CA LEU E 542 -0.50 6.54 22.12
C LEU E 542 -1.67 6.18 23.02
N ALA E 543 -1.63 4.96 23.55
CA ALA E 543 -2.67 4.53 24.46
C ALA E 543 -2.66 5.36 25.74
N TYR E 544 -3.85 5.56 26.31
CA TYR E 544 -3.98 6.40 27.49
C TYR E 544 -3.09 5.92 28.62
N GLU E 545 -2.83 4.62 28.69
CA GLU E 545 -1.93 4.10 29.71
C GLU E 545 -0.53 4.64 29.53
N ILE E 546 -0.09 4.79 28.28
CA ILE E 546 1.25 5.33 28.04
C ILE E 546 1.31 6.78 28.51
N TRP E 547 0.27 7.56 28.25
CA TRP E 547 0.25 8.95 28.71
C TRP E 547 0.29 9.01 30.24
N MET E 548 -0.50 8.17 30.90
CA MET E 548 -0.52 8.20 32.36
C MET E 548 0.83 7.80 32.93
N CYS E 549 1.46 6.77 32.35
CA CYS E 549 2.79 6.38 32.79
C CYS E 549 3.81 7.47 32.49
N ILE E 550 3.62 8.21 31.41
CA ILE E 550 4.50 9.34 31.11
C ILE E 550 4.41 10.37 32.22
N VAL E 551 3.19 10.68 32.64
CA VAL E 551 3.01 11.66 33.72
C VAL E 551 3.67 11.16 35.00
N PHE E 552 3.43 9.90 35.33
CA PHE E 552 4.02 9.34 36.55
C PHE E 552 5.54 9.38 36.48
N ALA E 553 6.12 9.05 35.33
CA ALA E 553 7.56 9.09 35.19
C ALA E 553 8.10 10.50 35.31
N TYR E 554 7.38 11.47 34.75
CA TYR E 554 7.77 12.87 34.90
C TYR E 554 7.84 13.25 36.38
N ILE E 555 6.78 12.92 37.12
CA ILE E 555 6.76 13.25 38.54
C ILE E 555 7.90 12.55 39.26
N GLY E 556 8.10 11.26 38.97
CA GLY E 556 9.10 10.49 39.69
C GLY E 556 10.51 10.96 39.42
N VAL E 557 10.82 11.24 38.16
CA VAL E 557 12.17 11.70 37.82
C VAL E 557 12.41 13.07 38.43
N SER E 558 11.41 13.95 38.40
CA SER E 558 11.58 15.25 39.04
C SER E 558 11.85 15.10 40.53
N VAL E 559 11.11 14.21 41.19
CA VAL E 559 11.30 13.98 42.61
C VAL E 559 12.70 13.44 42.88
N VAL E 560 13.14 12.48 42.09
CA VAL E 560 14.45 11.90 42.28
C VAL E 560 15.52 12.96 42.13
N LEU E 561 15.38 13.83 41.12
CA LEU E 561 16.34 14.89 40.93
C LEU E 561 16.37 15.81 42.13
N PHE E 562 15.19 16.19 42.63
CA PHE E 562 15.14 17.05 43.80
C PHE E 562 15.87 16.43 44.98
N LEU E 563 15.54 15.18 45.30
CA LEU E 563 16.19 14.49 46.41
C LEU E 563 17.70 14.46 46.20
N VAL E 564 18.14 13.76 45.15
CA VAL E 564 19.55 13.54 44.89
C VAL E 564 20.33 14.83 44.74
N SER E 565 19.66 15.96 44.52
CA SER E 565 20.36 17.24 44.47
C SER E 565 20.43 17.89 45.83
N ARG E 566 19.40 17.74 46.65
CA ARG E 566 19.46 18.28 48.01
C ARG E 566 20.46 17.52 48.86
N PHE E 567 20.48 16.20 48.75
CA PHE E 567 21.29 15.35 49.62
C PHE E 567 22.67 15.06 49.04
N SER E 568 23.03 15.66 47.91
CA SER E 568 24.34 15.40 47.30
C SER E 568 24.70 16.53 46.34
N PRO E 569 24.83 17.76 46.82
CA PRO E 569 25.14 18.87 45.92
C PRO E 569 26.56 18.79 45.39
N TYR E 570 26.77 19.42 44.24
CA TYR E 570 28.09 19.48 43.62
C TYR E 570 29.01 20.36 44.45
N GLU E 591 20.01 24.72 43.54
CA GLU E 591 19.41 25.18 42.29
C GLU E 591 18.32 24.25 41.82
N PHE E 592 18.52 22.95 42.01
CA PHE E 592 17.59 21.93 41.53
C PHE E 592 16.56 21.60 42.61
N GLY E 593 15.83 22.63 43.01
CA GLY E 593 14.69 22.42 43.88
C GLY E 593 13.61 21.61 43.20
N ILE E 594 12.45 21.50 43.82
CA ILE E 594 11.35 20.74 43.20
C ILE E 594 10.81 21.49 41.99
N PHE E 595 10.63 22.79 42.12
CA PHE E 595 10.05 23.58 41.04
C PHE E 595 10.94 23.56 39.81
N ASN E 596 12.21 23.90 39.97
CA ASN E 596 13.13 23.89 38.84
C ASN E 596 13.36 22.48 38.32
N SER E 597 13.24 21.46 39.18
CA SER E 597 13.35 20.09 38.73
C SER E 597 12.21 19.74 37.78
N LEU E 598 10.98 20.10 38.15
CA LEU E 598 9.85 19.89 37.26
C LEU E 598 10.04 20.67 35.97
N TRP E 599 10.52 21.90 36.06
CA TRP E 599 10.75 22.69 34.87
C TRP E 599 11.77 22.02 33.95
N PHE E 600 12.86 21.52 34.51
CA PHE E 600 13.89 20.87 33.72
C PHE E 600 13.35 19.63 33.03
N SER E 601 12.62 18.81 33.77
CA SER E 601 12.08 17.59 33.17
C SER E 601 11.10 17.92 32.06
N LEU E 602 10.23 18.90 32.27
CA LEU E 602 9.27 19.28 31.25
C LEU E 602 9.97 19.82 30.01
N GLY E 603 10.97 20.68 30.20
CA GLY E 603 11.72 21.18 29.07
C GLY E 603 12.43 20.07 28.30
N ALA E 604 12.94 19.08 29.03
CA ALA E 604 13.59 17.95 28.38
C ALA E 604 12.60 17.15 27.55
N PHE E 605 11.38 16.98 28.05
CA PHE E 605 10.39 16.21 27.30
C PHE E 605 9.99 16.89 26.00
N MET E 606 10.04 18.21 25.94
CA MET E 606 9.65 18.95 24.76
C MET E 606 10.83 19.37 23.89
N ARG E 607 12.03 18.86 24.19
CA ARG E 607 13.23 19.16 23.42
C ARG E 607 13.52 20.65 23.35
N GLN E 608 12.96 21.43 24.27
CA GLN E 608 13.11 22.88 24.25
C GLN E 608 14.31 23.36 25.02
N GLY E 609 15.14 22.45 25.51
CA GLY E 609 16.37 22.84 26.17
C GLY E 609 16.14 23.20 27.62
N CYS E 610 17.24 23.57 28.26
CA CYS E 610 17.27 23.80 29.70
C CYS E 610 18.02 25.09 30.00
N ASP E 611 17.58 25.75 31.08
CA ASP E 611 18.31 26.90 31.60
C ASP E 611 19.44 26.47 32.53
N ILE E 612 19.48 25.20 32.93
CA ILE E 612 20.49 24.70 33.84
C ILE E 612 20.65 23.22 33.55
N SER E 613 21.82 22.67 33.91
CA SER E 613 22.07 21.25 33.75
C SER E 613 22.68 20.70 35.02
N PRO E 614 22.38 19.45 35.37
CA PRO E 614 23.00 18.85 36.56
C PRO E 614 24.51 18.80 36.44
N ARG E 615 25.19 19.00 37.56
CA ARG E 615 26.64 18.94 37.62
C ARG E 615 27.16 17.75 38.40
N SER E 616 26.28 16.98 39.03
CA SER E 616 26.67 15.79 39.77
C SER E 616 26.33 14.54 38.98
N LEU E 617 27.17 13.52 39.14
CA LEU E 617 27.02 12.30 38.35
C LEU E 617 25.61 11.74 38.42
N SER E 618 24.99 11.82 39.60
CA SER E 618 23.64 11.27 39.76
C SER E 618 22.62 12.08 38.96
N GLY E 619 22.65 13.39 39.09
CA GLY E 619 21.76 14.22 38.31
C GLY E 619 21.97 14.04 36.82
N ARG E 620 23.23 13.89 36.42
CA ARG E 620 23.53 13.70 35.01
C ARG E 620 22.99 12.36 34.51
N ILE E 621 23.09 11.32 35.32
CA ILE E 621 22.53 10.02 34.95
C ILE E 621 21.03 10.14 34.76
N VAL E 622 20.36 10.79 35.72
CA VAL E 622 18.91 10.94 35.65
C VAL E 622 18.52 11.72 34.40
N GLY E 623 19.24 12.80 34.13
CA GLY E 623 18.93 13.60 32.96
C GLY E 623 19.11 12.84 31.67
N GLY E 624 20.21 12.11 31.55
CA GLY E 624 20.44 11.34 30.34
C GLY E 624 19.37 10.29 30.10
N VAL E 625 18.97 9.60 31.16
CA VAL E 625 17.94 8.57 31.00
C VAL E 625 16.62 9.19 30.60
N TRP E 626 16.25 10.29 31.26
CA TRP E 626 15.03 11.01 30.88
C TRP E 626 15.09 11.42 29.42
N TRP E 627 16.26 11.89 28.97
CA TRP E 627 16.44 12.31 27.59
C TRP E 627 16.19 11.17 26.61
N PHE E 628 16.78 10.00 26.89
CA PHE E 628 16.55 8.84 26.04
C PHE E 628 15.07 8.50 25.99
N PHE E 629 14.41 8.52 27.15
CA PHE E 629 12.98 8.24 27.21
C PHE E 629 12.21 9.18 26.29
N THR E 630 12.49 10.48 26.39
CA THR E 630 11.77 11.45 25.58
C THR E 630 12.01 11.22 24.11
N LEU E 631 13.26 10.97 23.73
CA LEU E 631 13.57 10.73 22.33
C LEU E 631 12.72 9.59 21.78
N ILE E 632 12.73 8.46 22.46
CA ILE E 632 11.97 7.30 21.99
C ILE E 632 10.50 7.64 21.89
N ILE E 633 9.96 8.32 22.90
CA ILE E 633 8.52 8.55 22.93
C ILE E 633 8.09 9.49 21.82
N ILE E 634 8.83 10.58 21.61
CA ILE E 634 8.48 11.50 20.53
C ILE E 634 8.56 10.80 19.19
N SER E 635 9.63 10.02 18.97
CA SER E 635 9.74 9.33 17.69
C SER E 635 8.58 8.36 17.48
N SER E 636 8.18 7.64 18.52
CA SER E 636 7.08 6.70 18.40
C SER E 636 5.78 7.43 18.09
N TYR E 637 5.52 8.54 18.78
CA TYR E 637 4.32 9.31 18.50
C TYR E 637 4.28 9.75 17.04
N THR E 638 5.38 10.33 16.57
CA THR E 638 5.42 10.80 15.19
C THR E 638 5.21 9.65 14.21
N ALA E 639 5.87 8.52 14.44
CA ALA E 639 5.78 7.40 13.52
C ALA E 639 4.37 6.83 13.46
N ASN E 640 3.75 6.61 14.62
CA ASN E 640 2.41 6.06 14.61
C ASN E 640 1.40 7.04 14.05
N LEU E 641 1.60 8.34 14.25
CA LEU E 641 0.73 9.31 13.59
C LEU E 641 0.87 9.24 12.09
N ALA E 642 2.10 9.10 11.60
CA ALA E 642 2.30 8.93 10.16
C ALA E 642 1.57 7.70 9.65
N ALA E 643 1.65 6.60 10.40
CA ALA E 643 0.93 5.40 10.03
C ALA E 643 -0.57 5.66 9.96
N PHE E 644 -1.12 6.27 11.02
CA PHE E 644 -2.55 6.54 11.05
C PHE E 644 -2.99 7.36 9.86
N LEU E 645 -2.19 8.37 9.49
CA LEU E 645 -2.56 9.25 8.40
C LEU E 645 -2.23 8.67 7.03
N THR E 646 -1.46 7.59 6.96
CA THR E 646 -1.09 7.02 5.68
C THR E 646 -2.11 5.98 5.21
N VAL E 647 -2.43 5.02 6.06
CA VAL E 647 -3.40 3.98 5.76
C VAL E 647 -4.60 4.13 6.68
N GLU E 648 -5.79 4.17 6.10
CA GLU E 648 -7.04 4.25 6.84
C GLU E 648 -7.61 2.85 6.98
N ARG E 649 -7.84 2.42 8.22
CA ARG E 649 -8.56 1.18 8.49
C ARG E 649 -9.77 1.53 9.36
N MET E 650 -10.95 1.37 8.78
CA MET E 650 -12.21 1.58 9.47
C MET E 650 -12.78 0.23 9.85
N VAL E 651 -13.05 0.04 11.14
CA VAL E 651 -13.43 -1.26 11.70
C VAL E 651 -14.91 -1.22 12.03
N SER E 652 -15.58 -2.34 11.76
CA SER E 652 -16.99 -2.47 12.11
C SER E 652 -17.14 -2.56 13.63
N PRO E 653 -18.06 -1.81 14.24
CA PRO E 653 -18.24 -1.95 15.69
C PRO E 653 -18.67 -3.33 16.09
N ILE E 654 -19.41 -4.03 15.23
CA ILE E 654 -19.94 -5.35 15.51
C ILE E 654 -19.46 -6.32 14.44
N GLU E 655 -19.22 -7.56 14.86
CA GLU E 655 -18.76 -8.61 13.95
C GLU E 655 -19.59 -9.88 14.11
N SER E 656 -20.74 -9.79 14.77
CA SER E 656 -21.57 -10.94 15.06
C SER E 656 -22.91 -10.44 15.56
N ALA E 657 -23.75 -11.36 16.03
CA ALA E 657 -25.04 -11.03 16.61
C ALA E 657 -25.00 -11.04 18.13
N GLU E 658 -24.23 -11.94 18.74
CA GLU E 658 -24.03 -11.89 20.19
C GLU E 658 -23.36 -10.59 20.59
N ASP E 659 -22.35 -10.17 19.85
CA ASP E 659 -21.71 -8.88 20.10
C ASP E 659 -22.70 -7.73 19.92
N LEU E 660 -23.74 -7.94 19.12
CA LEU E 660 -24.79 -6.94 18.97
C LEU E 660 -25.73 -6.95 20.17
N SER E 661 -25.98 -8.12 20.75
CA SER E 661 -26.86 -8.20 21.91
C SER E 661 -26.17 -7.70 23.16
N LYS E 662 -24.83 -7.81 23.22
CA LYS E 662 -24.12 -7.39 24.42
C LYS E 662 -24.34 -5.92 24.72
N GLN E 663 -24.31 -5.07 23.70
CA GLN E 663 -24.47 -3.64 23.85
C GLN E 663 -25.87 -3.20 23.44
N THR E 664 -26.20 -1.95 23.76
CA THR E 664 -27.51 -1.40 23.50
C THR E 664 -27.47 -0.05 22.78
N GLU E 665 -26.28 0.43 22.42
CA GLU E 665 -26.19 1.72 21.73
C GLU E 665 -26.91 1.67 20.39
N ILE E 666 -26.74 0.58 19.66
CA ILE E 666 -27.26 0.45 18.30
C ILE E 666 -28.63 -0.20 18.36
N ALA E 667 -29.44 0.07 17.33
CA ALA E 667 -30.80 -0.41 17.25
C ALA E 667 -30.88 -1.71 16.45
N TYR E 668 -32.02 -2.38 16.58
CA TYR E 668 -32.35 -3.54 15.77
C TYR E 668 -33.52 -3.19 14.86
N GLY E 669 -33.81 -4.07 13.92
CA GLY E 669 -34.87 -3.81 12.96
C GLY E 669 -35.39 -5.05 12.27
N THR E 670 -36.72 -5.17 12.20
CA THR E 670 -37.36 -6.26 11.51
C THR E 670 -38.63 -5.78 10.83
N LEU E 671 -38.85 -6.25 9.60
CA LEU E 671 -40.11 -6.01 8.94
C LEU E 671 -41.25 -6.50 9.83
N ASP E 672 -42.30 -5.68 9.94
CA ASP E 672 -43.30 -5.91 10.98
C ASP E 672 -43.98 -7.26 10.79
N SER E 673 -44.36 -7.61 9.57
CA SER E 673 -45.05 -8.86 9.27
C SER E 673 -44.14 -9.68 8.36
N GLY E 674 -43.21 -10.41 8.96
CA GLY E 674 -42.31 -11.25 8.21
C GLY E 674 -41.65 -12.26 9.13
N SER E 675 -41.19 -13.36 8.51
CA SER E 675 -40.83 -14.55 9.26
C SER E 675 -39.77 -14.29 10.32
N THR E 676 -38.95 -13.25 10.14
CA THR E 676 -37.91 -12.96 11.12
C THR E 676 -38.52 -12.62 12.47
N LYS E 677 -39.59 -11.82 12.47
CA LYS E 677 -40.23 -11.45 13.72
C LYS E 677 -40.80 -12.66 14.43
N GLU E 678 -41.47 -13.56 13.69
CA GLU E 678 -41.98 -14.77 14.31
C GLU E 678 -40.84 -15.64 14.83
N PHE E 679 -39.75 -15.75 14.08
CA PHE E 679 -38.64 -16.59 14.51
C PHE E 679 -38.07 -16.07 15.82
N PHE E 680 -37.94 -14.76 15.95
CA PHE E 680 -37.51 -14.20 17.23
C PHE E 680 -38.55 -14.45 18.31
N ARG E 681 -39.83 -14.35 17.96
CA ARG E 681 -40.90 -14.51 18.95
C ARG E 681 -40.90 -15.91 19.54
N ARG E 682 -40.87 -16.94 18.69
CA ARG E 682 -40.97 -18.31 19.14
C ARG E 682 -39.65 -18.89 19.59
N SER E 683 -38.55 -18.13 19.49
CA SER E 683 -37.25 -18.66 19.82
C SER E 683 -37.13 -18.93 21.31
N LYS E 684 -36.15 -19.77 21.65
CA LYS E 684 -35.89 -20.13 23.04
C LYS E 684 -34.41 -20.11 23.36
N ILE E 685 -33.58 -19.57 22.49
CA ILE E 685 -32.15 -19.42 22.74
C ILE E 685 -31.95 -18.09 23.45
N ALA E 686 -30.93 -18.03 24.31
CA ALA E 686 -30.76 -16.88 25.18
C ALA E 686 -30.63 -15.60 24.37
N VAL E 687 -29.75 -15.62 23.36
CA VAL E 687 -29.41 -14.39 22.65
C VAL E 687 -30.62 -13.84 21.91
N PHE E 688 -31.34 -14.71 21.21
CA PHE E 688 -32.47 -14.25 20.42
C PHE E 688 -33.65 -13.85 21.30
N ASP E 689 -33.82 -14.51 22.44
CA ASP E 689 -34.83 -14.06 23.39
C ASP E 689 -34.49 -12.68 23.95
N LYS E 690 -33.21 -12.45 24.23
CA LYS E 690 -32.78 -11.12 24.66
C LYS E 690 -33.07 -10.07 23.60
N MET E 691 -32.77 -10.40 22.34
CA MET E 691 -33.10 -9.49 21.25
C MET E 691 -34.59 -9.22 21.20
N TRP E 692 -35.41 -10.25 21.39
CA TRP E 692 -36.85 -10.05 21.35
C TRP E 692 -37.29 -9.11 22.46
N THR E 693 -36.74 -9.30 23.66
CA THR E 693 -37.08 -8.42 24.77
C THR E 693 -36.71 -6.98 24.44
N TYR E 694 -35.51 -6.77 23.92
CA TYR E 694 -35.10 -5.42 23.54
C TYR E 694 -36.05 -4.83 22.50
N MET E 695 -36.31 -5.57 21.43
CA MET E 695 -37.10 -5.05 20.33
C MET E 695 -38.55 -4.85 20.72
N ARG E 696 -39.01 -5.49 21.80
CA ARG E 696 -40.35 -5.29 22.29
C ARG E 696 -40.43 -4.12 23.26
N SER E 697 -39.38 -3.90 24.05
CA SER E 697 -39.37 -2.86 25.07
C SER E 697 -38.59 -1.62 24.66
N ALA E 698 -38.34 -1.44 23.36
CA ALA E 698 -37.54 -0.32 22.87
C ALA E 698 -38.41 0.64 22.07
N GLU E 699 -38.16 1.93 22.25
CA GLU E 699 -38.83 2.98 21.51
C GLU E 699 -37.80 3.96 20.98
N PRO E 700 -38.08 4.62 19.84
CA PRO E 700 -39.27 4.48 18.99
C PRO E 700 -39.37 3.12 18.32
N SER E 701 -40.43 2.90 17.55
CA SER E 701 -40.70 1.60 16.95
C SER E 701 -39.54 1.15 16.07
N VAL E 702 -38.86 0.09 16.48
CA VAL E 702 -37.78 -0.47 15.66
C VAL E 702 -38.33 -1.06 14.38
N PHE E 703 -39.52 -1.66 14.43
CA PHE E 703 -40.08 -2.34 13.28
C PHE E 703 -40.45 -1.35 12.18
N VAL E 704 -40.54 -1.85 10.96
CA VAL E 704 -40.95 -1.07 9.80
C VAL E 704 -41.98 -1.87 9.02
N ARG E 705 -42.70 -1.17 8.15
CA ARG E 705 -43.68 -1.80 7.27
C ARG E 705 -43.08 -2.33 5.98
N THR E 706 -41.85 -1.94 5.65
CA THR E 706 -41.24 -2.37 4.40
C THR E 706 -39.72 -2.38 4.56
N THR E 707 -39.07 -3.30 3.84
CA THR E 707 -37.62 -3.37 3.87
C THR E 707 -36.99 -2.06 3.42
N ALA E 708 -37.66 -1.34 2.50
CA ALA E 708 -37.12 -0.07 2.05
C ALA E 708 -37.00 0.92 3.19
N GLU E 709 -37.98 0.95 4.09
CA GLU E 709 -37.92 1.83 5.24
C GLU E 709 -36.73 1.48 6.13
N GLY E 710 -36.51 0.19 6.36
CA GLY E 710 -35.40 -0.22 7.20
C GLY E 710 -34.05 0.12 6.59
N VAL E 711 -33.89 -0.12 5.29
CA VAL E 711 -32.63 0.21 4.64
C VAL E 711 -32.41 1.73 4.66
N ALA E 712 -33.48 2.51 4.48
CA ALA E 712 -33.35 3.95 4.56
C ALA E 712 -32.92 4.37 5.96
N ARG E 713 -33.53 3.79 7.00
CA ARG E 713 -33.13 4.10 8.36
C ARG E 713 -31.66 3.78 8.60
N VAL E 714 -31.22 2.63 8.10
CA VAL E 714 -29.81 2.25 8.26
C VAL E 714 -28.91 3.26 7.55
N ARG E 715 -29.28 3.63 6.33
CA ARG E 715 -28.45 4.55 5.55
C ARG E 715 -28.32 5.89 6.24
N LYS E 716 -29.44 6.43 6.75
CA LYS E 716 -29.45 7.77 7.28
C LYS E 716 -29.18 7.84 8.77
N SER E 717 -29.35 6.74 9.50
CA SER E 717 -29.10 6.77 10.94
C SER E 717 -27.63 7.00 11.26
N LYS E 718 -26.74 6.80 10.30
CA LYS E 718 -25.31 7.01 10.50
C LYS E 718 -24.71 5.97 11.44
N GLY E 719 -25.10 4.70 11.24
CA GLY E 719 -24.49 3.59 11.95
C GLY E 719 -25.15 3.21 13.24
N LYS E 720 -26.26 3.82 13.61
CA LYS E 720 -26.96 3.50 14.85
C LYS E 720 -28.13 2.54 14.65
N TYR E 721 -28.35 2.06 13.43
CA TYR E 721 -29.45 1.17 13.12
C TYR E 721 -28.92 -0.07 12.42
N ALA E 722 -29.39 -1.24 12.88
CA ALA E 722 -29.02 -2.52 12.30
C ALA E 722 -30.29 -3.26 11.92
N TYR E 723 -30.39 -3.65 10.65
CA TYR E 723 -31.57 -4.31 10.13
C TYR E 723 -31.31 -5.79 9.94
N LEU E 724 -32.26 -6.61 10.36
CA LEU E 724 -32.17 -8.07 10.26
C LEU E 724 -33.11 -8.54 9.16
N LEU E 725 -32.54 -9.02 8.06
CA LEU E 725 -33.31 -9.49 6.92
C LEU E 725 -32.70 -10.80 6.43
N GLU E 726 -33.14 -11.23 5.25
CA GLU E 726 -32.60 -12.42 4.61
C GLU E 726 -31.31 -12.09 3.88
N SER E 727 -30.40 -13.06 3.87
CA SER E 727 -29.04 -12.80 3.41
C SER E 727 -28.98 -12.48 1.92
N THR E 728 -29.82 -13.12 1.11
CA THR E 728 -29.75 -12.90 -0.33
C THR E 728 -30.08 -11.45 -0.69
N MET E 729 -31.15 -10.91 -0.09
CA MET E 729 -31.48 -9.52 -0.34
C MET E 729 -30.39 -8.59 0.15
N ASN E 730 -29.78 -8.93 1.29
CA ASN E 730 -28.69 -8.09 1.80
C ASN E 730 -27.51 -8.08 0.84
N GLU E 731 -27.16 -9.24 0.29
CA GLU E 731 -26.08 -9.30 -0.68
C GLU E 731 -26.42 -8.52 -1.93
N TYR E 732 -27.68 -8.60 -2.38
CA TYR E 732 -28.08 -7.82 -3.56
C TYR E 732 -27.97 -6.33 -3.28
N ILE E 733 -28.48 -5.89 -2.14
CA ILE E 733 -28.44 -4.48 -1.77
C ILE E 733 -27.00 -3.99 -1.67
N GLU E 734 -26.12 -4.77 -1.05
CA GLU E 734 -24.75 -4.34 -0.86
C GLU E 734 -24.05 -4.06 -2.18
N GLN E 735 -24.54 -4.61 -3.29
CA GLN E 735 -23.96 -4.39 -4.60
C GLN E 735 -24.76 -3.39 -5.43
N ARG E 736 -25.69 -2.66 -4.82
CA ARG E 736 -26.46 -1.63 -5.48
C ARG E 736 -26.04 -0.26 -4.94
N LYS E 737 -25.96 0.72 -5.83
CA LYS E 737 -25.65 2.07 -5.39
C LYS E 737 -26.75 2.56 -4.45
N PRO E 738 -26.41 3.45 -3.50
CA PRO E 738 -25.14 4.14 -3.34
C PRO E 738 -24.05 3.33 -2.64
N CYS E 739 -24.23 2.03 -2.52
CA CYS E 739 -23.22 1.16 -1.91
C CYS E 739 -22.86 1.63 -0.50
N ASP E 740 -23.89 1.90 0.29
CA ASP E 740 -23.73 2.43 1.63
C ASP E 740 -23.87 1.38 2.73
N THR E 741 -24.10 0.12 2.37
CA THR E 741 -24.39 -0.92 3.34
C THR E 741 -23.50 -2.14 3.09
N MET E 742 -23.29 -2.92 4.13
CA MET E 742 -22.69 -4.23 4.01
C MET E 742 -23.48 -5.25 4.78
N LYS E 743 -23.08 -6.51 4.63
CA LYS E 743 -23.53 -7.61 5.46
C LYS E 743 -22.41 -7.99 6.41
N VAL E 744 -22.73 -8.09 7.69
CA VAL E 744 -21.75 -8.38 8.73
C VAL E 744 -22.20 -9.63 9.47
N GLY E 745 -21.25 -10.47 9.81
CA GLY E 745 -21.54 -11.67 10.57
C GLY E 745 -22.06 -12.79 9.71
N GLY E 746 -22.25 -13.94 10.35
CA GLY E 746 -22.76 -15.10 9.67
C GLY E 746 -24.26 -15.05 9.51
N ASN E 747 -24.93 -16.17 9.75
CA ASN E 747 -26.37 -16.25 9.63
C ASN E 747 -26.96 -16.83 10.91
N LEU E 748 -28.08 -16.25 11.33
CA LEU E 748 -28.75 -16.65 12.56
C LEU E 748 -29.63 -17.87 12.39
N ASP E 749 -29.82 -18.35 11.17
CA ASP E 749 -30.72 -19.46 10.90
C ASP E 749 -30.33 -20.08 9.58
N SER E 750 -30.91 -21.26 9.31
CA SER E 750 -30.70 -21.96 8.06
C SER E 750 -32.05 -22.15 7.39
N LYS E 751 -32.14 -21.74 6.13
CA LYS E 751 -33.35 -21.90 5.33
C LYS E 751 -32.94 -22.27 3.92
N GLY E 752 -33.93 -22.53 3.09
CA GLY E 752 -33.66 -22.85 1.70
C GLY E 752 -34.83 -22.53 0.80
N TYR E 753 -34.54 -22.04 -0.40
CA TYR E 753 -35.57 -21.75 -1.38
C TYR E 753 -35.78 -23.00 -2.23
N GLY E 754 -37.03 -23.44 -2.31
CA GLY E 754 -37.33 -24.68 -2.97
C GLY E 754 -38.41 -24.60 -4.02
N ILE E 755 -38.09 -25.07 -5.21
CA ILE E 755 -39.08 -25.31 -6.26
C ILE E 755 -40.20 -26.17 -5.68
N ALA E 756 -41.43 -25.95 -6.14
CA ALA E 756 -42.59 -26.64 -5.63
C ALA E 756 -43.41 -27.21 -6.77
N THR E 757 -44.00 -28.37 -6.53
CA THR E 757 -44.89 -29.02 -7.47
C THR E 757 -46.11 -29.54 -6.71
N PRO E 758 -47.25 -29.67 -7.36
CA PRO E 758 -48.42 -30.23 -6.70
C PRO E 758 -48.21 -31.70 -6.36
N LYS E 759 -48.85 -32.13 -5.28
CA LYS E 759 -48.77 -33.53 -4.88
C LYS E 759 -49.29 -34.43 -6.00
N GLY E 760 -48.58 -35.52 -6.24
CA GLY E 760 -48.96 -36.47 -7.26
C GLY E 760 -48.48 -36.13 -8.65
N SER E 761 -47.67 -35.09 -8.82
CA SER E 761 -47.17 -34.75 -10.14
C SER E 761 -46.07 -35.72 -10.55
N SER E 762 -45.64 -35.58 -11.80
CA SER E 762 -44.50 -36.32 -12.32
C SER E 762 -43.29 -35.44 -12.62
N LEU E 763 -43.46 -34.11 -12.55
CA LEU E 763 -42.33 -33.21 -12.72
C LEU E 763 -41.49 -33.11 -11.46
N GLY E 764 -42.04 -33.49 -10.32
CA GLY E 764 -41.34 -33.31 -9.06
C GLY E 764 -40.02 -34.04 -9.01
N THR E 765 -40.03 -35.32 -9.39
CA THR E 765 -38.79 -36.09 -9.40
C THR E 765 -37.77 -35.55 -10.38
N PRO E 766 -38.12 -35.27 -11.65
CA PRO E 766 -37.12 -34.71 -12.55
C PRO E 766 -36.56 -33.38 -12.08
N VAL E 767 -37.37 -32.52 -11.47
CA VAL E 767 -36.83 -31.25 -10.98
C VAL E 767 -35.93 -31.50 -9.76
N ASN E 768 -36.33 -32.43 -8.90
CA ASN E 768 -35.49 -32.79 -7.76
C ASN E 768 -34.12 -33.25 -8.22
N LEU E 769 -34.06 -34.00 -9.31
CA LEU E 769 -32.77 -34.41 -9.84
C LEU E 769 -32.07 -33.26 -10.56
N ALA E 770 -32.84 -32.36 -11.18
CA ALA E 770 -32.26 -31.30 -11.98
C ALA E 770 -31.54 -30.28 -11.12
N VAL E 771 -32.15 -29.90 -9.99
CA VAL E 771 -31.49 -28.93 -9.11
C VAL E 771 -30.15 -29.47 -8.65
N LEU E 772 -30.09 -30.76 -8.34
CA LEU E 772 -28.84 -31.39 -7.96
C LEU E 772 -27.86 -31.39 -9.13
N LYS E 773 -28.35 -31.65 -10.35
CA LYS E 773 -27.50 -31.56 -11.52
C LYS E 773 -26.82 -30.21 -11.60
N LEU E 774 -27.62 -29.15 -11.52
CA LEU E 774 -27.08 -27.79 -11.63
C LEU E 774 -26.12 -27.49 -10.49
N SER E 775 -26.48 -27.87 -9.26
CA SER E 775 -25.62 -27.58 -8.12
C SER E 775 -24.27 -28.25 -8.27
N GLU E 776 -24.26 -29.53 -8.66
CA GLU E 776 -23.00 -30.24 -8.81
C GLU E 776 -22.17 -29.67 -9.95
N GLN E 777 -22.82 -29.31 -11.07
CA GLN E 777 -22.06 -28.80 -12.20
C GLN E 777 -21.50 -27.41 -11.91
N GLY E 778 -22.34 -26.52 -11.40
CA GLY E 778 -21.89 -25.18 -11.06
C GLY E 778 -22.78 -24.09 -11.62
N VAL E 779 -23.91 -24.47 -12.19
CA VAL E 779 -24.79 -23.48 -12.84
C VAL E 779 -25.30 -22.48 -11.81
N LEU E 780 -25.74 -22.97 -10.65
CA LEU E 780 -26.35 -22.09 -9.67
C LEU E 780 -25.35 -21.06 -9.14
N ASP E 781 -24.11 -21.50 -8.89
CA ASP E 781 -23.09 -20.55 -8.45
C ASP E 781 -22.83 -19.50 -9.51
N LYS E 782 -22.79 -19.91 -10.78
CA LYS E 782 -22.56 -18.94 -11.85
C LYS E 782 -23.70 -17.94 -11.92
N LEU E 783 -24.94 -18.39 -11.80
CA LEU E 783 -26.06 -17.46 -11.78
C LEU E 783 -25.96 -16.52 -10.59
N LYS E 784 -25.60 -17.04 -9.43
CA LYS E 784 -25.43 -16.20 -8.25
C LYS E 784 -24.43 -15.08 -8.53
N ASN E 785 -23.27 -15.44 -9.07
CA ASN E 785 -22.31 -14.42 -9.48
C ASN E 785 -22.94 -13.48 -10.49
N LYS E 786 -23.80 -14.02 -11.35
CA LYS E 786 -24.32 -13.26 -12.49
C LYS E 786 -25.23 -12.14 -12.04
N TRP E 787 -26.20 -12.43 -11.18
CA TRP E 787 -27.16 -11.41 -10.77
C TRP E 787 -26.75 -10.61 -9.54
N TRP E 788 -25.79 -11.09 -8.75
CA TRP E 788 -25.40 -10.42 -7.52
C TRP E 788 -24.05 -9.74 -7.65
N TYR E 789 -22.99 -10.47 -8.01
CA TYR E 789 -21.67 -9.88 -8.09
C TYR E 789 -21.46 -9.16 -9.40
N ASP E 790 -21.55 -9.87 -10.51
CA ASP E 790 -21.64 -9.22 -11.81
C ASP E 790 -22.97 -8.47 -11.89
N LYS E 791 -22.95 -7.36 -12.63
CA LYS E 791 -23.97 -6.34 -12.55
C LYS E 791 -23.86 -5.51 -11.28
N GLY E 792 -22.71 -5.60 -10.61
CA GLY E 792 -22.50 -4.82 -9.40
C GLY E 792 -22.42 -3.34 -9.68
N GLU E 793 -23.46 -2.60 -9.28
CA GLU E 793 -23.38 -1.15 -9.31
C GLU E 793 -22.18 -0.67 -8.51
N CYS E 794 -21.82 -1.40 -7.47
CA CYS E 794 -20.60 -1.16 -6.72
C CYS E 794 -19.44 -1.82 -7.47
N GLY E 795 -18.29 -1.92 -6.79
CA GLY E 795 -17.14 -2.59 -7.37
C GLY E 795 -16.81 -3.87 -6.63
N ALA E 796 -15.53 -4.21 -6.57
CA ALA E 796 -15.08 -5.39 -5.85
C ALA E 796 -14.99 -5.05 -4.36
N LYS E 797 -14.36 -5.93 -3.58
CA LYS E 797 -14.21 -5.67 -2.16
C LYS E 797 -13.45 -4.38 -1.91
N ASP E 798 -12.40 -4.13 -2.69
CA ASP E 798 -11.61 -2.91 -2.61
C ASP E 798 -11.49 -2.33 -4.02
N SER E 799 -12.47 -1.53 -4.42
CA SER E 799 -12.44 -0.93 -5.76
C SER E 799 -11.36 0.15 -5.85
N GLY E 800 -11.11 0.87 -4.76
CA GLY E 800 -10.10 1.91 -4.76
C GLY E 800 -9.18 1.76 -3.55
N SER E 801 -8.03 2.43 -3.65
CA SER E 801 -7.04 2.38 -2.59
C SER E 801 -6.13 3.60 -2.72
N LYS E 802 -5.39 3.86 -1.65
CA LYS E 802 -4.43 4.97 -1.60
C LYS E 802 -5.11 6.29 -1.99
N GLU E 803 -6.28 6.51 -1.41
CA GLU E 803 -7.02 7.74 -1.68
C GLU E 803 -6.17 8.96 -1.34
N LYS E 804 -6.14 9.93 -2.24
CA LYS E 804 -5.32 11.11 -2.07
C LYS E 804 -5.50 11.69 -0.68
N THR E 805 -4.41 11.79 0.07
CA THR E 805 -4.48 12.19 1.46
C THR E 805 -4.95 13.63 1.60
N SER E 806 -5.67 13.89 2.68
CA SER E 806 -6.23 15.20 2.96
C SER E 806 -5.33 15.95 3.95
N ALA E 807 -5.12 17.23 3.67
CA ALA E 807 -4.40 18.08 4.61
C ALA E 807 -5.13 18.15 5.94
N LEU E 808 -4.37 18.18 7.01
CA LEU E 808 -4.98 18.24 8.34
C LEU E 808 -5.81 19.49 8.49
N SER E 809 -6.97 19.34 9.11
CA SER E 809 -7.90 20.43 9.29
C SER E 809 -7.93 20.84 10.77
N LEU E 810 -8.44 22.04 11.01
CA LEU E 810 -8.46 22.58 12.36
C LEU E 810 -9.16 21.65 13.33
N SER E 811 -10.15 20.89 12.86
CA SER E 811 -10.87 19.97 13.72
C SER E 811 -9.96 18.87 14.26
N ASN E 812 -8.86 18.57 13.57
CA ASN E 812 -7.95 17.54 14.06
C ASN E 812 -7.16 18.02 15.26
N VAL E 813 -6.74 19.28 15.26
CA VAL E 813 -5.85 19.81 16.29
C VAL E 813 -6.47 20.99 16.99
N ALA E 814 -7.80 21.00 17.12
CA ALA E 814 -8.46 22.05 17.86
C ALA E 814 -8.32 21.86 19.36
N GLY E 815 -8.21 20.61 19.81
CA GLY E 815 -8.10 20.35 21.23
C GLY E 815 -6.87 20.98 21.84
N VAL E 816 -5.76 20.95 21.11
CA VAL E 816 -4.54 21.54 21.63
C VAL E 816 -4.66 23.07 21.68
N PHE E 817 -5.40 23.67 20.75
CA PHE E 817 -5.71 25.09 20.85
C PHE E 817 -6.52 25.39 22.10
N TYR E 818 -7.54 24.57 22.37
CA TYR E 818 -8.33 24.76 23.57
C TYR E 818 -7.46 24.67 24.81
N ILE E 819 -6.59 23.66 24.85
CA ILE E 819 -5.69 23.47 25.98
C ILE E 819 -4.78 24.68 26.14
N LEU E 820 -4.26 25.20 25.03
CA LEU E 820 -3.40 26.37 25.08
C LEU E 820 -4.12 27.54 25.73
N VAL E 821 -5.32 27.84 25.25
CA VAL E 821 -6.03 29.00 25.76
C VAL E 821 -6.40 28.81 27.22
N GLY E 822 -6.80 27.59 27.59
CA GLY E 822 -7.09 27.31 28.99
C GLY E 822 -5.86 27.52 29.86
N GLY E 823 -4.70 27.09 29.38
CA GLY E 823 -3.47 27.31 30.12
C GLY E 823 -3.16 28.78 30.29
N LEU E 824 -3.38 29.58 29.25
CA LEU E 824 -3.14 31.01 29.37
C LEU E 824 -4.08 31.64 30.40
N GLY E 825 -5.35 31.28 30.36
CA GLY E 825 -6.28 31.78 31.36
C GLY E 825 -5.88 31.38 32.76
N LEU E 826 -5.46 30.13 32.93
CA LEU E 826 -5.01 29.66 34.23
C LEU E 826 -3.78 30.43 34.69
N ALA E 827 -2.88 30.74 33.77
CA ALA E 827 -1.67 31.49 34.12
C ALA E 827 -2.03 32.88 34.62
N MET E 828 -2.92 33.58 33.91
CA MET E 828 -3.33 34.89 34.38
C MET E 828 -4.01 34.80 35.74
N LEU E 829 -4.85 33.79 35.92
CA LEU E 829 -5.53 33.62 37.20
C LEU E 829 -4.53 33.41 38.32
N VAL E 830 -3.52 32.59 38.09
CA VAL E 830 -2.50 32.32 39.11
C VAL E 830 -1.72 33.58 39.41
N ALA E 831 -1.38 34.36 38.38
CA ALA E 831 -0.66 35.60 38.60
C ALA E 831 -1.47 36.55 39.47
N LEU E 832 -2.76 36.69 39.19
CA LEU E 832 -3.59 37.56 39.99
C LEU E 832 -3.70 37.06 41.43
N ILE E 833 -3.81 35.75 41.60
CA ILE E 833 -3.86 35.19 42.96
C ILE E 833 -2.59 35.52 43.72
N GLU E 834 -1.44 35.34 43.08
CA GLU E 834 -0.17 35.68 43.75
C GLU E 834 -0.13 37.17 44.07
N PHE E 835 -0.60 38.00 43.14
CA PHE E 835 -0.64 39.43 43.38
C PHE E 835 -1.41 39.75 44.66
N CYS E 836 -2.63 39.21 44.75
CA CYS E 836 -3.48 39.50 45.90
C CYS E 836 -2.87 38.95 47.19
N TYR E 837 -2.30 37.74 47.12
CA TYR E 837 -1.71 37.14 48.31
C TYR E 837 -0.53 37.95 48.82
N LYS E 838 0.34 38.41 47.92
CA LYS E 838 1.52 39.14 48.35
C LYS E 838 1.17 40.56 48.79
N SER E 839 0.25 41.21 48.09
CA SER E 839 -0.14 42.57 48.48
C SER E 839 -0.87 42.60 49.82
N ARG E 840 -1.39 41.47 50.28
CA ARG E 840 -2.10 41.42 51.54
C ARG E 840 -1.35 40.55 52.55
N ASN F 414 -45.18 -52.47 14.22
CA ASN F 414 -44.91 -52.36 15.65
C ASN F 414 -43.63 -53.11 16.01
N ARG F 415 -42.61 -52.96 15.17
CA ARG F 415 -41.32 -53.59 15.34
C ARG F 415 -40.22 -52.53 15.36
N THR F 416 -38.98 -52.98 15.54
CA THR F 416 -37.85 -52.09 15.63
C THR F 416 -37.28 -51.78 14.25
N TYR F 417 -36.42 -50.76 14.21
CA TYR F 417 -35.81 -50.31 12.97
C TYR F 417 -34.31 -50.21 13.16
N ILE F 418 -33.55 -50.82 12.25
CA ILE F 418 -32.09 -50.89 12.37
C ILE F 418 -31.52 -49.65 11.70
N VAL F 419 -31.41 -48.57 12.46
CA VAL F 419 -30.88 -47.32 11.92
C VAL F 419 -29.36 -47.44 11.81
N THR F 420 -28.83 -47.08 10.66
CA THR F 420 -27.40 -47.10 10.42
C THR F 420 -26.79 -45.74 10.70
N THR F 421 -25.54 -45.76 11.14
CA THR F 421 -24.80 -44.55 11.44
C THR F 421 -23.34 -44.82 11.12
N ILE F 422 -22.47 -43.91 11.55
CA ILE F 422 -21.04 -44.05 11.35
C ILE F 422 -20.33 -43.16 12.35
N LEU F 423 -19.25 -43.67 12.92
CA LEU F 423 -18.54 -42.97 13.98
C LEU F 423 -17.64 -41.92 13.36
N GLU F 424 -18.16 -40.70 13.25
CA GLU F 424 -17.39 -39.55 12.81
C GLU F 424 -17.74 -38.41 13.76
N ASP F 425 -16.81 -38.05 14.64
CA ASP F 425 -17.12 -37.13 15.70
C ASP F 425 -17.45 -35.75 15.14
N PRO F 426 -18.36 -35.00 15.79
CA PRO F 426 -19.16 -35.35 16.97
C PRO F 426 -20.53 -35.91 16.64
N TYR F 427 -20.75 -36.29 15.39
CA TYR F 427 -22.07 -36.77 14.99
C TYR F 427 -22.45 -38.03 15.76
N VAL F 428 -21.53 -38.99 15.83
CA VAL F 428 -21.71 -40.18 16.64
C VAL F 428 -20.41 -40.46 17.37
N MET F 429 -20.51 -40.71 18.67
CA MET F 429 -19.34 -40.89 19.52
C MET F 429 -19.52 -42.14 20.37
N LEU F 430 -18.40 -42.68 20.82
CA LEU F 430 -18.40 -43.78 21.77
C LEU F 430 -18.34 -43.21 23.19
N LYS F 431 -19.24 -43.67 24.03
CA LYS F 431 -19.45 -43.04 25.33
C LYS F 431 -18.18 -43.18 26.18
N LYS F 432 -18.15 -42.39 27.27
CA LYS F 432 -16.98 -42.39 28.15
C LYS F 432 -16.60 -43.81 28.56
N ASN F 433 -17.58 -44.65 28.86
CA ASN F 433 -17.35 -46.04 29.23
C ASN F 433 -18.20 -46.96 28.34
N ALA F 434 -17.56 -47.57 27.35
CA ALA F 434 -18.26 -48.44 26.42
C ALA F 434 -18.62 -49.79 27.04
N ASN F 435 -17.68 -50.38 27.79
CA ASN F 435 -17.88 -51.74 28.29
C ASN F 435 -19.07 -51.84 29.24
N GLN F 436 -19.46 -50.74 29.90
CA GLN F 436 -20.49 -50.83 30.92
C GLN F 436 -21.90 -50.77 30.33
N PHE F 437 -22.09 -50.00 29.26
CA PHE F 437 -23.41 -49.74 28.71
C PHE F 437 -23.71 -50.71 27.58
N GLU F 438 -24.95 -50.65 27.09
CA GLU F 438 -25.40 -51.55 26.04
C GLU F 438 -26.52 -50.88 25.25
N GLY F 439 -26.79 -51.43 24.07
CA GLY F 439 -27.89 -50.97 23.25
C GLY F 439 -27.67 -49.56 22.74
N ASN F 440 -28.78 -48.87 22.48
CA ASN F 440 -28.71 -47.51 21.97
C ASN F 440 -28.00 -46.58 22.95
N ASP F 441 -28.09 -46.86 24.25
CA ASP F 441 -27.50 -46.02 25.27
C ASP F 441 -25.98 -46.15 25.33
N ARG F 442 -25.37 -46.94 24.44
CA ARG F 442 -23.94 -47.10 24.42
C ARG F 442 -23.22 -45.99 23.66
N TYR F 443 -23.93 -45.19 22.88
CA TYR F 443 -23.34 -44.12 22.10
C TYR F 443 -23.89 -42.77 22.55
N GLU F 444 -23.19 -41.72 22.12
CA GLU F 444 -23.64 -40.35 22.32
C GLU F 444 -23.23 -39.54 21.11
N GLY F 445 -23.94 -38.46 20.86
CA GLY F 445 -23.57 -37.54 19.82
C GLY F 445 -24.76 -36.76 19.30
N TYR F 446 -24.51 -36.02 18.23
CA TYR F 446 -25.55 -35.20 17.59
C TYR F 446 -26.60 -36.08 16.96
N CYS F 447 -26.17 -37.07 16.19
CA CYS F 447 -27.09 -37.86 15.38
C CYS F 447 -27.92 -38.80 16.23
N VAL F 448 -27.38 -39.30 17.33
CA VAL F 448 -28.16 -40.17 18.21
C VAL F 448 -29.32 -39.40 18.84
N GLU F 449 -29.04 -38.20 19.33
CA GLU F 449 -30.12 -37.37 19.85
C GLU F 449 -31.12 -37.03 18.76
N LEU F 450 -30.64 -36.69 17.57
CA LEU F 450 -31.55 -36.37 16.48
C LEU F 450 -32.46 -37.54 16.17
N ALA F 451 -31.90 -38.76 16.16
CA ALA F 451 -32.71 -39.95 15.96
C ALA F 451 -33.70 -40.13 17.09
N ALA F 452 -33.30 -39.76 18.31
CA ALA F 452 -34.23 -39.83 19.42
C ALA F 452 -35.45 -38.96 19.17
N GLU F 453 -35.22 -37.70 18.81
CA GLU F 453 -36.36 -36.81 18.57
C GLU F 453 -37.18 -37.28 17.37
N ILE F 454 -36.51 -37.80 16.33
CA ILE F 454 -37.24 -38.28 15.16
C ILE F 454 -38.12 -39.45 15.52
N ALA F 455 -37.61 -40.38 16.32
CA ALA F 455 -38.42 -41.49 16.77
C ALA F 455 -39.59 -41.01 17.63
N LYS F 456 -39.34 -40.01 18.46
CA LYS F 456 -40.43 -39.44 19.26
C LYS F 456 -41.54 -38.90 18.37
N HIS F 457 -41.16 -38.13 17.35
CA HIS F 457 -42.16 -37.47 16.51
C HIS F 457 -42.74 -38.39 15.45
N VAL F 458 -42.15 -39.56 15.23
CA VAL F 458 -42.72 -40.55 14.33
C VAL F 458 -43.30 -41.74 15.10
N GLY F 459 -42.93 -41.94 16.35
CA GLY F 459 -43.49 -43.00 17.15
C GLY F 459 -43.04 -44.39 16.76
N TYR F 460 -41.76 -44.68 16.97
CA TYR F 460 -41.25 -46.03 16.73
C TYR F 460 -39.99 -46.24 17.55
N SER F 461 -39.63 -47.51 17.72
CA SER F 461 -38.42 -47.91 18.43
C SER F 461 -37.34 -48.29 17.43
N TYR F 462 -36.09 -48.04 17.82
CA TYR F 462 -34.96 -48.31 16.94
C TYR F 462 -33.87 -49.03 17.71
N ARG F 463 -33.24 -50.00 17.05
CA ARG F 463 -32.09 -50.73 17.58
C ARG F 463 -30.87 -50.19 16.85
N LEU F 464 -30.17 -49.26 17.49
CA LEU F 464 -29.08 -48.57 16.84
C LEU F 464 -28.05 -49.56 16.29
N GLU F 465 -27.24 -49.08 15.36
CA GLU F 465 -26.34 -49.92 14.60
C GLU F 465 -25.32 -49.04 13.90
N ILE F 466 -24.27 -49.68 13.37
CA ILE F 466 -23.21 -48.97 12.67
C ILE F 466 -22.84 -49.76 11.42
N VAL F 467 -22.31 -49.05 10.43
CA VAL F 467 -21.88 -49.67 9.19
C VAL F 467 -20.50 -50.30 9.40
N SER F 468 -20.38 -51.58 9.07
CA SER F 468 -19.14 -52.30 9.31
C SER F 468 -17.99 -51.72 8.50
N ASP F 469 -18.24 -51.39 7.23
CA ASP F 469 -17.18 -50.88 6.37
C ASP F 469 -16.63 -49.55 6.88
N GLY F 470 -17.35 -48.86 7.76
CA GLY F 470 -16.90 -47.55 8.21
C GLY F 470 -16.74 -46.56 7.09
N LYS F 471 -17.63 -46.61 6.09
CA LYS F 471 -17.52 -45.80 4.90
C LYS F 471 -18.89 -45.28 4.48
N TYR F 472 -18.88 -44.12 3.84
CA TYR F 472 -20.09 -43.54 3.30
C TYR F 472 -20.43 -44.18 1.96
N GLY F 473 -21.64 -43.91 1.49
CA GLY F 473 -22.08 -44.51 0.24
C GLY F 473 -21.15 -44.17 -0.91
N ALA F 474 -20.85 -45.18 -1.73
CA ALA F 474 -20.05 -45.02 -2.92
C ALA F 474 -20.16 -46.29 -3.74
N ARG F 475 -20.20 -46.14 -5.06
CA ARG F 475 -20.44 -47.24 -5.98
C ARG F 475 -19.16 -47.57 -6.73
N ASP F 476 -18.75 -48.83 -6.68
CA ASP F 476 -17.64 -49.31 -7.49
C ASP F 476 -18.10 -49.37 -8.95
N PRO F 477 -17.40 -48.74 -9.89
CA PRO F 477 -17.95 -48.70 -11.27
C PRO F 477 -18.14 -50.08 -11.87
N ASP F 478 -17.08 -50.89 -11.92
CA ASP F 478 -17.20 -52.20 -12.54
C ASP F 478 -18.19 -53.09 -11.79
N THR F 479 -18.01 -53.22 -10.47
CA THR F 479 -18.88 -54.08 -9.69
C THR F 479 -20.30 -53.54 -9.61
N LYS F 480 -20.49 -52.23 -9.80
CA LYS F 480 -21.80 -51.61 -9.74
C LYS F 480 -22.50 -51.93 -8.42
N ALA F 481 -21.74 -51.89 -7.33
CA ALA F 481 -22.25 -52.18 -6.01
C ALA F 481 -21.91 -51.02 -5.08
N TRP F 482 -22.79 -50.80 -4.10
CA TRP F 482 -22.64 -49.69 -3.16
C TRP F 482 -21.81 -50.14 -1.96
N ASN F 483 -20.97 -49.23 -1.46
CA ASN F 483 -20.04 -49.52 -0.38
C ASN F 483 -20.35 -48.59 0.78
N GLY F 484 -21.24 -49.02 1.67
CA GLY F 484 -21.53 -48.27 2.88
C GLY F 484 -23.00 -48.21 3.24
N MET F 485 -23.45 -47.05 3.72
CA MET F 485 -24.81 -46.92 4.21
C MET F 485 -25.82 -47.17 3.10
N VAL F 486 -25.67 -46.50 1.97
CA VAL F 486 -26.60 -46.68 0.87
C VAL F 486 -26.61 -48.14 0.44
N GLY F 487 -25.48 -48.82 0.54
CA GLY F 487 -25.48 -50.26 0.35
C GLY F 487 -26.24 -50.98 1.44
N GLU F 488 -26.13 -50.49 2.68
CA GLU F 488 -26.86 -51.07 3.79
C GLU F 488 -28.36 -50.83 3.70
N LEU F 489 -28.80 -49.97 2.78
CA LEU F 489 -30.20 -49.62 2.63
C LEU F 489 -30.83 -50.21 1.37
N VAL F 490 -30.23 -49.94 0.21
CA VAL F 490 -30.81 -50.38 -1.05
C VAL F 490 -30.94 -51.90 -1.08
N TYR F 491 -30.06 -52.60 -0.36
CA TYR F 491 -30.09 -54.06 -0.30
C TYR F 491 -30.93 -54.58 0.84
N GLY F 492 -31.59 -53.71 1.61
CA GLY F 492 -32.50 -54.12 2.65
C GLY F 492 -31.85 -54.47 3.97
N ARG F 493 -30.53 -54.37 4.09
CA ARG F 493 -29.88 -54.71 5.34
C ARG F 493 -30.33 -53.79 6.47
N ALA F 494 -30.64 -52.53 6.16
CA ALA F 494 -31.07 -51.57 7.16
C ALA F 494 -32.20 -50.72 6.58
N ASP F 495 -32.92 -50.05 7.48
CA ASP F 495 -34.12 -49.32 7.12
C ASP F 495 -33.97 -47.81 7.17
N VAL F 496 -33.00 -47.30 7.90
CA VAL F 496 -32.81 -45.86 8.07
C VAL F 496 -31.33 -45.56 8.13
N ALA F 497 -30.99 -44.29 7.95
CA ALA F 497 -29.62 -43.83 8.00
C ALA F 497 -29.60 -42.41 8.54
N VAL F 498 -28.90 -42.21 9.66
CA VAL F 498 -28.87 -40.95 10.36
C VAL F 498 -27.41 -40.59 10.54
N ALA F 499 -26.84 -39.84 9.61
CA ALA F 499 -25.43 -39.52 9.65
C ALA F 499 -25.18 -38.33 8.73
N PRO F 500 -23.97 -37.79 8.74
CA PRO F 500 -23.62 -36.74 7.78
C PRO F 500 -23.56 -37.28 6.36
N LEU F 501 -24.70 -37.79 5.89
CA LEU F 501 -24.79 -38.42 4.58
C LEU F 501 -25.12 -37.33 3.56
N THR F 502 -24.08 -36.81 2.93
CA THR F 502 -24.25 -35.70 2.01
C THR F 502 -25.24 -36.06 0.92
N ILE F 503 -25.97 -35.05 0.45
CA ILE F 503 -26.93 -35.22 -0.62
C ILE F 503 -26.21 -35.05 -1.95
N THR F 504 -26.35 -36.06 -2.82
CA THR F 504 -25.73 -36.05 -4.12
C THR F 504 -26.72 -36.57 -5.14
N LEU F 505 -26.35 -36.45 -6.41
CA LEU F 505 -27.21 -36.92 -7.49
C LEU F 505 -27.33 -38.43 -7.48
N VAL F 506 -26.20 -39.13 -7.50
CA VAL F 506 -26.22 -40.59 -7.59
C VAL F 506 -26.92 -41.18 -6.37
N ARG F 507 -26.63 -40.66 -5.18
CA ARG F 507 -27.27 -41.17 -3.97
C ARG F 507 -28.78 -40.98 -4.04
N GLU F 508 -29.22 -39.79 -4.47
CA GLU F 508 -30.66 -39.51 -4.52
C GLU F 508 -31.34 -40.31 -5.62
N GLU F 509 -30.60 -40.76 -6.63
CA GLU F 509 -31.19 -41.55 -7.69
C GLU F 509 -31.71 -42.90 -7.20
N VAL F 510 -31.23 -43.38 -6.07
CA VAL F 510 -31.52 -44.75 -5.63
C VAL F 510 -32.18 -44.81 -4.26
N ILE F 511 -32.18 -43.73 -3.49
CA ILE F 511 -32.78 -43.71 -2.16
C ILE F 511 -33.55 -42.40 -1.99
N ASP F 512 -34.17 -42.26 -0.82
CA ASP F 512 -34.99 -41.11 -0.48
C ASP F 512 -34.24 -40.28 0.55
N PHE F 513 -33.90 -39.05 0.18
CA PHE F 513 -33.25 -38.11 1.09
C PHE F 513 -34.29 -37.19 1.71
N SER F 514 -34.24 -37.06 3.02
CA SER F 514 -35.05 -36.05 3.67
C SER F 514 -34.47 -34.67 3.42
N LYS F 515 -35.26 -33.65 3.75
CA LYS F 515 -34.77 -32.29 3.57
C LYS F 515 -33.60 -32.07 4.51
N PRO F 516 -32.65 -31.23 4.12
CA PRO F 516 -31.44 -31.08 4.92
C PRO F 516 -31.74 -30.68 6.35
N PHE F 517 -31.06 -31.32 7.29
CA PHE F 517 -31.07 -30.90 8.66
C PHE F 517 -29.89 -30.01 8.99
N MET F 518 -28.95 -29.88 8.08
CA MET F 518 -27.75 -29.11 8.38
C MET F 518 -26.99 -28.78 7.10
N SER F 519 -26.73 -27.50 6.88
CA SER F 519 -26.09 -27.03 5.67
C SER F 519 -24.63 -26.66 5.96
N LEU F 520 -23.83 -26.72 4.91
CA LEU F 520 -22.38 -26.62 5.05
C LEU F 520 -21.78 -26.36 3.68
N GLY F 521 -20.46 -26.43 3.60
CA GLY F 521 -19.77 -26.26 2.36
C GLY F 521 -18.27 -26.22 2.59
N ILE F 522 -17.54 -26.16 1.48
CA ILE F 522 -16.09 -26.05 1.55
C ILE F 522 -15.72 -24.74 2.23
N SER F 523 -14.67 -24.80 3.06
CA SER F 523 -14.26 -23.66 3.86
C SER F 523 -12.74 -23.62 3.86
N ILE F 524 -12.19 -22.80 4.75
CA ILE F 524 -10.75 -22.60 4.86
C ILE F 524 -10.35 -22.69 6.33
N MET F 525 -9.22 -23.33 6.60
CA MET F 525 -8.64 -23.39 7.92
C MET F 525 -7.20 -22.89 7.86
N ILE F 526 -6.81 -22.10 8.85
CA ILE F 526 -5.48 -21.51 8.93
C ILE F 526 -5.02 -21.56 10.38
N LYS F 527 -3.79 -21.10 10.61
CA LYS F 527 -3.31 -20.92 11.96
C LYS F 527 -3.98 -19.72 12.60
N LYS F 528 -4.52 -19.91 13.80
CA LYS F 528 -5.15 -18.81 14.49
C LYS F 528 -4.13 -17.72 14.75
N PRO F 529 -4.42 -16.46 14.43
CA PRO F 529 -3.43 -15.41 14.69
C PRO F 529 -3.17 -15.27 16.18
N GLN F 530 -1.96 -15.66 16.60
CA GLN F 530 -1.65 -15.69 18.01
C GLN F 530 -1.48 -14.27 18.55
N LYS F 531 -1.89 -14.07 19.79
CA LYS F 531 -1.72 -12.78 20.44
C LYS F 531 -0.25 -12.37 20.36
N SER F 532 0.04 -11.32 19.61
CA SER F 532 1.42 -10.94 19.35
C SER F 532 2.13 -10.58 20.64
N LYS F 533 3.36 -11.09 20.81
CA LYS F 533 4.22 -10.72 21.91
C LYS F 533 5.19 -9.67 21.40
N PRO F 534 4.91 -8.37 21.58
CA PRO F 534 5.74 -7.35 20.91
C PRO F 534 7.21 -7.48 21.24
N GLY F 535 7.55 -7.78 22.49
CA GLY F 535 8.92 -7.99 22.86
C GLY F 535 9.53 -6.80 23.57
N VAL F 536 9.93 -7.01 24.82
CA VAL F 536 10.72 -5.99 25.51
C VAL F 536 11.96 -5.70 24.69
N PHE F 537 12.34 -4.42 24.65
CA PHE F 537 13.45 -3.95 23.83
C PHE F 537 13.15 -4.06 22.35
N SER F 538 11.87 -3.90 21.98
CA SER F 538 11.48 -3.82 20.58
C SER F 538 11.69 -2.44 19.99
N PHE F 539 11.89 -1.42 20.83
CA PHE F 539 12.11 -0.07 20.34
C PHE F 539 13.48 0.10 19.70
N LEU F 540 14.36 -0.89 19.81
CA LEU F 540 15.64 -0.87 19.12
C LEU F 540 15.59 -1.56 17.76
N ASP F 541 14.49 -2.24 17.45
CA ASP F 541 14.43 -3.01 16.22
C ASP F 541 14.72 -2.18 14.97
N PRO F 542 14.25 -0.94 14.85
CA PRO F 542 14.52 -0.17 13.63
C PRO F 542 15.99 -0.06 13.29
N LEU F 543 16.86 -0.07 14.29
CA LEU F 543 18.29 0.03 14.09
C LEU F 543 18.97 -1.22 14.60
N ALA F 544 19.79 -1.84 13.75
CA ALA F 544 20.48 -3.04 14.13
C ALA F 544 21.44 -2.78 15.28
N TYR F 545 21.61 -3.79 16.13
CA TYR F 545 22.41 -3.63 17.34
C TYR F 545 23.83 -3.19 17.02
N GLU F 546 24.32 -3.53 15.83
CA GLU F 546 25.64 -3.06 15.42
C GLU F 546 25.68 -1.53 15.42
N ILE F 547 24.63 -0.91 14.91
CA ILE F 547 24.58 0.55 14.87
C ILE F 547 24.60 1.12 16.27
N TRP F 548 23.83 0.53 17.19
CA TRP F 548 23.77 1.05 18.55
C TRP F 548 25.14 0.97 19.22
N MET F 549 25.79 -0.18 19.12
CA MET F 549 27.09 -0.32 19.78
C MET F 549 28.13 0.59 19.15
N CYS F 550 28.14 0.70 17.82
CA CYS F 550 29.08 1.59 17.19
C CYS F 550 28.77 3.04 17.54
N ILE F 551 27.51 3.36 17.81
CA ILE F 551 27.15 4.68 18.31
C ILE F 551 27.80 4.92 19.65
N VAL F 552 27.73 3.93 20.54
CA VAL F 552 28.34 4.09 21.86
C VAL F 552 29.84 4.32 21.73
N PHE F 553 30.49 3.52 20.89
CA PHE F 553 31.93 3.66 20.71
C PHE F 553 32.29 5.01 20.11
N ALA F 554 31.51 5.48 19.15
CA ALA F 554 31.74 6.79 18.56
C ALA F 554 31.55 7.89 19.60
N TYR F 555 30.57 7.72 20.49
CA TYR F 555 30.36 8.70 21.56
C TYR F 555 31.59 8.78 22.45
N ILE F 556 32.14 7.62 22.83
CA ILE F 556 33.34 7.62 23.66
C ILE F 556 34.49 8.30 22.93
N GLY F 557 34.68 7.97 21.66
CA GLY F 557 35.77 8.55 20.91
C GLY F 557 35.64 10.06 20.77
N VAL F 558 34.43 10.53 20.48
CA VAL F 558 34.19 11.95 20.35
C VAL F 558 34.47 12.67 21.66
N SER F 559 34.00 12.09 22.77
CA SER F 559 34.26 12.71 24.06
C SER F 559 35.74 12.82 24.34
N VAL F 560 36.50 11.75 24.07
CA VAL F 560 37.93 11.79 24.34
C VAL F 560 38.61 12.81 23.45
N VAL F 561 38.26 12.86 22.16
CA VAL F 561 38.88 13.81 21.26
C VAL F 561 38.59 15.23 21.69
N LEU F 562 37.36 15.49 22.14
CA LEU F 562 37.00 16.82 22.62
C LEU F 562 37.83 17.19 23.84
N PHE F 563 37.92 16.29 24.81
CA PHE F 563 38.76 16.52 25.97
C PHE F 563 40.17 16.86 25.55
N LEU F 564 40.73 16.08 24.62
CA LEU F 564 42.09 16.31 24.16
C LEU F 564 42.24 17.69 23.57
N VAL F 565 41.53 17.97 22.48
CA VAL F 565 41.69 19.24 21.78
C VAL F 565 41.28 20.42 22.63
N SER F 566 40.61 20.21 23.75
CA SER F 566 40.25 21.31 24.63
C SER F 566 41.26 21.53 25.76
N ARG F 567 41.98 20.50 26.15
CA ARG F 567 42.91 20.57 27.29
C ARG F 567 44.25 19.95 26.94
N PHE F 568 44.80 20.36 25.80
CA PHE F 568 46.12 19.92 25.37
C PHE F 568 47.17 21.01 25.52
N SER F 569 46.80 22.26 25.30
CA SER F 569 47.73 23.37 25.31
C SER F 569 48.02 23.84 26.73
N PRO F 570 49.18 24.46 26.96
CA PRO F 570 49.45 25.08 28.26
C PRO F 570 48.97 26.52 28.37
N TYR F 571 48.55 27.14 27.27
CA TYR F 571 48.03 28.50 27.34
C TYR F 571 46.85 28.59 28.28
N GLU F 572 45.99 27.57 28.27
CA GLU F 572 44.93 27.50 29.27
C GLU F 572 45.45 27.12 30.64
N TRP F 573 46.65 26.55 30.71
CA TRP F 573 47.26 26.17 31.98
C TRP F 573 48.35 27.17 32.37
N ASN F 591 40.39 24.80 31.11
CA ASN F 591 39.11 25.02 30.45
C ASN F 591 38.01 24.19 31.11
N GLU F 592 36.77 24.47 30.74
CA GLU F 592 35.63 23.77 31.32
C GLU F 592 35.41 22.39 30.71
N PHE F 593 36.01 22.12 29.54
CA PHE F 593 35.78 20.87 28.83
C PHE F 593 36.74 19.80 29.32
N GLY F 594 36.44 19.29 30.52
CA GLY F 594 37.07 18.08 30.98
C GLY F 594 36.44 16.86 30.34
N ILE F 595 36.95 15.69 30.73
CA ILE F 595 36.42 14.46 30.17
C ILE F 595 34.98 14.26 30.57
N PHE F 596 34.65 14.51 31.83
CA PHE F 596 33.28 14.30 32.31
C PHE F 596 32.31 15.21 31.59
N ASN F 597 32.61 16.51 31.54
CA ASN F 597 31.75 17.45 30.86
C ASN F 597 31.73 17.19 29.36
N SER F 598 32.81 16.67 28.80
CA SER F 598 32.80 16.30 27.38
C SER F 598 31.82 15.19 27.12
N LEU F 599 31.81 14.17 27.99
CA LEU F 599 30.84 13.09 27.87
C LEU F 599 29.42 13.63 28.00
N TRP F 600 29.21 14.53 28.95
CA TRP F 600 27.88 15.12 29.13
C TRP F 600 27.45 15.88 27.88
N PHE F 601 28.35 16.67 27.31
CA PHE F 601 28.04 17.44 26.12
C PHE F 601 27.69 16.53 24.96
N SER F 602 28.47 15.46 24.76
CA SER F 602 28.19 14.54 23.67
C SER F 602 26.84 13.85 23.84
N LEU F 603 26.53 13.44 25.07
CA LEU F 603 25.24 12.80 25.32
C LEU F 603 24.09 13.76 25.03
N GLY F 604 24.20 14.98 25.54
CA GLY F 604 23.15 15.96 25.26
C GLY F 604 23.01 16.24 23.79
N ALA F 605 24.13 16.28 23.07
CA ALA F 605 24.07 16.48 21.63
C ALA F 605 23.35 15.34 20.94
N PHE F 606 23.62 14.10 21.35
CA PHE F 606 22.93 12.98 20.72
C PHE F 606 21.43 13.02 21.01
N MET F 607 21.05 13.43 22.21
CA MET F 607 19.62 13.50 22.52
C MET F 607 18.98 14.80 22.08
N GLN F 608 19.69 15.61 21.29
CA GLN F 608 19.12 16.82 20.70
C GLN F 608 18.57 17.76 21.76
N GLN F 609 19.25 17.82 22.90
CA GLN F 609 18.89 18.73 23.98
C GLN F 609 19.84 19.91 24.10
N GLY F 610 21.12 19.65 24.25
CA GLY F 610 22.09 20.71 24.44
C GLY F 610 22.39 20.94 25.91
N CYS F 611 23.60 21.40 26.17
CA CYS F 611 24.09 21.67 27.51
C CYS F 611 24.48 23.13 27.63
N ASP F 612 24.73 23.55 28.87
CA ASP F 612 25.08 24.95 29.12
C ASP F 612 26.38 25.31 28.44
N ILE F 613 27.36 24.42 28.48
CA ILE F 613 28.68 24.69 27.93
C ILE F 613 28.70 24.33 26.46
N SER F 614 29.44 25.12 25.69
CA SER F 614 29.64 24.88 24.27
C SER F 614 31.10 25.16 23.93
N PRO F 615 31.64 24.51 22.92
CA PRO F 615 33.03 24.77 22.53
C PRO F 615 33.21 26.17 22.01
N ARG F 616 34.40 26.72 22.24
CA ARG F 616 34.77 28.04 21.75
C ARG F 616 35.91 28.01 20.75
N SER F 617 36.76 26.99 20.78
CA SER F 617 37.84 26.87 19.83
C SER F 617 37.30 26.37 18.49
N LEU F 618 38.20 26.12 17.55
CA LEU F 618 37.82 25.62 16.24
C LEU F 618 37.78 24.09 16.23
N SER F 619 38.71 23.44 16.93
CA SER F 619 38.70 21.98 16.99
C SER F 619 37.44 21.48 17.67
N GLY F 620 37.13 22.03 18.85
CA GLY F 620 35.93 21.61 19.54
C GLY F 620 34.68 21.84 18.71
N ARG F 621 34.66 22.94 17.96
CA ARG F 621 33.48 23.26 17.17
C ARG F 621 33.35 22.33 15.97
N ILE F 622 34.47 21.96 15.35
CA ILE F 622 34.43 20.97 14.29
C ILE F 622 33.86 19.66 14.83
N VAL F 623 34.38 19.21 15.97
CA VAL F 623 33.92 17.95 16.55
C VAL F 623 32.44 18.02 16.87
N GLY F 624 32.01 19.11 17.49
CA GLY F 624 30.60 19.26 17.81
C GLY F 624 29.72 19.26 16.59
N GLY F 625 30.14 19.94 15.53
CA GLY F 625 29.32 20.01 14.33
C GLY F 625 29.19 18.66 13.65
N VAL F 626 30.29 17.92 13.56
CA VAL F 626 30.22 16.63 12.89
C VAL F 626 29.40 15.64 13.72
N TRP F 627 29.56 15.68 15.04
CA TRP F 627 28.72 14.90 15.93
C TRP F 627 27.24 15.26 15.75
N TRP F 628 26.95 16.55 15.61
CA TRP F 628 25.58 17.00 15.43
C TRP F 628 24.98 16.46 14.14
N PHE F 629 25.75 16.50 13.05
CA PHE F 629 25.28 15.93 11.79
C PHE F 629 24.98 14.45 11.95
N PHE F 630 25.90 13.73 12.60
CA PHE F 630 25.69 12.32 12.86
C PHE F 630 24.37 12.09 13.59
N THR F 631 24.13 12.84 14.65
CA THR F 631 22.90 12.67 15.41
C THR F 631 21.67 12.95 14.57
N LEU F 632 21.70 14.03 13.80
CA LEU F 632 20.57 14.36 12.95
C LEU F 632 20.22 13.18 12.06
N ILE F 633 21.22 12.66 11.35
CA ILE F 633 20.97 11.54 10.43
C ILE F 633 20.42 10.35 11.20
N ILE F 634 21.01 10.03 12.34
CA ILE F 634 20.64 8.81 13.05
C ILE F 634 19.21 8.90 13.58
N ILE F 635 18.86 10.02 14.20
CA ILE F 635 17.51 10.17 14.73
C ILE F 635 16.49 10.15 13.61
N SER F 636 16.77 10.84 12.51
CA SER F 636 15.84 10.82 11.39
C SER F 636 15.66 9.40 10.86
N SER F 637 16.74 8.64 10.76
CA SER F 637 16.66 7.27 10.29
C SER F 637 15.82 6.42 11.22
N TYR F 638 16.02 6.57 12.53
CA TYR F 638 15.23 5.80 13.49
C TYR F 638 13.75 6.09 13.33
N THR F 639 13.40 7.38 13.31
CA THR F 639 12.00 7.76 13.17
C THR F 639 11.40 7.24 11.88
N ALA F 640 12.13 7.37 10.77
CA ALA F 640 11.60 6.97 9.48
C ALA F 640 11.39 5.46 9.40
N ASN F 641 12.39 4.69 9.83
CA ASN F 641 12.25 3.25 9.79
C ASN F 641 11.15 2.77 10.72
N LEU F 642 10.98 3.42 11.88
CA LEU F 642 9.87 3.07 12.75
C LEU F 642 8.54 3.34 12.07
N ALA F 643 8.42 4.49 11.41
CA ALA F 643 7.19 4.79 10.68
C ALA F 643 6.93 3.73 9.63
N ALA F 644 7.97 3.28 8.93
CA ALA F 644 7.80 2.23 7.94
C ALA F 644 7.32 0.93 8.58
N PHE F 645 7.94 0.56 9.70
CA PHE F 645 7.51 -0.65 10.40
C PHE F 645 6.04 -0.59 10.72
N LEU F 646 5.61 0.48 11.37
CA LEU F 646 4.23 0.59 11.79
C LEU F 646 3.29 0.63 10.60
N THR F 647 3.66 1.35 9.54
CA THR F 647 2.80 1.46 8.38
C THR F 647 2.59 0.10 7.71
N VAL F 648 3.68 -0.64 7.48
CA VAL F 648 3.54 -1.94 6.83
C VAL F 648 2.79 -2.92 7.72
N GLU F 649 3.06 -2.86 9.03
CA GLU F 649 2.26 -3.66 9.95
C GLU F 649 0.81 -3.22 9.99
N ARG F 650 0.52 -2.04 9.43
CA ARG F 650 -0.83 -1.49 9.45
C ARG F 650 -1.59 -1.73 8.17
N MET F 651 -0.94 -2.16 7.09
CA MET F 651 -1.62 -2.47 5.85
C MET F 651 -1.77 -3.96 5.61
N VAL F 652 -1.32 -4.81 6.53
CA VAL F 652 -1.44 -6.25 6.32
C VAL F 652 -2.92 -6.61 6.27
N SER F 653 -3.29 -7.40 5.26
CA SER F 653 -4.67 -7.81 5.07
C SER F 653 -4.75 -9.33 5.06
N PRO F 654 -5.29 -9.97 6.10
CA PRO F 654 -5.52 -11.42 6.01
C PRO F 654 -6.49 -11.73 4.87
N ILE F 655 -6.36 -12.96 4.35
CA ILE F 655 -7.06 -13.31 3.12
C ILE F 655 -8.56 -13.08 3.26
N GLU F 656 -9.14 -13.57 4.35
CA GLU F 656 -10.57 -13.40 4.65
C GLU F 656 -11.48 -13.93 3.55
N SER F 657 -10.93 -14.63 2.56
CA SER F 657 -11.71 -15.10 1.41
C SER F 657 -10.82 -16.02 0.58
N ALA F 658 -11.34 -16.44 -0.57
CA ALA F 658 -10.60 -17.27 -1.51
C ALA F 658 -9.90 -16.45 -2.59
N GLU F 659 -10.53 -15.37 -3.04
CA GLU F 659 -9.88 -14.47 -3.99
C GLU F 659 -8.53 -14.01 -3.45
N ASP F 660 -8.52 -13.55 -2.19
CA ASP F 660 -7.26 -13.21 -1.56
C ASP F 660 -6.31 -14.39 -1.52
N LEU F 661 -6.85 -15.60 -1.34
CA LEU F 661 -6.03 -16.81 -1.37
C LEU F 661 -5.67 -17.23 -2.78
N ALA F 662 -6.45 -16.81 -3.78
CA ALA F 662 -6.19 -17.23 -5.15
C ALA F 662 -5.12 -16.36 -5.81
N LYS F 663 -5.32 -15.03 -5.79
CA LYS F 663 -4.38 -14.15 -6.47
C LYS F 663 -2.99 -14.23 -5.86
N GLN F 664 -2.91 -14.28 -4.53
CA GLN F 664 -1.63 -14.47 -3.88
C GLN F 664 -1.10 -15.88 -4.14
N THR F 665 0.19 -16.06 -3.92
CA THR F 665 0.84 -17.34 -4.14
C THR F 665 1.82 -17.73 -3.04
N GLU F 666 2.02 -16.88 -2.02
CA GLU F 666 2.96 -17.21 -0.96
C GLU F 666 2.41 -18.27 -0.02
N ILE F 667 1.11 -18.22 0.26
CA ILE F 667 0.48 -19.14 1.19
C ILE F 667 0.06 -20.39 0.42
N ALA F 668 0.26 -21.54 1.05
CA ALA F 668 -0.08 -22.83 0.44
C ALA F 668 -1.47 -23.24 0.87
N TYR F 669 -2.29 -23.67 -0.09
CA TYR F 669 -3.66 -24.08 0.16
C TYR F 669 -3.88 -25.46 -0.46
N GLY F 670 -3.90 -26.50 0.39
CA GLY F 670 -4.08 -27.85 -0.05
C GLY F 670 -5.38 -28.47 0.43
N THR F 671 -5.59 -29.72 0.02
CA THR F 671 -6.81 -30.45 0.30
C THR F 671 -6.44 -31.89 0.62
N LEU F 672 -7.44 -32.77 0.55
CA LEU F 672 -7.19 -34.21 0.62
C LEU F 672 -6.76 -34.72 -0.75
N GLU F 673 -6.00 -35.82 -0.74
CA GLU F 673 -5.58 -36.43 -1.99
C GLU F 673 -6.79 -36.86 -2.82
N ALA F 674 -7.76 -37.51 -2.17
CA ALA F 674 -8.97 -37.95 -2.84
C ALA F 674 -10.17 -37.61 -1.96
N GLY F 675 -11.30 -37.39 -2.61
CA GLY F 675 -12.52 -37.02 -1.92
C GLY F 675 -13.41 -36.21 -2.83
N SER F 676 -14.31 -35.45 -2.20
CA SER F 676 -15.24 -34.60 -2.93
C SER F 676 -14.67 -33.22 -3.20
N THR F 677 -13.71 -32.76 -2.40
CA THR F 677 -13.10 -31.46 -2.66
C THR F 677 -12.27 -31.50 -3.95
N LYS F 678 -11.48 -32.56 -4.12
CA LYS F 678 -10.70 -32.69 -5.35
C LYS F 678 -11.64 -32.78 -6.55
N GLU F 679 -12.75 -33.50 -6.41
CA GLU F 679 -13.72 -33.57 -7.50
C GLU F 679 -14.31 -32.20 -7.79
N PHE F 680 -14.64 -31.44 -6.75
CA PHE F 680 -15.24 -30.12 -6.93
C PHE F 680 -14.28 -29.21 -7.66
N PHE F 681 -12.99 -29.30 -7.34
CA PHE F 681 -12.01 -28.47 -8.04
C PHE F 681 -11.79 -28.95 -9.47
N ARG F 682 -11.71 -30.27 -9.68
CA ARG F 682 -11.56 -30.80 -11.02
C ARG F 682 -12.70 -30.33 -11.93
N ARG F 683 -13.93 -30.67 -11.58
CA ARG F 683 -15.09 -30.28 -12.36
C ARG F 683 -15.40 -28.81 -12.25
N SER F 684 -14.55 -28.02 -11.60
CA SER F 684 -14.83 -26.60 -11.41
C SER F 684 -14.80 -25.88 -12.75
N LYS F 685 -15.87 -25.15 -13.05
CA LYS F 685 -15.97 -24.36 -14.26
C LYS F 685 -15.78 -22.87 -14.00
N ILE F 686 -15.25 -22.52 -12.83
CA ILE F 686 -15.03 -21.13 -12.44
C ILE F 686 -13.54 -20.86 -12.37
N ALA F 687 -13.17 -19.61 -12.65
CA ALA F 687 -11.76 -19.26 -12.79
C ALA F 687 -11.00 -19.43 -11.50
N VAL F 688 -11.59 -19.02 -10.37
CA VAL F 688 -10.85 -19.02 -9.10
C VAL F 688 -10.48 -20.44 -8.72
N PHE F 689 -11.46 -21.35 -8.77
CA PHE F 689 -11.21 -22.73 -8.38
C PHE F 689 -10.42 -23.47 -9.44
N GLU F 690 -10.54 -23.07 -10.72
CA GLU F 690 -9.66 -23.61 -11.73
C GLU F 690 -8.20 -23.25 -11.42
N LYS F 691 -7.96 -22.01 -11.00
CA LYS F 691 -6.61 -21.61 -10.62
C LYS F 691 -6.14 -22.38 -9.39
N MET F 692 -7.03 -22.58 -8.42
CA MET F 692 -6.67 -23.37 -7.26
C MET F 692 -6.28 -24.79 -7.65
N TRP F 693 -7.03 -25.37 -8.59
CA TRP F 693 -6.73 -26.71 -9.06
C TRP F 693 -5.40 -26.75 -9.81
N THR F 694 -5.14 -25.73 -10.63
CA THR F 694 -3.86 -25.67 -11.33
C THR F 694 -2.71 -25.60 -10.35
N TYR F 695 -2.84 -24.76 -9.32
CA TYR F 695 -1.81 -24.69 -8.29
C TYR F 695 -1.63 -26.03 -7.60
N MET F 696 -2.74 -26.69 -7.24
CA MET F 696 -2.64 -27.94 -6.51
C MET F 696 -1.96 -29.01 -7.35
N LYS F 697 -2.31 -29.09 -8.64
CA LYS F 697 -1.63 -30.03 -9.53
C LYS F 697 -0.16 -29.68 -9.66
N SER F 698 0.15 -28.40 -9.80
CA SER F 698 1.53 -27.92 -9.87
C SER F 698 2.03 -27.58 -8.46
N ALA F 699 2.03 -28.60 -7.61
CA ALA F 699 2.37 -28.45 -6.20
C ALA F 699 3.78 -28.96 -5.96
N GLU F 700 4.61 -28.12 -5.33
CA GLU F 700 5.99 -28.47 -5.03
C GLU F 700 6.32 -27.92 -3.64
N PRO F 701 6.30 -28.77 -2.60
CA PRO F 701 5.98 -30.20 -2.63
C PRO F 701 4.48 -30.46 -2.80
N SER F 702 4.05 -31.70 -2.57
CA SER F 702 2.63 -32.05 -2.72
C SER F 702 1.84 -31.41 -1.60
N VAL F 703 0.95 -30.48 -1.94
CA VAL F 703 0.14 -29.83 -0.93
C VAL F 703 -0.88 -30.80 -0.35
N PHE F 704 -1.42 -31.69 -1.18
CA PHE F 704 -2.44 -32.61 -0.71
C PHE F 704 -1.93 -33.44 0.46
N VAL F 705 -2.87 -33.89 1.30
CA VAL F 705 -2.58 -34.79 2.40
C VAL F 705 -3.65 -35.87 2.40
N ARG F 706 -3.44 -36.88 3.25
CA ARG F 706 -4.25 -38.09 3.23
C ARG F 706 -5.35 -38.11 4.26
N THR F 707 -5.17 -37.46 5.42
CA THR F 707 -6.19 -37.41 6.45
C THR F 707 -6.32 -35.99 6.96
N THR F 708 -7.53 -35.66 7.44
CA THR F 708 -7.75 -34.34 8.02
C THR F 708 -6.83 -34.09 9.21
N GLU F 709 -6.44 -35.15 9.92
CA GLU F 709 -5.42 -34.99 10.95
C GLU F 709 -4.11 -34.50 10.34
N GLU F 710 -3.75 -35.04 9.18
CA GLU F 710 -2.51 -34.62 8.52
C GLU F 710 -2.57 -33.15 8.16
N GLY F 711 -3.68 -32.71 7.57
CA GLY F 711 -3.82 -31.30 7.25
C GLY F 711 -3.81 -30.42 8.48
N MET F 712 -4.48 -30.85 9.54
CA MET F 712 -4.51 -30.06 10.77
C MET F 712 -3.11 -29.89 11.33
N ILE F 713 -2.33 -30.97 11.38
CA ILE F 713 -0.98 -30.86 11.92
C ILE F 713 -0.09 -30.03 10.99
N ARG F 714 -0.28 -30.18 9.67
CA ARG F 714 0.55 -29.44 8.73
C ARG F 714 0.31 -27.95 8.86
N VAL F 715 -0.96 -27.53 8.99
CA VAL F 715 -1.25 -26.12 9.18
C VAL F 715 -0.77 -25.66 10.56
N ARG F 716 -0.90 -26.51 11.57
CA ARG F 716 -0.48 -26.14 12.91
C ARG F 716 1.01 -25.83 12.94
N LYS F 717 1.81 -26.64 12.25
CA LYS F 717 3.26 -26.49 12.28
C LYS F 717 3.81 -25.53 11.23
N SER F 718 3.08 -25.32 10.13
CA SER F 718 3.60 -24.49 9.04
C SER F 718 3.62 -23.00 9.39
N LYS F 719 3.02 -22.60 10.51
CA LYS F 719 3.06 -21.21 10.95
C LYS F 719 2.49 -20.27 9.88
N GLY F 720 1.32 -20.61 9.36
CA GLY F 720 0.58 -19.75 8.48
C GLY F 720 0.97 -19.83 7.02
N LYS F 721 1.99 -20.60 6.67
CA LYS F 721 2.36 -20.78 5.29
C LYS F 721 1.47 -21.78 4.56
N TYR F 722 0.55 -22.41 5.27
CA TYR F 722 -0.31 -23.44 4.71
C TYR F 722 -1.77 -23.15 5.05
N ALA F 723 -2.65 -23.53 4.14
CA ALA F 723 -4.09 -23.45 4.34
C ALA F 723 -4.72 -24.77 3.94
N TYR F 724 -5.79 -25.14 4.63
CA TYR F 724 -6.46 -26.42 4.43
C TYR F 724 -7.93 -26.18 4.12
N LEU F 725 -8.42 -26.86 3.09
CA LEU F 725 -9.81 -26.77 2.66
C LEU F 725 -10.54 -28.04 3.07
N LEU F 726 -11.70 -27.89 3.70
CA LEU F 726 -12.44 -29.04 4.21
C LEU F 726 -13.87 -28.60 4.50
N GLU F 727 -14.70 -29.58 4.84
CA GLU F 727 -16.06 -29.29 5.23
C GLU F 727 -16.06 -28.33 6.43
N SER F 728 -16.92 -27.31 6.35
CA SER F 728 -16.94 -26.29 7.37
C SER F 728 -17.15 -26.87 8.76
N THR F 729 -17.93 -27.94 8.86
CA THR F 729 -18.30 -28.47 10.16
C THR F 729 -17.09 -28.98 10.92
N MET F 730 -16.24 -29.76 10.25
CA MET F 730 -14.99 -30.19 10.87
C MET F 730 -14.13 -28.99 11.22
N ASN F 731 -14.18 -27.93 10.41
CA ASN F 731 -13.41 -26.74 10.72
C ASN F 731 -13.85 -26.14 12.05
N GLU F 732 -15.16 -26.05 12.26
CA GLU F 732 -15.67 -25.49 13.51
C GLU F 732 -15.33 -26.39 14.69
N TYR F 733 -15.57 -27.69 14.55
CA TYR F 733 -15.23 -28.62 15.62
C TYR F 733 -13.76 -28.49 16.00
N ILE F 734 -12.87 -28.52 15.01
CA ILE F 734 -11.44 -28.42 15.26
C ILE F 734 -11.12 -27.09 15.93
N GLU F 735 -11.68 -26.01 15.43
CA GLU F 735 -11.47 -24.70 16.05
C GLU F 735 -11.95 -24.70 17.49
N GLN F 736 -12.85 -25.62 17.85
CA GLN F 736 -13.29 -25.79 19.23
C GLN F 736 -12.65 -27.02 19.88
N ARG F 737 -11.40 -27.32 19.52
CA ARG F 737 -10.68 -28.46 20.08
C ARG F 737 -9.36 -27.99 20.68
N LYS F 738 -8.81 -28.82 21.57
CA LYS F 738 -7.51 -28.59 22.18
C LYS F 738 -6.42 -29.26 21.34
N PRO F 739 -5.39 -28.53 20.89
CA PRO F 739 -5.18 -27.10 21.11
C PRO F 739 -6.06 -26.22 20.26
N CYS F 740 -6.48 -25.08 20.81
CA CYS F 740 -7.37 -24.15 20.12
C CYS F 740 -6.53 -23.12 19.36
N ASP F 741 -5.88 -23.61 18.30
CA ASP F 741 -4.95 -22.81 17.52
C ASP F 741 -5.24 -22.91 16.02
N THR F 742 -6.50 -23.03 15.65
CA THR F 742 -6.92 -23.00 14.26
C THR F 742 -8.10 -22.06 14.09
N MET F 743 -8.20 -21.45 12.92
CA MET F 743 -9.22 -20.47 12.63
C MET F 743 -9.89 -20.79 11.30
N LYS F 744 -11.16 -20.44 11.21
CA LYS F 744 -11.93 -20.54 9.98
C LYS F 744 -12.15 -19.14 9.43
N VAL F 745 -11.91 -18.96 8.14
CA VAL F 745 -12.01 -17.67 7.49
C VAL F 745 -12.89 -17.80 6.25
N GLY F 746 -13.73 -16.80 6.04
CA GLY F 746 -14.50 -16.74 4.81
C GLY F 746 -15.77 -17.56 4.85
N GLY F 747 -16.72 -17.16 4.02
CA GLY F 747 -17.92 -17.94 3.87
C GLY F 747 -17.66 -19.20 3.08
N ASN F 748 -18.61 -20.14 3.19
CA ASN F 748 -18.46 -21.41 2.51
C ASN F 748 -18.38 -21.19 1.01
N LEU F 749 -17.37 -21.81 0.38
CA LEU F 749 -17.18 -21.64 -1.05
C LEU F 749 -18.38 -22.15 -1.84
N ASP F 750 -18.88 -23.33 -1.48
CA ASP F 750 -20.02 -23.96 -2.13
C ASP F 750 -21.14 -24.14 -1.12
N SER F 751 -22.19 -24.84 -1.55
CA SER F 751 -23.33 -25.14 -0.72
C SER F 751 -23.68 -26.61 -0.87
N LYS F 752 -23.93 -27.28 0.25
CA LYS F 752 -24.25 -28.70 0.25
C LYS F 752 -25.26 -28.96 1.36
N GLY F 753 -25.52 -30.23 1.63
CA GLY F 753 -26.46 -30.57 2.68
C GLY F 753 -26.42 -32.02 3.11
N TYR F 754 -26.47 -32.23 4.41
CA TYR F 754 -26.65 -33.56 4.97
C TYR F 754 -28.13 -33.83 5.15
N GLY F 755 -28.49 -35.10 5.23
CA GLY F 755 -29.89 -35.46 5.33
C GLY F 755 -30.09 -36.88 5.79
N ILE F 756 -31.25 -37.12 6.39
CA ILE F 756 -31.66 -38.46 6.77
C ILE F 756 -32.11 -39.21 5.52
N ALA F 757 -31.58 -40.41 5.34
CA ALA F 757 -31.83 -41.22 4.15
C ALA F 757 -32.74 -42.39 4.49
N THR F 758 -33.45 -42.85 3.47
CA THR F 758 -34.34 -44.00 3.59
C THR F 758 -34.38 -44.70 2.25
N PRO F 759 -34.79 -45.97 2.22
CA PRO F 759 -34.84 -46.70 0.95
C PRO F 759 -35.94 -46.17 0.04
N LYS F 760 -35.75 -46.39 -1.26
CA LYS F 760 -36.78 -46.06 -2.22
C LYS F 760 -38.07 -46.79 -1.88
N GLY F 761 -39.18 -46.08 -1.93
CA GLY F 761 -40.48 -46.68 -1.67
C GLY F 761 -40.67 -47.16 -0.25
N SER F 762 -40.29 -46.37 0.74
CA SER F 762 -40.51 -46.69 2.13
C SER F 762 -41.73 -45.95 2.65
N ALA F 763 -42.05 -46.17 3.91
CA ALA F 763 -43.15 -45.48 4.60
C ALA F 763 -42.64 -44.46 5.60
N LEU F 764 -41.37 -44.06 5.51
CA LEU F 764 -40.77 -43.13 6.46
C LEU F 764 -40.47 -41.76 5.89
N ARG F 765 -40.37 -41.63 4.56
CA ARG F 765 -39.90 -40.38 3.98
C ARG F 765 -40.79 -39.21 4.40
N GLY F 766 -42.10 -39.40 4.34
CA GLY F 766 -43.03 -38.36 4.69
C GLY F 766 -42.82 -37.87 6.11
N PRO F 767 -43.08 -38.76 7.08
CA PRO F 767 -42.93 -38.37 8.49
C PRO F 767 -41.55 -37.92 8.86
N VAL F 768 -40.50 -38.52 8.31
CA VAL F 768 -39.16 -38.11 8.68
C VAL F 768 -38.89 -36.69 8.18
N ASN F 769 -39.31 -36.39 6.95
CA ASN F 769 -39.15 -35.03 6.44
C ASN F 769 -39.94 -34.04 7.27
N LEU F 770 -41.18 -34.38 7.62
CA LEU F 770 -41.97 -33.49 8.46
C LEU F 770 -41.27 -33.24 9.79
N ALA F 771 -40.71 -34.29 10.38
CA ALA F 771 -40.05 -34.13 11.66
C ALA F 771 -38.82 -33.24 11.55
N VAL F 772 -38.03 -33.42 10.50
CA VAL F 772 -36.84 -32.59 10.33
C VAL F 772 -37.23 -31.13 10.19
N LEU F 773 -38.25 -30.87 9.36
CA LEU F 773 -38.68 -29.48 9.18
C LEU F 773 -39.20 -28.90 10.48
N LYS F 774 -40.00 -29.67 11.21
CA LYS F 774 -40.52 -29.19 12.49
C LYS F 774 -39.40 -28.87 13.45
N LEU F 775 -38.42 -29.77 13.55
CA LEU F 775 -37.33 -29.59 14.49
C LEU F 775 -36.53 -28.35 14.15
N SER F 776 -36.23 -28.15 12.86
CA SER F 776 -35.49 -26.96 12.48
C SER F 776 -36.30 -25.69 12.73
N GLU F 777 -37.61 -25.74 12.45
CA GLU F 777 -38.44 -24.56 12.65
C GLU F 777 -38.50 -24.17 14.13
N GLN F 778 -38.60 -25.15 15.01
CA GLN F 778 -38.67 -24.89 16.44
C GLN F 778 -37.29 -24.83 17.10
N GLY F 779 -36.21 -24.89 16.31
CA GLY F 779 -34.90 -24.53 16.80
C GLY F 779 -34.11 -25.62 17.50
N VAL F 780 -34.55 -26.87 17.41
CA VAL F 780 -33.84 -27.95 18.11
C VAL F 780 -32.43 -28.11 17.55
N LEU F 781 -32.30 -28.13 16.23
CA LEU F 781 -31.03 -28.45 15.61
C LEU F 781 -29.95 -27.43 15.95
N ASP F 782 -30.30 -26.15 15.94
CA ASP F 782 -29.32 -25.14 16.33
C ASP F 782 -28.90 -25.34 17.77
N LYS F 783 -29.84 -25.73 18.62
CA LYS F 783 -29.52 -26.02 20.01
C LYS F 783 -28.51 -27.15 20.12
N LEU F 784 -28.77 -28.27 19.44
CA LEU F 784 -27.86 -29.40 19.48
C LEU F 784 -26.50 -29.05 18.89
N LYS F 785 -26.48 -28.27 17.81
CA LYS F 785 -25.22 -27.86 17.22
C LYS F 785 -24.41 -27.04 18.20
N SER F 786 -25.05 -26.07 18.85
CA SER F 786 -24.34 -25.30 19.86
C SER F 786 -23.84 -26.21 20.98
N LYS F 787 -24.68 -27.17 21.38
CA LYS F 787 -24.33 -28.07 22.47
C LYS F 787 -23.08 -28.87 22.15
N TRP F 788 -23.01 -29.45 20.96
CA TRP F 788 -21.93 -30.36 20.62
C TRP F 788 -20.75 -29.69 19.93
N TRP F 789 -20.84 -28.41 19.60
CA TRP F 789 -19.72 -27.70 18.98
C TRP F 789 -19.10 -26.64 19.90
N TYR F 790 -19.88 -26.03 20.79
CA TYR F 790 -19.38 -25.00 21.68
C TYR F 790 -19.53 -25.36 23.14
N ASP F 791 -20.71 -25.83 23.56
CA ASP F 791 -20.90 -26.15 24.97
C ASP F 791 -19.93 -27.24 25.42
N LYS F 792 -19.75 -28.27 24.61
CA LYS F 792 -18.71 -29.25 24.83
C LYS F 792 -17.37 -28.81 24.26
N GLY F 793 -17.22 -27.50 24.03
CA GLY F 793 -16.00 -26.97 23.47
C GLY F 793 -14.95 -26.67 24.51
N GLU F 794 -13.80 -27.35 24.40
CA GLU F 794 -12.72 -27.12 25.35
C GLU F 794 -12.20 -25.69 25.26
N CYS F 795 -12.11 -25.15 24.04
CA CYS F 795 -11.53 -23.83 23.86
C CYS F 795 -12.31 -22.77 24.65
N GLY F 796 -13.64 -22.85 24.61
CA GLY F 796 -14.45 -21.94 25.39
C GLY F 796 -14.24 -20.48 25.06
N SER F 797 -13.79 -20.17 23.85
CA SER F 797 -13.60 -18.80 23.41
C SER F 797 -14.73 -18.40 22.48
N LYS F 798 -15.36 -17.27 22.77
CA LYS F 798 -16.50 -16.79 21.97
C LYS F 798 -16.39 -15.32 21.59
N ASP F 799 -15.61 -14.51 22.30
CA ASP F 799 -15.48 -13.10 21.99
C ASP F 799 -14.14 -12.83 21.30
N ASP F 804 -10.42 -5.35 19.57
CA ASP F 804 -9.71 -4.10 19.80
C ASP F 804 -8.58 -3.92 18.79
N LYS F 805 -8.94 -3.55 17.57
CA LYS F 805 -7.97 -3.28 16.52
C LYS F 805 -7.60 -1.78 16.51
N THR F 806 -7.19 -1.30 17.68
CA THR F 806 -6.88 0.11 17.84
C THR F 806 -5.57 0.47 17.12
N SER F 807 -4.56 -0.37 17.25
CA SER F 807 -3.23 -0.19 16.67
C SER F 807 -2.44 0.94 17.31
N ALA F 808 -2.99 1.65 18.28
CA ALA F 808 -2.21 2.61 19.03
C ALA F 808 -1.09 1.91 19.78
N LEU F 809 0.03 2.61 19.94
CA LEU F 809 1.14 2.06 20.70
C LEU F 809 0.67 1.67 22.09
N SER F 810 1.05 0.48 22.52
CA SER F 810 0.71 -0.04 23.83
C SER F 810 1.92 -0.04 24.71
N LEU F 811 1.67 -0.12 26.02
CA LEU F 811 2.76 -0.05 26.99
C LEU F 811 3.75 -1.19 26.82
N SER F 812 3.36 -2.26 26.14
CA SER F 812 4.28 -3.36 25.90
C SER F 812 5.29 -3.00 24.82
N ASN F 813 4.91 -2.14 23.87
CA ASN F 813 5.82 -1.76 22.80
C ASN F 813 7.04 -1.03 23.35
N VAL F 814 6.83 -0.16 24.33
CA VAL F 814 7.86 0.76 24.80
C VAL F 814 8.15 0.51 26.28
N ALA F 815 8.02 -0.74 26.72
CA ALA F 815 8.25 -1.06 28.12
C ALA F 815 9.72 -1.06 28.47
N GLY F 816 10.58 -1.44 27.52
CA GLY F 816 12.00 -1.52 27.81
C GLY F 816 12.57 -0.18 28.25
N VAL F 817 12.10 0.90 27.65
CA VAL F 817 12.61 2.21 28.02
C VAL F 817 12.12 2.61 29.40
N PHE F 818 10.90 2.20 29.78
CA PHE F 818 10.45 2.43 31.16
C PHE F 818 11.32 1.67 32.15
N TYR F 819 11.65 0.41 31.84
CA TYR F 819 12.52 -0.35 32.74
C TYR F 819 13.89 0.31 32.83
N ILE F 820 14.40 0.79 31.70
CA ILE F 820 15.67 1.50 31.70
C ILE F 820 15.59 2.74 32.57
N LEU F 821 14.45 3.43 32.53
CA LEU F 821 14.28 4.63 33.34
C LEU F 821 14.32 4.28 34.82
N ILE F 822 13.62 3.22 35.22
CA ILE F 822 13.65 2.82 36.62
C ILE F 822 15.07 2.45 37.04
N GLY F 823 15.77 1.71 36.18
CA GLY F 823 17.13 1.33 36.50
C GLY F 823 18.04 2.52 36.67
N GLY F 824 17.91 3.50 35.79
CA GLY F 824 18.74 4.69 35.90
C GLY F 824 18.46 5.49 37.16
N LEU F 825 17.18 5.63 37.50
CA LEU F 825 16.85 6.35 38.73
C LEU F 825 17.39 5.63 39.95
N GLY F 826 17.25 4.30 39.99
CA GLY F 826 17.79 3.55 41.11
C GLY F 826 19.30 3.69 41.22
N LEU F 827 19.99 3.59 40.09
CA LEU F 827 21.43 3.78 40.09
C LEU F 827 21.80 5.18 40.57
N ALA F 828 21.00 6.18 40.20
CA ALA F 828 21.28 7.54 40.65
C ALA F 828 21.14 7.65 42.16
N MET F 829 20.09 7.04 42.73
CA MET F 829 19.96 7.06 44.19
C MET F 829 21.14 6.36 44.85
N LEU F 830 21.57 5.24 44.27
CA LEU F 830 22.70 4.51 44.83
C LEU F 830 23.96 5.36 44.83
N VAL F 831 24.23 6.04 43.71
CA VAL F 831 25.39 6.91 43.63
C VAL F 831 25.23 8.07 44.61
N ALA F 832 24.00 8.50 44.85
CA ALA F 832 23.78 9.55 45.85
C ALA F 832 24.22 9.09 47.23
N LEU F 833 23.81 7.87 47.60
CA LEU F 833 24.23 7.32 48.88
C LEU F 833 25.74 7.20 48.95
N ILE F 834 26.37 6.76 47.86
CA ILE F 834 27.83 6.67 47.82
C ILE F 834 28.46 8.02 48.08
N GLU F 835 28.00 9.05 47.35
CA GLU F 835 28.56 10.39 47.54
C GLU F 835 28.34 10.89 48.95
N PHE F 836 27.20 10.54 49.55
CA PHE F 836 26.94 10.95 50.93
C PHE F 836 27.94 10.30 51.88
N CYS F 837 28.13 8.99 51.75
CA CYS F 837 29.17 8.33 52.55
C CYS F 837 30.54 8.92 52.24
N TYR F 838 30.88 9.01 50.96
CA TYR F 838 32.04 9.78 50.55
C TYR F 838 31.89 11.23 51.00
N LYS F 839 32.97 11.99 50.88
CA LYS F 839 33.02 13.37 51.37
C LYS F 839 32.82 13.43 52.88
N SER F 840 33.23 12.37 53.58
CA SER F 840 33.08 12.33 55.03
C SER F 840 33.89 13.44 55.69
N ARG F 841 35.11 13.66 55.22
CA ARG F 841 35.97 14.71 55.77
C ARG F 841 35.98 15.92 54.85
#